data_6QUE
#
_entry.id   6QUE
#
_cell.length_a   1.0
_cell.length_b   1.0
_cell.length_c   1.0
_cell.angle_alpha   90.00
_cell.angle_beta   90.00
_cell.angle_gamma   90.00
#
_symmetry.space_group_name_H-M   'P 1'
#
loop_
_entity.id
_entity.type
_entity.pdbx_description
1 polymer 'Nicotinamide nucleotide transhydrogenase'
2 non-polymer 'NADP NICOTINAMIDE-ADENINE-DINUCLEOTIDE PHOSPHATE'
3 non-polymer NICOTINAMIDE-ADENINE-DINUCLEOTIDE
#
_entity_poly.entity_id   1
_entity_poly.type   'polypeptide(L)'
_entity_poly.pdbx_seq_one_letter_code
;MANLLKTVVTGCSCPFLSNLGSCKVLPGKKNFLRAFHTHRILWCKAPVKPGIPYKQLTVGVPKEIFQNEKRVALSPAGVQ
ALVKQGFNVVVESGAGEASKFSDDHYRAAGAQIQGAKEVLASDLVVKVRAPMLNPTLGIHEADLLKTSGTLISFIYPAQN
PDLLNKLSKRNTTVLAMDQVPRVTIAQGYDALSSMANIAGYKAVVLAANHFGRFFTGQITAAGKVPPAKILIVGGGVAGL
ASAGAAKSMGAIVRGFDTRAAALEQFKSLGAEPLEVDLKESGEGQGGYAKEMSKEFIEAEMKLFAQQCKEVDILISTALI
PGKKAPILFNKEMIESMKEGSVVVDLAAEAGGNFETTKPGELYVHKGITHIGYTDLPSRMATQASTLYSNNITKLLKAIS
PDKDNFYFEVKDDFDFGTMGHVIRGTVVMKDGQVIFPAPTPKNIPQGAPVKQKTVAELEAEKAATITPFRKTMTSASVYT
AGLTGILGLGIAAPNLAFSQMVTTFGLAGIVGYHTVWGVTPALHSPLMSVTNAISGLTAVGGLVLMGGHLYPSTTSQGLA
ALATFISSVNIAGGFLVTQRMLDMFKRPTDPPEYNYLYLLPAGTFVGGYLASLYSGYNIEQIMYLGSGLCCVGALAGLST
QGTARLGNALGMIGVAGGLAATLGGLKPCPELLAQMSGAMALGGTIGLTIAKRIQISDLPQLVAAFHSLVGLAAVLTCIA
EYIIEYPHFATDAAANLTKIVAYLGTYIGGVTFSGSLVAYGKLQGILKSAPLLLPGRHLLNAGLLAASVGGIIPFMMDPS
FTTGITCLGSVSALSAVMGVTLTAAIGGADMPVVITVLNSYSGWALCAEGFLLNNNLLTIVGALIGSSGAILSYIMCVAM
NRSLANVILGGYGTTSTAGGKPMEISGTHTEINLDNAIDMIREANSIIITPGYGLCAAKAQYPIADLVKMLSEQGKKVRF
GIHPVAGRMPGQLNVLLAEAGVPYDIVLEMDEINHDFPDTDLVLVIGANDTVNSAAQEDPNSIIAGMPVLEVWKSKQVIV
MKRSLGVGYAAVDNPIFYKPNTAMLLGDAKKTCDALQAKVRESYQK
;
_entity_poly.pdbx_strand_id   A,B
#
loop_
_chem_comp.id
_chem_comp.type
_chem_comp.name
_chem_comp.formula
NAD non-polymer NICOTINAMIDE-ADENINE-DINUCLEOTIDE 'C21 H27 N7 O14 P2'
NAP non-polymer 'NADP NICOTINAMIDE-ADENINE-DINUCLEOTIDE PHOSPHATE' 'C21 H28 N7 O17 P3'
#
# COMPACT_ATOMS: atom_id res chain seq x y z
N VAL A 48 -3.40 49.93 -30.31
CA VAL A 48 -3.47 50.44 -28.96
C VAL A 48 -4.52 49.63 -28.20
N LYS A 49 -4.13 49.17 -27.02
CA LYS A 49 -4.98 48.37 -26.16
C LYS A 49 -5.74 49.26 -25.18
N PRO A 50 -7.00 48.89 -24.84
CA PRO A 50 -7.80 49.72 -23.94
C PRO A 50 -7.38 49.62 -22.48
N GLY A 51 -6.50 50.50 -22.03
CA GLY A 51 -6.23 50.52 -20.61
C GLY A 51 -5.06 51.35 -20.11
N ILE A 52 -5.08 51.66 -18.82
CA ILE A 52 -4.01 52.43 -18.17
C ILE A 52 -3.04 51.44 -17.53
N PRO A 53 -1.80 51.37 -18.02
CA PRO A 53 -0.85 50.36 -17.54
C PRO A 53 -0.49 50.53 -16.09
N TYR A 54 0.01 49.44 -15.51
CA TYR A 54 0.23 49.35 -14.08
C TYR A 54 1.38 50.23 -13.58
N LYS A 55 2.22 50.71 -14.48
CA LYS A 55 3.43 51.42 -14.08
C LYS A 55 3.10 52.80 -13.53
N GLN A 56 2.20 53.53 -14.19
CA GLN A 56 1.76 54.82 -13.67
C GLN A 56 0.51 54.69 -12.82
N LEU A 57 0.24 53.50 -12.32
CA LEU A 57 -0.94 53.25 -11.50
C LEU A 57 -0.48 52.82 -10.12
N THR A 58 -0.75 53.64 -9.11
CA THR A 58 -0.23 53.43 -7.77
C THR A 58 -1.35 53.04 -6.82
N VAL A 59 -0.97 52.42 -5.71
CA VAL A 59 -1.91 52.01 -4.68
C VAL A 59 -1.48 52.66 -3.37
N GLY A 60 -2.39 52.67 -2.41
CA GLY A 60 -2.11 53.22 -1.10
C GLY A 60 -2.74 52.39 0.00
N VAL A 61 -1.97 52.16 1.05
CA VAL A 61 -2.45 51.39 2.21
C VAL A 61 -2.40 52.29 3.44
N PRO A 62 -3.55 52.73 3.96
CA PRO A 62 -3.53 53.52 5.18
C PRO A 62 -3.55 52.63 6.42
N LYS A 63 -3.15 53.24 7.53
CA LYS A 63 -3.37 52.63 8.84
C LYS A 63 -4.86 52.65 9.17
N GLU A 64 -5.33 51.61 9.83
CA GLU A 64 -6.73 51.57 10.21
C GLU A 64 -6.98 52.49 11.40
N ILE A 65 -8.08 53.23 11.34
CA ILE A 65 -8.36 54.30 12.30
C ILE A 65 -9.49 53.94 13.24
N PHE A 66 -10.28 52.91 12.91
CA PHE A 66 -11.42 52.49 13.72
C PHE A 66 -10.97 52.01 15.10
N GLN A 67 -11.87 52.13 16.07
CA GLN A 67 -11.53 51.87 17.45
C GLN A 67 -11.33 50.38 17.69
N ASN A 68 -10.20 50.04 18.33
CA ASN A 68 -9.77 48.66 18.61
C ASN A 68 -9.67 47.82 17.34
N GLU A 69 -9.15 48.43 16.29
CA GLU A 69 -8.88 47.72 15.04
C GLU A 69 -7.39 47.53 14.93
N LYS A 70 -6.96 46.28 14.75
CA LYS A 70 -5.56 45.96 14.65
C LYS A 70 -5.17 45.37 13.30
N ARG A 71 -6.13 45.20 12.39
CA ARG A 71 -5.86 44.60 11.10
C ARG A 71 -5.22 45.62 10.17
N VAL A 72 -4.60 45.10 9.10
CA VAL A 72 -4.11 45.91 8.00
C VAL A 72 -4.43 45.17 6.71
N ALA A 73 -4.63 45.90 5.63
CA ALA A 73 -5.16 45.29 4.42
C ALA A 73 -4.12 44.49 3.66
N LEU A 74 -2.85 44.88 3.71
CA LEU A 74 -1.83 44.18 2.93
C LEU A 74 -0.64 43.79 3.80
N SER A 75 -0.20 42.55 3.62
CA SER A 75 0.95 42.00 4.30
C SER A 75 2.21 42.32 3.50
N PRO A 76 3.39 42.17 4.11
CA PRO A 76 4.61 42.15 3.29
C PRO A 76 4.63 40.97 2.35
N ALA A 77 3.99 39.86 2.72
CA ALA A 77 3.77 38.79 1.77
C ALA A 77 2.69 39.14 0.75
N GLY A 78 1.91 40.19 0.99
CA GLY A 78 0.95 40.63 0.01
C GLY A 78 1.40 41.74 -0.91
N VAL A 79 2.53 42.38 -0.65
CA VAL A 79 3.02 43.43 -1.52
C VAL A 79 4.17 42.94 -2.39
N GLN A 80 4.35 41.63 -2.51
CA GLN A 80 5.26 41.12 -3.51
C GLN A 80 4.51 40.80 -4.79
N ALA A 81 3.36 40.14 -4.66
CA ALA A 81 2.33 40.35 -5.65
C ALA A 81 1.84 41.79 -5.54
N LEU A 82 1.34 42.32 -6.65
CA LEU A 82 1.05 43.73 -7.00
C LEU A 82 2.31 44.52 -7.31
N VAL A 83 3.49 43.99 -7.02
CA VAL A 83 4.74 44.52 -7.52
C VAL A 83 5.29 43.65 -8.63
N LYS A 84 5.20 42.33 -8.46
CA LYS A 84 5.36 41.43 -9.59
C LYS A 84 4.27 41.64 -10.63
N GLN A 85 3.10 42.10 -10.20
CA GLN A 85 2.04 42.39 -11.17
C GLN A 85 2.28 43.72 -11.86
N GLY A 86 2.73 44.73 -11.12
CA GLY A 86 3.13 45.96 -11.79
C GLY A 86 2.81 47.28 -11.14
N PHE A 87 2.04 47.28 -10.06
CA PHE A 87 1.70 48.53 -9.40
C PHE A 87 2.90 49.09 -8.63
N ASN A 88 2.75 50.30 -8.14
CA ASN A 88 3.62 50.82 -7.11
C ASN A 88 2.87 50.86 -5.80
N VAL A 89 3.56 50.56 -4.71
CA VAL A 89 2.93 50.39 -3.40
C VAL A 89 3.43 51.45 -2.44
N VAL A 90 2.50 52.22 -1.88
CA VAL A 90 2.79 53.21 -0.85
C VAL A 90 2.01 52.87 0.40
N VAL A 91 2.70 52.77 1.53
CA VAL A 91 2.11 52.35 2.79
C VAL A 91 2.27 53.48 3.80
N GLU A 92 1.23 53.75 4.58
CA GLU A 92 1.32 54.68 5.69
C GLU A 92 2.33 54.15 6.73
N SER A 93 2.98 55.09 7.43
CA SER A 93 4.19 54.77 8.20
C SER A 93 3.90 53.92 9.43
N GLY A 94 2.65 53.84 9.87
CA GLY A 94 2.38 53.02 11.04
C GLY A 94 1.31 51.97 10.83
N ALA A 95 1.16 51.49 9.60
CA ALA A 95 0.01 50.65 9.27
C ALA A 95 0.22 49.20 9.72
N GLY A 96 1.45 48.71 9.71
CA GLY A 96 1.70 47.32 10.06
C GLY A 96 2.11 47.05 11.48
N GLU A 97 2.15 48.07 12.34
CA GLU A 97 2.70 47.87 13.68
C GLU A 97 1.73 47.14 14.60
N ALA A 98 0.44 47.15 14.27
CA ALA A 98 -0.54 46.48 15.11
C ALA A 98 -0.54 44.97 14.86
N SER A 99 -0.39 44.56 13.61
CA SER A 99 -0.44 43.15 13.25
C SER A 99 0.94 42.55 13.06
N LYS A 100 1.93 43.11 13.74
CA LYS A 100 3.30 42.57 13.83
C LYS A 100 3.97 42.52 12.46
N PHE A 101 3.76 43.57 11.68
CA PHE A 101 4.41 43.73 10.38
C PHE A 101 5.32 44.93 10.47
N SER A 102 6.62 44.68 10.60
CA SER A 102 7.58 45.77 10.69
C SER A 102 7.67 46.49 9.35
N ASP A 103 8.00 47.79 9.42
CA ASP A 103 8.08 48.60 8.21
C ASP A 103 9.31 48.22 7.38
N ASP A 104 10.30 47.59 8.01
CA ASP A 104 11.45 47.08 7.28
C ASP A 104 11.02 46.00 6.30
N HIS A 105 10.06 45.16 6.68
CA HIS A 105 9.53 44.16 5.78
C HIS A 105 8.80 44.79 4.61
N TYR A 106 8.14 45.93 4.84
CA TYR A 106 7.52 46.66 3.74
C TYR A 106 8.57 47.24 2.79
N ARG A 107 9.49 48.05 3.32
CA ARG A 107 10.45 48.73 2.46
C ARG A 107 11.48 47.80 1.85
N ALA A 108 11.67 46.61 2.41
CA ALA A 108 12.45 45.58 1.74
C ALA A 108 11.60 44.68 0.88
N ALA A 109 10.28 44.73 1.06
CA ALA A 109 9.38 43.95 0.22
C ALA A 109 9.04 44.65 -1.08
N GLY A 110 9.17 45.97 -1.13
CA GLY A 110 8.87 46.68 -2.34
C GLY A 110 7.97 47.89 -2.12
N ALA A 111 7.81 48.28 -0.86
CA ALA A 111 6.89 49.36 -0.53
C ALA A 111 7.64 50.68 -0.52
N GLN A 112 6.90 51.76 -0.25
CA GLN A 112 7.48 53.10 -0.30
C GLN A 112 6.80 53.90 0.81
N ILE A 113 7.52 54.11 1.91
CA ILE A 113 6.91 54.58 3.15
C ILE A 113 6.64 56.07 3.06
N GLN A 114 5.37 56.46 3.26
CA GLN A 114 4.99 57.86 3.30
C GLN A 114 4.06 58.15 4.47
N GLY A 115 3.50 59.35 4.49
CA GLY A 115 2.58 59.75 5.55
C GLY A 115 1.16 59.31 5.30
N ALA A 116 0.20 60.15 5.67
CA ALA A 116 -1.21 59.77 5.65
C ALA A 116 -2.05 60.55 4.66
N LYS A 117 -1.79 61.85 4.49
CA LYS A 117 -2.60 62.64 3.58
C LYS A 117 -2.31 62.30 2.13
N GLU A 118 -1.10 61.81 1.85
CA GLU A 118 -0.72 61.45 0.51
C GLU A 118 -0.86 59.96 0.22
N VAL A 119 -1.08 59.14 1.24
CA VAL A 119 -1.36 57.75 0.94
C VAL A 119 -2.85 57.57 0.59
N LEU A 120 -3.69 58.50 1.05
CA LEU A 120 -5.12 58.43 0.76
C LEU A 120 -5.48 59.08 -0.56
N ALA A 121 -4.66 60.01 -1.05
CA ALA A 121 -4.89 60.62 -2.36
C ALA A 121 -4.11 59.87 -3.44
N SER A 122 -4.28 58.55 -3.45
CA SER A 122 -3.59 57.67 -4.36
C SER A 122 -4.59 57.16 -5.39
N ASP A 123 -4.06 56.53 -6.44
CA ASP A 123 -4.91 56.06 -7.52
C ASP A 123 -5.75 54.87 -7.10
N LEU A 124 -5.35 54.16 -6.06
CA LEU A 124 -6.12 53.06 -5.51
C LEU A 124 -5.92 53.06 -4.01
N VAL A 125 -7.01 53.02 -3.25
CA VAL A 125 -6.96 52.97 -1.80
C VAL A 125 -7.47 51.62 -1.35
N VAL A 126 -6.66 50.90 -0.59
CA VAL A 126 -6.98 49.55 -0.14
C VAL A 126 -6.94 49.55 1.38
N LYS A 127 -8.08 49.33 2.01
CA LYS A 127 -8.17 49.29 3.46
C LYS A 127 -9.18 48.23 3.87
N VAL A 128 -9.35 48.06 5.17
CA VAL A 128 -10.19 46.99 5.68
C VAL A 128 -11.63 47.46 5.79
N ARG A 129 -11.84 48.50 6.59
CA ARG A 129 -13.16 48.98 6.94
C ARG A 129 -13.53 50.17 6.08
N ALA A 130 -14.74 50.69 6.28
CA ALA A 130 -15.17 51.87 5.55
C ALA A 130 -14.41 53.10 6.06
N PRO A 131 -14.08 54.05 5.18
CA PRO A 131 -13.37 55.26 5.61
C PRO A 131 -14.27 56.17 6.44
N MET A 132 -13.87 56.39 7.68
CA MET A 132 -14.67 57.06 8.68
C MET A 132 -14.16 58.48 8.90
N LEU A 133 -14.76 59.16 9.86
CA LEU A 133 -14.31 60.49 10.24
C LEU A 133 -13.02 60.38 11.03
N ASN A 134 -11.97 61.02 10.55
CA ASN A 134 -10.66 60.91 11.19
C ASN A 134 -10.68 61.77 12.46
N PRO A 135 -10.34 61.22 13.62
CA PRO A 135 -10.37 62.04 14.85
C PRO A 135 -9.13 62.89 15.05
N THR A 136 -7.98 62.45 14.53
CA THR A 136 -6.74 63.17 14.79
C THR A 136 -6.68 64.49 14.03
N LEU A 137 -7.49 64.63 12.98
CA LEU A 137 -7.81 65.93 12.40
C LEU A 137 -9.20 65.79 11.83
N GLY A 138 -10.13 66.60 12.32
CA GLY A 138 -11.53 66.38 12.00
C GLY A 138 -11.86 66.67 10.55
N ILE A 139 -11.95 65.60 9.78
CA ILE A 139 -12.20 65.63 8.34
C ILE A 139 -12.55 64.21 7.95
N HIS A 140 -13.46 64.05 6.99
CA HIS A 140 -13.84 62.73 6.57
C HIS A 140 -12.79 62.18 5.62
N GLU A 141 -12.55 60.87 5.70
CA GLU A 141 -11.50 60.28 4.88
C GLU A 141 -11.91 60.14 3.42
N ALA A 142 -13.18 60.35 3.10
CA ALA A 142 -13.55 60.53 1.70
C ALA A 142 -13.03 61.83 1.13
N ASP A 143 -12.82 62.85 1.96
CA ASP A 143 -12.26 64.11 1.48
C ASP A 143 -10.80 63.96 1.09
N LEU A 144 -10.07 63.08 1.77
CA LEU A 144 -8.66 62.89 1.46
C LEU A 144 -8.42 61.93 0.31
N LEU A 145 -9.48 61.44 -0.33
CA LEU A 145 -9.31 60.58 -1.48
C LEU A 145 -8.82 61.38 -2.68
N LYS A 146 -8.21 60.67 -3.62
CA LYS A 146 -7.88 61.24 -4.91
C LYS A 146 -9.16 61.39 -5.73
N THR A 147 -9.23 62.45 -6.52
CA THR A 147 -10.43 62.75 -7.29
C THR A 147 -10.65 61.72 -8.38
N SER A 148 -11.83 61.10 -8.35
CA SER A 148 -12.19 59.95 -9.19
C SER A 148 -11.17 58.82 -9.04
N GLY A 149 -10.92 58.44 -7.81
CA GLY A 149 -10.08 57.31 -7.48
C GLY A 149 -10.88 56.03 -7.31
N THR A 150 -10.26 55.04 -6.67
CA THR A 150 -10.89 53.74 -6.52
C THR A 150 -10.54 53.19 -5.14
N LEU A 151 -11.55 52.60 -4.48
CA LEU A 151 -11.45 52.17 -3.10
C LEU A 151 -11.70 50.67 -3.00
N ILE A 152 -10.96 50.02 -2.11
CA ILE A 152 -11.10 48.59 -1.86
C ILE A 152 -11.27 48.41 -0.36
N SER A 153 -12.49 48.06 0.08
CA SER A 153 -12.73 47.65 1.46
C SER A 153 -14.08 46.98 1.55
N PHE A 154 -14.45 46.62 2.78
CA PHE A 154 -15.84 46.37 3.08
C PHE A 154 -16.59 47.69 3.00
N ILE A 155 -17.85 47.64 2.58
CA ILE A 155 -18.69 48.84 2.48
C ILE A 155 -19.96 48.68 3.31
N TYR A 156 -20.69 47.58 3.12
CA TYR A 156 -22.07 47.37 3.53
C TYR A 156 -22.92 48.53 3.02
N PRO A 157 -23.23 48.55 1.72
CA PRO A 157 -23.87 49.73 1.13
C PRO A 157 -25.30 49.91 1.56
N ALA A 158 -26.05 48.81 1.75
CA ALA A 158 -27.45 48.91 2.13
C ALA A 158 -27.60 49.45 3.55
N GLN A 159 -26.64 49.20 4.42
CA GLN A 159 -26.67 49.75 5.76
C GLN A 159 -26.10 51.15 5.82
N ASN A 160 -25.38 51.57 4.78
CA ASN A 160 -24.70 52.86 4.79
C ASN A 160 -24.92 53.57 3.46
N PRO A 161 -26.09 54.20 3.26
CA PRO A 161 -26.22 55.08 2.10
C PRO A 161 -25.66 56.47 2.33
N ASP A 162 -25.56 56.88 3.59
CA ASP A 162 -25.03 58.20 3.92
C ASP A 162 -23.56 58.32 3.55
N LEU A 163 -22.80 57.25 3.73
CA LEU A 163 -21.41 57.27 3.29
C LEU A 163 -21.33 57.20 1.78
N LEU A 164 -22.33 56.58 1.14
CA LEU A 164 -22.36 56.53 -0.31
C LEU A 164 -22.66 57.90 -0.90
N ASN A 165 -23.33 58.77 -0.13
CA ASN A 165 -23.46 60.16 -0.56
C ASN A 165 -22.10 60.84 -0.68
N LYS A 166 -21.25 60.67 0.34
CA LYS A 166 -19.91 61.25 0.29
C LYS A 166 -19.05 60.61 -0.79
N LEU A 167 -19.32 59.34 -1.09
CA LEU A 167 -18.59 58.72 -2.19
C LEU A 167 -19.08 59.21 -3.55
N SER A 168 -20.37 59.48 -3.68
CA SER A 168 -20.90 59.98 -4.95
C SER A 168 -20.46 61.41 -5.20
N LYS A 169 -20.22 62.17 -4.13
CA LYS A 169 -19.69 63.53 -4.33
C LYS A 169 -18.27 63.53 -4.89
N ARG A 170 -17.48 62.49 -4.64
CA ARG A 170 -16.11 62.43 -5.13
C ARG A 170 -15.94 61.57 -6.37
N ASN A 171 -17.05 61.07 -6.94
CA ASN A 171 -17.10 60.50 -8.29
C ASN A 171 -16.21 59.26 -8.42
N THR A 172 -16.19 58.44 -7.39
CA THR A 172 -15.24 57.35 -7.29
C THR A 172 -15.86 56.05 -7.78
N THR A 173 -15.00 55.04 -7.89
CA THR A 173 -15.41 53.69 -8.21
C THR A 173 -15.13 52.79 -7.02
N VAL A 174 -16.12 52.02 -6.60
CA VAL A 174 -16.05 51.29 -5.33
C VAL A 174 -16.17 49.81 -5.61
N LEU A 175 -15.31 49.01 -4.96
CA LEU A 175 -15.35 47.56 -5.03
C LEU A 175 -15.62 47.04 -3.62
N ALA A 176 -16.83 46.56 -3.39
CA ALA A 176 -17.20 46.06 -2.07
C ALA A 176 -16.71 44.63 -1.90
N MET A 177 -15.97 44.38 -0.82
CA MET A 177 -15.51 43.04 -0.55
C MET A 177 -16.62 42.11 -0.09
N ASP A 178 -17.63 42.65 0.58
CA ASP A 178 -18.67 41.82 1.17
C ASP A 178 -19.73 41.41 0.19
N GLN A 179 -19.93 42.18 -0.88
CA GLN A 179 -21.00 41.93 -1.82
C GLN A 179 -20.59 40.98 -2.94
N VAL A 180 -19.52 40.21 -2.74
CA VAL A 180 -19.09 39.24 -3.74
C VAL A 180 -20.02 38.03 -3.68
N PRO A 181 -20.70 37.68 -4.76
CA PRO A 181 -21.55 36.49 -4.73
C PRO A 181 -20.72 35.22 -4.72
N ARG A 182 -21.22 34.23 -3.97
CA ARG A 182 -20.46 33.03 -3.68
C ARG A 182 -20.70 31.99 -4.76
N VAL A 183 -19.89 32.07 -5.82
CA VAL A 183 -19.99 31.15 -6.94
C VAL A 183 -18.76 30.25 -6.94
N THR A 184 -18.71 29.32 -7.89
CA THR A 184 -17.68 28.30 -7.87
C THR A 184 -16.32 28.85 -8.26
N ILE A 185 -16.28 29.93 -9.04
CA ILE A 185 -15.00 30.51 -9.45
C ILE A 185 -14.59 31.61 -8.49
N ALA A 186 -15.17 31.65 -7.30
CA ALA A 186 -14.90 32.72 -6.35
C ALA A 186 -14.57 32.16 -4.98
N GLN A 187 -13.65 31.19 -4.91
CA GLN A 187 -13.24 30.72 -3.59
C GLN A 187 -12.05 31.48 -3.05
N GLY A 188 -11.14 31.94 -3.91
CA GLY A 188 -9.94 32.60 -3.42
C GLY A 188 -10.20 33.98 -2.85
N TYR A 189 -11.30 34.61 -3.28
CA TYR A 189 -11.64 35.98 -2.88
C TYR A 189 -13.03 35.93 -2.26
N ASP A 190 -13.06 35.57 -0.98
CA ASP A 190 -14.31 35.51 -0.23
C ASP A 190 -13.93 35.93 1.18
N ALA A 191 -14.05 37.23 1.46
CA ALA A 191 -13.49 37.77 2.69
C ALA A 191 -14.30 37.37 3.91
N LEU A 192 -15.63 37.32 3.77
CA LEU A 192 -16.48 36.97 4.90
C LEU A 192 -16.29 35.54 5.34
N SER A 193 -16.02 34.64 4.39
CA SER A 193 -15.71 33.25 4.73
C SER A 193 -14.39 33.16 5.51
N SER A 194 -13.40 33.97 5.13
CA SER A 194 -12.12 33.93 5.82
C SER A 194 -12.24 34.48 7.24
N MET A 195 -12.95 35.60 7.39
CA MET A 195 -13.17 36.17 8.71
C MET A 195 -14.00 35.24 9.58
N ALA A 196 -14.97 34.55 8.99
CA ALA A 196 -15.76 33.59 9.75
C ALA A 196 -14.92 32.40 10.17
N ASN A 197 -13.98 31.98 9.31
CA ASN A 197 -13.10 30.87 9.64
C ASN A 197 -12.20 31.21 10.83
N ILE A 198 -11.62 32.41 10.81
CA ILE A 198 -10.76 32.81 11.92
C ILE A 198 -11.57 33.02 13.18
N ALA A 199 -12.79 33.56 13.06
CA ALA A 199 -13.62 33.77 14.24
C ALA A 199 -14.06 32.45 14.85
N GLY A 200 -14.38 31.47 14.01
CA GLY A 200 -14.78 30.17 14.51
C GLY A 200 -13.65 29.43 15.18
N TYR A 201 -12.43 29.60 14.70
CA TYR A 201 -11.30 29.01 15.42
C TYR A 201 -11.01 29.74 16.71
N LYS A 202 -11.05 31.08 16.67
CA LYS A 202 -10.66 31.88 17.82
C LYS A 202 -11.65 31.73 18.95
N ALA A 203 -12.92 31.45 18.64
CA ALA A 203 -13.90 31.21 19.68
C ALA A 203 -13.61 29.94 20.46
N VAL A 204 -13.12 28.90 19.77
CA VAL A 204 -12.76 27.68 20.47
C VAL A 204 -11.53 27.90 21.33
N VAL A 205 -10.50 28.53 20.77
CA VAL A 205 -9.26 28.70 21.55
C VAL A 205 -9.39 29.77 22.62
N LEU A 206 -10.45 30.58 22.56
CA LEU A 206 -10.73 31.57 23.58
C LEU A 206 -11.73 31.09 24.61
N ALA A 207 -12.52 30.06 24.28
CA ALA A 207 -13.42 29.45 25.25
C ALA A 207 -12.62 28.74 26.32
N ALA A 208 -11.74 27.82 25.93
CA ALA A 208 -10.70 27.40 26.84
C ALA A 208 -9.76 28.58 27.10
N ASN A 209 -9.05 28.50 28.24
CA ASN A 209 -8.43 29.52 29.08
C ASN A 209 -9.49 30.22 29.95
N HIS A 210 -10.77 29.98 29.71
CA HIS A 210 -11.82 30.40 30.63
C HIS A 210 -12.63 29.24 31.16
N PHE A 211 -12.65 28.13 30.45
CA PHE A 211 -13.22 26.91 30.96
C PHE A 211 -12.28 26.29 32.00
N GLY A 212 -12.86 25.60 32.97
CA GLY A 212 -12.09 25.21 34.14
C GLY A 212 -11.20 24.01 33.93
N ARG A 213 -11.66 23.03 33.15
CA ARG A 213 -10.95 21.75 33.10
C ARG A 213 -10.62 21.34 31.68
N PHE A 214 -10.21 20.09 31.49
CA PHE A 214 -9.70 19.62 30.22
C PHE A 214 -10.78 19.56 29.15
N PHE A 215 -10.36 19.69 27.90
CA PHE A 215 -11.20 19.25 26.79
C PHE A 215 -10.95 17.81 26.41
N THR A 216 -9.68 17.38 26.44
CA THR A 216 -9.32 16.09 25.89
C THR A 216 -9.78 14.94 26.78
N GLY A 217 -9.27 14.91 28.00
CA GLY A 217 -9.64 13.83 28.90
C GLY A 217 -8.84 12.58 28.64
N GLN A 218 -8.30 11.99 29.71
CA GLN A 218 -7.50 10.79 29.57
C GLN A 218 -7.64 9.95 30.82
N ILE A 219 -7.11 8.74 30.74
CA ILE A 219 -7.05 7.84 31.90
C ILE A 219 -5.70 8.14 32.54
N THR A 220 -5.71 9.06 33.48
CA THR A 220 -4.54 9.31 34.29
C THR A 220 -4.51 8.30 35.43
N ALA A 221 -3.30 7.92 35.85
CA ALA A 221 -3.14 7.04 37.00
C ALA A 221 -3.69 7.65 38.29
N ALA A 222 -3.74 8.99 38.38
CA ALA A 222 -4.42 9.62 39.50
C ALA A 222 -5.94 9.44 39.40
N GLY A 223 -6.46 9.32 38.20
CA GLY A 223 -7.88 9.12 37.99
C GLY A 223 -8.30 9.63 36.63
N LYS A 224 -9.42 9.09 36.15
CA LYS A 224 -9.91 9.45 34.83
C LYS A 224 -10.62 10.78 34.86
N VAL A 225 -10.59 11.49 33.73
CA VAL A 225 -11.45 12.65 33.55
C VAL A 225 -12.24 12.46 32.26
N PRO A 226 -13.52 12.83 32.24
CA PRO A 226 -14.28 12.71 31.02
C PRO A 226 -13.99 13.87 30.10
N PRO A 227 -14.19 13.70 28.80
CA PRO A 227 -14.08 14.85 27.89
C PRO A 227 -15.21 15.84 28.13
N ALA A 228 -15.00 17.05 27.64
CA ALA A 228 -15.98 18.11 27.81
C ALA A 228 -16.93 18.12 26.63
N LYS A 229 -18.17 18.52 26.89
CA LYS A 229 -19.22 18.49 25.89
C LYS A 229 -19.36 19.87 25.26
N ILE A 230 -19.37 19.93 23.94
CA ILE A 230 -19.45 21.19 23.22
C ILE A 230 -20.64 21.15 22.28
N LEU A 231 -21.52 22.14 22.38
CA LEU A 231 -22.66 22.30 21.49
C LEU A 231 -22.40 23.41 20.49
N ILE A 232 -22.79 23.19 19.25
CA ILE A 232 -22.71 24.21 18.21
C ILE A 232 -24.13 24.44 17.71
N VAL A 233 -24.48 25.69 17.44
CA VAL A 233 -25.76 26.03 16.85
C VAL A 233 -25.49 26.68 15.50
N GLY A 234 -25.79 25.97 14.43
CA GLY A 234 -25.69 26.58 13.12
C GLY A 234 -24.37 26.32 12.44
N GLY A 235 -24.37 25.47 11.42
CA GLY A 235 -23.14 25.23 10.70
C GLY A 235 -23.02 26.09 9.47
N GLY A 236 -22.30 27.19 9.59
CA GLY A 236 -22.02 28.02 8.44
C GLY A 236 -20.63 27.67 7.97
N VAL A 237 -19.73 28.64 8.03
CA VAL A 237 -18.31 28.37 7.92
C VAL A 237 -17.62 28.43 9.29
N ALA A 238 -18.06 29.38 10.12
CA ALA A 238 -17.51 29.53 11.46
C ALA A 238 -17.82 28.33 12.33
N GLY A 239 -19.05 27.82 12.24
CA GLY A 239 -19.42 26.66 13.04
C GLY A 239 -18.64 25.43 12.66
N LEU A 240 -18.35 25.27 11.37
CA LEU A 240 -17.58 24.12 10.92
C LEU A 240 -16.13 24.23 11.37
N ALA A 241 -15.57 25.44 11.37
CA ALA A 241 -14.21 25.62 11.86
C ALA A 241 -14.13 25.36 13.35
N SER A 242 -15.16 25.79 14.10
CA SER A 242 -15.20 25.48 15.52
C SER A 242 -15.35 23.99 15.76
N ALA A 243 -16.13 23.32 14.91
CA ALA A 243 -16.25 21.87 15.00
C ALA A 243 -14.93 21.17 14.73
N GLY A 244 -14.15 21.66 13.78
CA GLY A 244 -12.83 21.12 13.52
C GLY A 244 -11.88 21.32 14.68
N ALA A 245 -11.88 22.54 15.23
CA ALA A 245 -11.00 22.85 16.35
C ALA A 245 -11.38 22.08 17.60
N ALA A 246 -12.66 21.81 17.80
CA ALA A 246 -13.07 21.04 18.96
C ALA A 246 -12.85 19.55 18.77
N LYS A 247 -13.03 19.05 17.55
CA LYS A 247 -12.86 17.63 17.32
C LYS A 247 -11.38 17.25 17.34
N SER A 248 -10.51 18.15 16.88
CA SER A 248 -9.08 17.83 16.89
C SER A 248 -8.50 17.89 18.30
N MET A 249 -9.13 18.61 19.22
CA MET A 249 -8.64 18.66 20.59
C MET A 249 -9.15 17.52 21.45
N GLY A 250 -10.02 16.66 20.92
CA GLY A 250 -10.52 15.55 21.68
C GLY A 250 -11.77 15.83 22.47
N ALA A 251 -12.76 16.48 21.88
CA ALA A 251 -13.97 16.83 22.60
C ALA A 251 -15.15 16.00 22.07
N ILE A 252 -16.34 16.34 22.55
CA ILE A 252 -17.59 15.74 22.09
C ILE A 252 -18.42 16.84 21.47
N VAL A 253 -18.65 16.76 20.17
CA VAL A 253 -19.31 17.81 19.42
C VAL A 253 -20.67 17.31 18.98
N ARG A 254 -21.70 18.11 19.21
CA ARG A 254 -23.08 17.72 18.89
C ARG A 254 -23.81 18.87 18.21
N GLY A 255 -23.21 19.42 17.17
CA GLY A 255 -23.77 20.58 16.49
C GLY A 255 -25.08 20.30 15.78
N PHE A 256 -25.76 21.38 15.41
CA PHE A 256 -27.12 21.32 14.91
C PHE A 256 -27.38 22.48 13.96
N ASP A 257 -28.14 22.21 12.90
CA ASP A 257 -28.47 23.24 11.92
C ASP A 257 -29.74 22.83 11.21
N THR A 258 -30.44 23.83 10.66
CA THR A 258 -31.68 23.60 9.95
C THR A 258 -31.46 22.97 8.58
N ARG A 259 -30.40 23.35 7.89
CA ARG A 259 -30.23 22.92 6.51
C ARG A 259 -29.69 21.51 6.43
N ALA A 260 -30.02 20.81 5.34
CA ALA A 260 -29.77 19.38 5.25
C ALA A 260 -28.30 19.04 5.07
N ALA A 261 -27.59 19.76 4.21
CA ALA A 261 -26.22 19.39 3.92
C ALA A 261 -25.27 19.76 5.05
N ALA A 262 -25.63 20.77 5.85
CA ALA A 262 -24.77 21.20 6.94
C ALA A 262 -24.67 20.15 8.02
N LEU A 263 -25.76 19.41 8.26
CA LEU A 263 -25.71 18.30 9.20
C LEU A 263 -24.86 17.16 8.66
N GLU A 264 -24.88 16.96 7.35
CA GLU A 264 -24.01 15.96 6.73
C GLU A 264 -22.56 16.35 6.86
N GLN A 265 -22.27 17.64 6.72
CA GLN A 265 -20.89 18.10 6.87
C GLN A 265 -20.46 18.04 8.33
N PHE A 266 -21.40 18.20 9.26
CA PHE A 266 -21.13 17.91 10.66
C PHE A 266 -20.72 16.47 10.88
N LYS A 267 -21.50 15.53 10.36
CA LYS A 267 -21.17 14.13 10.60
C LYS A 267 -20.00 13.65 9.76
N SER A 268 -19.63 14.37 8.71
CA SER A 268 -18.34 14.14 8.08
C SER A 268 -17.21 14.70 8.94
N LEU A 269 -17.46 15.79 9.64
CA LEU A 269 -16.48 16.28 10.60
C LEU A 269 -16.46 15.48 11.88
N GLY A 270 -17.43 14.61 12.10
CA GLY A 270 -17.43 13.73 13.25
C GLY A 270 -18.27 14.18 14.41
N ALA A 271 -19.25 15.03 14.19
CA ALA A 271 -20.09 15.51 15.27
C ALA A 271 -21.22 14.53 15.53
N GLU A 272 -22.13 14.91 16.40
CA GLU A 272 -23.38 14.19 16.59
C GLU A 272 -24.48 15.08 16.03
N PRO A 273 -24.85 14.93 14.76
CA PRO A 273 -25.87 15.82 14.17
C PRO A 273 -27.24 15.49 14.73
N LEU A 274 -27.83 16.46 15.42
CA LEU A 274 -29.08 16.22 16.10
C LEU A 274 -30.25 16.27 15.13
N GLU A 275 -31.45 16.11 15.68
CA GLU A 275 -32.67 16.29 14.91
C GLU A 275 -33.81 16.67 15.83
N VAL A 276 -34.89 17.16 15.23
CA VAL A 276 -36.11 17.48 15.94
C VAL A 276 -37.24 16.61 15.40
N ASP A 277 -38.31 16.54 16.16
CA ASP A 277 -39.51 15.81 15.75
C ASP A 277 -40.55 16.76 15.17
N LEU A 278 -40.10 17.53 14.17
CA LEU A 278 -40.98 18.37 13.38
C LEU A 278 -40.27 18.66 12.07
N LYS A 279 -40.99 18.56 10.96
CA LYS A 279 -40.34 18.52 9.65
C LYS A 279 -40.79 19.73 8.83
N GLU A 280 -39.98 20.79 8.90
CA GLU A 280 -40.15 21.95 8.03
C GLU A 280 -38.82 22.22 7.32
N SER A 281 -38.88 22.41 6.00
CA SER A 281 -37.69 22.61 5.20
C SER A 281 -37.03 23.95 5.52
N GLY A 282 -35.76 23.89 5.93
CA GLY A 282 -35.11 25.10 6.44
C GLY A 282 -34.68 26.06 5.36
N GLU A 283 -34.38 25.54 4.16
CA GLU A 283 -33.81 26.37 3.10
C GLU A 283 -34.86 27.32 2.53
N GLY A 284 -34.42 28.54 2.22
CA GLY A 284 -35.28 29.54 1.61
C GLY A 284 -35.03 29.72 0.13
N GLN A 285 -34.29 30.77 -0.23
CA GLN A 285 -33.99 31.03 -1.63
C GLN A 285 -32.79 30.24 -2.14
N GLY A 286 -31.79 29.99 -1.30
CA GLY A 286 -30.61 29.29 -1.78
C GLY A 286 -29.87 28.59 -0.66
N GLY A 287 -28.55 28.69 -0.69
CA GLY A 287 -27.74 28.10 0.37
C GLY A 287 -27.89 28.83 1.69
N TYR A 288 -28.35 30.07 1.64
CA TYR A 288 -28.72 30.79 2.84
C TYR A 288 -30.03 30.25 3.39
N ALA A 289 -30.20 30.38 4.70
CA ALA A 289 -31.40 29.87 5.35
C ALA A 289 -32.49 30.93 5.32
N LYS A 290 -33.54 30.73 6.10
CA LYS A 290 -34.66 31.66 6.17
C LYS A 290 -35.21 31.66 7.58
N GLU A 291 -36.31 32.36 7.78
CA GLU A 291 -37.03 32.30 9.04
C GLU A 291 -37.86 31.02 9.11
N MET A 292 -38.03 30.51 10.32
CA MET A 292 -38.82 29.31 10.56
C MET A 292 -40.21 29.68 11.04
N SER A 293 -41.06 28.66 11.17
CA SER A 293 -42.34 28.88 11.82
C SER A 293 -42.13 29.04 13.31
N LYS A 294 -43.10 29.68 13.96
CA LYS A 294 -43.01 29.94 15.39
C LYS A 294 -43.02 28.64 16.19
N GLU A 295 -43.77 27.66 15.72
CA GLU A 295 -43.86 26.39 16.42
C GLU A 295 -42.58 25.59 16.26
N PHE A 296 -41.92 25.72 15.10
CA PHE A 296 -40.61 25.10 14.94
C PHE A 296 -39.60 25.73 15.87
N ILE A 297 -39.68 27.05 16.05
CA ILE A 297 -38.81 27.74 17.00
C ILE A 297 -39.10 27.26 18.42
N GLU A 298 -40.36 26.99 18.72
CA GLU A 298 -40.73 26.46 20.03
C GLU A 298 -40.16 25.07 20.27
N ALA A 299 -40.24 24.18 19.28
CA ALA A 299 -39.69 22.84 19.45
C ALA A 299 -38.17 22.86 19.49
N GLU A 300 -37.55 23.78 18.74
CA GLU A 300 -36.10 23.89 18.76
C GLU A 300 -35.61 24.42 20.10
N MET A 301 -36.31 25.40 20.67
CA MET A 301 -35.93 25.88 21.99
C MET A 301 -36.23 24.86 23.06
N LYS A 302 -37.23 24.00 22.85
CA LYS A 302 -37.42 22.89 23.77
C LYS A 302 -36.28 21.88 23.69
N LEU A 303 -35.78 21.60 22.49
CA LEU A 303 -34.65 20.70 22.33
C LEU A 303 -33.39 21.28 22.96
N PHE A 304 -33.15 22.56 22.74
CA PHE A 304 -31.99 23.21 23.33
C PHE A 304 -32.12 23.38 24.83
N ALA A 305 -33.33 23.56 25.35
CA ALA A 305 -33.52 23.56 26.80
C ALA A 305 -33.35 22.18 27.38
N GLN A 306 -33.60 21.14 26.59
CA GLN A 306 -33.37 19.79 27.08
C GLN A 306 -31.88 19.46 27.13
N GLN A 307 -31.11 19.89 26.14
CA GLN A 307 -29.68 19.58 26.16
C GLN A 307 -28.84 20.62 26.88
N CYS A 308 -29.39 21.78 27.21
CA CYS A 308 -28.62 22.87 27.81
C CYS A 308 -28.16 22.54 29.21
N LYS A 309 -28.81 21.60 29.88
CA LYS A 309 -28.41 21.16 31.20
C LYS A 309 -27.28 20.16 31.18
N GLU A 310 -26.68 19.89 30.01
CA GLU A 310 -25.68 18.84 29.89
C GLU A 310 -24.33 19.28 29.37
N VAL A 311 -24.27 20.16 28.37
CA VAL A 311 -23.01 20.53 27.74
C VAL A 311 -22.26 21.52 28.60
N ASP A 312 -21.00 21.81 28.23
CA ASP A 312 -20.20 22.79 28.94
C ASP A 312 -19.81 23.99 28.09
N ILE A 313 -19.57 23.81 26.80
CA ILE A 313 -19.26 24.90 25.90
C ILE A 313 -20.38 24.97 24.88
N LEU A 314 -20.85 26.17 24.60
CA LEU A 314 -21.83 26.27 23.52
C LEU A 314 -21.57 27.52 22.72
N ILE A 315 -21.53 27.34 21.40
CA ILE A 315 -21.20 28.38 20.45
C ILE A 315 -22.37 28.49 19.50
N SER A 316 -22.98 29.67 19.41
CA SER A 316 -24.13 29.86 18.54
C SER A 316 -23.73 30.79 17.41
N THR A 317 -23.83 30.28 16.17
CA THR A 317 -23.50 31.04 14.98
C THR A 317 -24.73 31.30 14.12
N ALA A 318 -25.92 31.29 14.72
CA ALA A 318 -27.14 31.44 13.94
C ALA A 318 -27.28 32.88 13.48
N LEU A 319 -27.39 33.05 12.17
CA LEU A 319 -27.41 34.37 11.56
C LEU A 319 -28.21 34.29 10.28
N ILE A 320 -29.35 34.96 10.23
CA ILE A 320 -30.27 34.90 9.11
C ILE A 320 -30.12 36.17 8.29
N PRO A 321 -29.92 36.08 6.98
CA PRO A 321 -29.67 37.28 6.19
C PRO A 321 -30.90 38.16 6.08
N GLY A 322 -30.66 39.47 5.99
CA GLY A 322 -31.70 40.43 5.76
C GLY A 322 -32.29 41.07 6.99
N LYS A 323 -32.04 40.51 8.18
CA LYS A 323 -32.64 41.01 9.41
C LYS A 323 -31.76 40.55 10.57
N LYS A 324 -32.27 40.76 11.78
CA LYS A 324 -31.49 40.49 12.97
C LYS A 324 -31.39 38.99 13.23
N ALA A 325 -30.41 38.63 14.05
CA ALA A 325 -30.21 37.24 14.41
C ALA A 325 -31.33 36.78 15.34
N PRO A 326 -31.78 35.54 15.19
CA PRO A 326 -32.86 35.06 16.05
C PRO A 326 -32.36 34.79 17.46
N ILE A 327 -33.20 35.12 18.43
CA ILE A 327 -32.93 34.76 19.82
C ILE A 327 -33.32 33.30 20.00
N LEU A 328 -32.38 32.48 20.43
CA LEU A 328 -32.62 31.05 20.53
C LEU A 328 -32.44 30.51 21.93
N PHE A 329 -32.24 31.37 22.93
CA PHE A 329 -32.03 30.92 24.30
C PHE A 329 -32.64 31.94 25.25
N ASN A 330 -33.38 31.46 26.25
CA ASN A 330 -33.90 32.36 27.27
C ASN A 330 -32.89 32.54 28.39
N LYS A 331 -33.07 33.57 29.19
CA LYS A 331 -32.14 33.82 30.28
C LYS A 331 -32.37 32.87 31.45
N GLU A 332 -33.58 32.37 31.64
CA GLU A 332 -33.77 31.30 32.61
C GLU A 332 -33.45 29.95 32.01
N MET A 333 -33.41 29.86 30.68
CA MET A 333 -32.98 28.65 30.01
C MET A 333 -31.48 28.44 30.20
N ILE A 334 -30.71 29.51 30.21
CA ILE A 334 -29.25 29.40 30.20
C ILE A 334 -28.67 29.39 31.60
N GLU A 335 -29.42 29.83 32.62
CA GLU A 335 -28.96 29.70 33.99
C GLU A 335 -29.09 28.28 34.53
N SER A 336 -29.67 27.37 33.74
CA SER A 336 -29.82 25.98 34.11
C SER A 336 -28.56 25.17 33.90
N MET A 337 -27.48 25.79 33.41
CA MET A 337 -26.27 25.03 33.12
C MET A 337 -25.46 24.80 34.40
N LYS A 338 -24.28 24.23 34.21
CA LYS A 338 -23.40 23.96 35.33
C LYS A 338 -22.65 25.22 35.72
N GLU A 339 -22.19 25.26 36.96
CA GLU A 339 -21.45 26.42 37.46
C GLU A 339 -20.03 26.34 36.92
N GLY A 340 -19.76 27.11 35.87
CA GLY A 340 -18.42 27.14 35.29
C GLY A 340 -18.40 26.90 33.79
N SER A 341 -19.59 26.88 33.19
CA SER A 341 -19.67 26.71 31.75
C SER A 341 -19.25 27.99 31.04
N VAL A 342 -18.80 27.85 29.81
CA VAL A 342 -18.40 28.96 28.97
C VAL A 342 -19.40 29.06 27.83
N VAL A 343 -20.03 30.22 27.72
CA VAL A 343 -21.00 30.50 26.68
C VAL A 343 -20.43 31.59 25.79
N VAL A 344 -20.25 31.27 24.51
CA VAL A 344 -19.66 32.18 23.54
C VAL A 344 -20.69 32.46 22.47
N ASP A 345 -20.94 33.73 22.20
CA ASP A 345 -21.87 34.14 21.17
C ASP A 345 -21.08 34.76 20.02
N LEU A 346 -21.28 34.25 18.81
CA LEU A 346 -20.65 34.84 17.64
C LEU A 346 -21.60 35.73 16.85
N ALA A 347 -22.78 36.03 17.39
CA ALA A 347 -23.74 36.88 16.70
C ALA A 347 -24.00 38.17 17.47
N ALA A 348 -23.02 38.59 18.27
CA ALA A 348 -23.22 39.71 19.18
C ALA A 348 -23.33 41.05 18.47
N GLU A 349 -22.85 41.15 17.23
CA GLU A 349 -22.96 42.42 16.52
C GLU A 349 -24.35 42.60 15.96
N ALA A 350 -24.86 41.62 15.22
CA ALA A 350 -26.16 41.72 14.59
C ALA A 350 -27.24 41.14 15.51
N GLY A 351 -27.40 41.77 16.67
CA GLY A 351 -28.40 41.32 17.62
C GLY A 351 -27.86 40.31 18.62
N GLY A 352 -28.09 39.04 18.37
CA GLY A 352 -27.58 38.00 19.23
C GLY A 352 -28.42 36.75 19.13
N ASN A 353 -27.88 35.68 19.70
CA ASN A 353 -28.65 34.45 19.93
C ASN A 353 -28.99 34.29 21.40
N PHE A 354 -28.75 35.33 22.19
CA PHE A 354 -29.09 35.33 23.60
C PHE A 354 -29.71 36.66 23.93
N GLU A 355 -30.68 36.64 24.83
CA GLU A 355 -31.23 37.85 25.39
C GLU A 355 -30.37 38.41 26.50
N THR A 356 -29.24 37.75 26.79
CA THR A 356 -28.25 38.21 27.76
C THR A 356 -26.85 38.14 27.14
N THR A 357 -26.48 39.18 26.40
CA THR A 357 -25.13 39.27 25.86
C THR A 357 -24.75 40.74 25.76
N LYS A 358 -23.80 41.17 26.58
CA LYS A 358 -23.25 42.50 26.44
C LYS A 358 -22.35 42.53 25.21
N PRO A 359 -22.53 43.50 24.31
CA PRO A 359 -22.02 43.35 22.94
C PRO A 359 -20.51 43.45 22.77
N GLY A 360 -19.78 43.77 23.83
CA GLY A 360 -18.36 43.91 23.68
C GLY A 360 -17.54 43.46 24.87
N GLU A 361 -18.18 42.81 25.84
CA GLU A 361 -17.53 42.53 27.11
C GLU A 361 -17.80 41.10 27.57
N LEU A 362 -16.93 40.61 28.43
CA LEU A 362 -17.23 39.48 29.28
C LEU A 362 -17.97 39.92 30.52
N TYR A 363 -18.76 39.00 31.06
CA TYR A 363 -19.31 39.13 32.41
C TYR A 363 -19.71 37.75 32.87
N VAL A 364 -19.60 37.52 34.17
CA VAL A 364 -19.95 36.26 34.78
C VAL A 364 -21.33 36.44 35.39
N HIS A 365 -22.35 35.93 34.69
CA HIS A 365 -23.73 36.02 35.14
C HIS A 365 -24.06 34.75 35.91
N LYS A 366 -23.97 34.85 37.25
CA LYS A 366 -24.35 33.80 38.18
C LYS A 366 -23.53 32.53 37.97
N GLY A 367 -22.27 32.70 37.58
CA GLY A 367 -21.39 31.56 37.39
C GLY A 367 -21.24 31.08 35.97
N ILE A 368 -21.70 31.85 34.98
CA ILE A 368 -21.55 31.48 33.59
C ILE A 368 -20.96 32.68 32.84
N THR A 369 -19.81 32.49 32.22
CA THR A 369 -19.16 33.55 31.49
C THR A 369 -19.85 33.78 30.16
N HIS A 370 -19.96 35.04 29.76
CA HIS A 370 -20.60 35.39 28.50
C HIS A 370 -19.58 36.12 27.63
N ILE A 371 -18.91 35.37 26.76
CA ILE A 371 -17.97 35.96 25.82
C ILE A 371 -18.80 36.46 24.64
N GLY A 372 -19.05 37.76 24.62
CA GLY A 372 -19.82 38.36 23.56
C GLY A 372 -19.03 39.39 22.79
N TYR A 373 -17.79 39.06 22.44
CA TYR A 373 -16.93 39.99 21.69
C TYR A 373 -17.51 40.25 20.31
N THR A 374 -17.47 41.51 19.91
CA THR A 374 -17.94 41.89 18.58
C THR A 374 -16.84 41.84 17.53
N ASP A 375 -15.57 41.74 17.93
CA ASP A 375 -14.46 41.66 16.98
C ASP A 375 -13.56 40.47 17.35
N LEU A 376 -13.96 39.30 16.92
CA LEU A 376 -13.10 38.13 17.06
C LEU A 376 -11.91 38.13 16.08
N PRO A 377 -12.04 38.46 14.78
CA PRO A 377 -10.83 38.49 13.95
C PRO A 377 -9.87 39.62 14.28
N SER A 378 -10.30 40.65 15.00
CA SER A 378 -9.38 41.72 15.38
C SER A 378 -8.45 41.31 16.50
N ARG A 379 -8.63 40.13 17.08
CA ARG A 379 -7.68 39.61 18.06
C ARG A 379 -6.57 38.81 17.42
N MET A 380 -6.74 38.37 16.17
CA MET A 380 -5.72 37.58 15.49
C MET A 380 -5.25 38.32 14.25
N ALA A 381 -4.90 39.59 14.43
CA ALA A 381 -4.67 40.54 13.34
C ALA A 381 -3.62 40.08 12.35
N THR A 382 -2.63 39.29 12.79
CA THR A 382 -1.63 38.76 11.88
C THR A 382 -2.27 37.84 10.85
N GLN A 383 -2.98 36.82 11.32
CA GLN A 383 -3.58 35.84 10.42
C GLN A 383 -4.71 36.47 9.63
N ALA A 384 -5.44 37.40 10.25
CA ALA A 384 -6.52 38.10 9.55
C ALA A 384 -5.98 38.95 8.41
N SER A 385 -4.87 39.65 8.64
CA SER A 385 -4.27 40.46 7.60
C SER A 385 -3.72 39.59 6.48
N THR A 386 -3.15 38.44 6.81
CA THR A 386 -2.60 37.58 5.76
C THR A 386 -3.70 37.01 4.88
N LEU A 387 -4.79 36.51 5.47
CA LEU A 387 -5.86 35.95 4.65
C LEU A 387 -6.58 37.03 3.85
N TYR A 388 -6.81 38.19 4.47
CA TYR A 388 -7.48 39.27 3.77
C TYR A 388 -6.60 39.82 2.66
N SER A 389 -5.28 39.79 2.86
CA SER A 389 -4.36 40.19 1.82
C SER A 389 -4.38 39.20 0.66
N ASN A 390 -4.47 37.90 0.96
CA ASN A 390 -4.59 36.92 -0.11
C ASN A 390 -5.87 37.10 -0.89
N ASN A 391 -6.96 37.45 -0.21
CA ASN A 391 -8.22 37.66 -0.90
C ASN A 391 -8.17 38.87 -1.83
N ILE A 392 -7.61 39.98 -1.37
CA ILE A 392 -7.50 41.16 -2.23
C ILE A 392 -6.52 40.91 -3.38
N THR A 393 -5.47 40.12 -3.12
CA THR A 393 -4.51 39.79 -4.18
C THR A 393 -5.17 38.96 -5.28
N LYS A 394 -5.91 37.91 -4.92
CA LYS A 394 -6.55 37.10 -5.94
C LYS A 394 -7.70 37.84 -6.62
N LEU A 395 -8.31 38.80 -5.91
CA LEU A 395 -9.33 39.62 -6.54
C LEU A 395 -8.72 40.50 -7.63
N LEU A 396 -7.64 41.21 -7.30
CA LEU A 396 -7.00 42.07 -8.28
C LEU A 396 -6.33 41.30 -9.40
N LYS A 397 -5.93 40.06 -9.14
CA LYS A 397 -5.39 39.24 -10.21
C LYS A 397 -6.49 38.73 -11.13
N ALA A 398 -7.66 38.42 -10.59
CA ALA A 398 -8.72 37.87 -11.40
C ALA A 398 -9.48 38.92 -12.21
N ILE A 399 -9.56 40.17 -11.73
CA ILE A 399 -10.43 41.13 -12.40
C ILE A 399 -9.85 41.59 -13.73
N SER A 400 -8.54 41.76 -13.82
CA SER A 400 -7.89 42.22 -15.05
C SER A 400 -6.87 41.16 -15.43
N PRO A 401 -7.28 40.12 -16.16
CA PRO A 401 -6.32 39.09 -16.58
C PRO A 401 -5.46 39.51 -17.74
N ASP A 402 -5.65 40.74 -18.25
CA ASP A 402 -4.75 41.31 -19.23
C ASP A 402 -3.35 41.47 -18.65
N LYS A 403 -2.35 41.46 -19.53
CA LYS A 403 -0.98 41.61 -19.08
C LYS A 403 -0.74 43.01 -18.52
N ASP A 404 -0.96 44.04 -19.34
CA ASP A 404 -0.93 45.40 -18.79
C ASP A 404 -1.88 46.37 -19.47
N ASN A 405 -3.14 46.36 -19.04
CA ASN A 405 -4.06 47.43 -19.38
C ASN A 405 -4.86 47.87 -18.16
N PHE A 406 -5.20 46.89 -17.31
CA PHE A 406 -6.16 47.04 -16.21
C PHE A 406 -7.46 47.69 -16.71
N TYR A 407 -8.14 46.95 -17.58
CA TYR A 407 -9.30 47.53 -18.25
C TYR A 407 -10.57 47.47 -17.41
N PHE A 408 -11.00 46.26 -17.05
CA PHE A 408 -12.03 46.04 -16.03
C PHE A 408 -13.38 46.67 -16.36
N GLU A 409 -14.11 46.12 -17.33
CA GLU A 409 -15.39 46.65 -17.73
C GLU A 409 -16.53 46.01 -16.95
N VAL A 410 -17.55 46.81 -16.65
CA VAL A 410 -18.78 46.37 -16.01
C VAL A 410 -19.82 46.10 -17.09
N LYS A 411 -20.38 44.90 -17.09
CA LYS A 411 -21.39 44.52 -18.08
C LYS A 411 -22.77 44.38 -17.43
N ASP A 412 -23.78 44.09 -18.25
CA ASP A 412 -25.14 44.03 -17.71
C ASP A 412 -25.84 42.70 -17.92
N ASP A 413 -25.73 42.09 -19.09
CA ASP A 413 -26.24 40.75 -19.28
C ASP A 413 -25.09 39.77 -19.13
N PHE A 414 -25.32 38.72 -18.35
CA PHE A 414 -24.29 37.77 -17.98
C PHE A 414 -24.96 36.45 -17.65
N ASP A 415 -24.16 35.40 -17.67
CA ASP A 415 -24.60 34.09 -17.24
C ASP A 415 -24.36 33.98 -15.74
N PHE A 416 -25.14 33.14 -15.07
CA PHE A 416 -24.93 32.90 -13.66
C PHE A 416 -23.63 32.14 -13.42
N GLY A 417 -22.60 32.84 -12.95
CA GLY A 417 -21.38 32.15 -12.59
C GLY A 417 -20.16 32.67 -13.31
N THR A 418 -20.37 33.47 -14.35
CA THR A 418 -19.23 33.98 -15.09
C THR A 418 -18.57 35.13 -14.34
N MET A 419 -17.47 35.63 -14.92
CA MET A 419 -16.75 36.74 -14.32
C MET A 419 -17.56 38.02 -14.36
N GLY A 420 -18.35 38.19 -15.41
CA GLY A 420 -19.22 39.34 -15.57
C GLY A 420 -20.25 39.46 -14.46
N HIS A 421 -20.72 38.31 -13.98
CA HIS A 421 -21.58 38.29 -12.82
C HIS A 421 -20.88 38.82 -11.58
N VAL A 422 -19.62 38.44 -11.37
CA VAL A 422 -18.90 38.89 -10.19
C VAL A 422 -18.58 40.38 -10.28
N ILE A 423 -18.25 40.84 -11.48
CA ILE A 423 -17.94 42.26 -11.67
C ILE A 423 -19.20 43.11 -11.48
N ARG A 424 -20.34 42.65 -11.98
CA ARG A 424 -21.57 43.41 -11.81
C ARG A 424 -22.05 43.38 -10.36
N GLY A 425 -21.93 42.24 -9.69
CA GLY A 425 -22.37 42.17 -8.31
C GLY A 425 -21.41 42.82 -7.32
N THR A 426 -20.17 43.06 -7.74
CA THR A 426 -19.17 43.58 -6.81
C THR A 426 -19.10 45.11 -6.82
N VAL A 427 -19.12 45.71 -8.01
CA VAL A 427 -19.00 47.15 -8.13
C VAL A 427 -20.30 47.79 -7.63
N VAL A 428 -20.19 48.54 -6.55
CA VAL A 428 -21.34 49.19 -5.94
C VAL A 428 -21.52 50.59 -6.50
N MET A 429 -20.45 51.37 -6.56
CA MET A 429 -20.47 52.66 -7.21
C MET A 429 -19.50 52.61 -8.37
N LYS A 430 -20.02 52.85 -9.56
CA LYS A 430 -19.21 52.91 -10.79
C LYS A 430 -19.26 54.35 -11.27
N ASP A 431 -18.14 55.05 -11.09
CA ASP A 431 -17.96 56.44 -11.52
C ASP A 431 -19.00 57.36 -10.88
N GLY A 432 -19.13 57.27 -9.56
CA GLY A 432 -19.94 58.19 -8.82
C GLY A 432 -21.43 57.90 -8.78
N GLN A 433 -21.90 56.93 -9.55
CA GLN A 433 -23.33 56.62 -9.56
C GLN A 433 -23.56 55.25 -8.95
N VAL A 434 -24.77 55.05 -8.43
CA VAL A 434 -25.06 53.88 -7.61
C VAL A 434 -25.64 52.77 -8.48
N ILE A 435 -24.98 51.62 -8.49
CA ILE A 435 -25.45 50.46 -9.25
C ILE A 435 -25.58 49.27 -8.32
N PHE A 436 -25.83 49.53 -7.04
CA PHE A 436 -25.86 48.47 -6.03
C PHE A 436 -26.97 47.42 -6.21
N PRO A 437 -28.23 47.77 -6.60
CA PRO A 437 -29.16 46.68 -6.93
C PRO A 437 -28.75 45.93 -8.18
N ALA A 438 -28.29 44.70 -7.98
CA ALA A 438 -27.76 43.92 -9.07
C ALA A 438 -28.88 43.34 -9.93
N PRO A 439 -28.66 43.19 -11.23
CA PRO A 439 -29.65 42.54 -12.08
C PRO A 439 -29.67 41.04 -11.84
N THR A 440 -30.70 40.42 -12.39
CA THR A 440 -30.89 39.00 -12.19
C THR A 440 -29.89 38.21 -13.05
N PRO A 441 -29.42 37.08 -12.58
CA PRO A 441 -28.56 36.24 -13.41
C PRO A 441 -29.35 35.52 -14.47
N LYS A 442 -29.21 35.95 -15.73
CA LYS A 442 -29.86 35.27 -16.82
C LYS A 442 -29.18 33.93 -17.08
N ASN A 443 -29.85 33.11 -17.90
CA ASN A 443 -29.38 31.76 -18.29
C ASN A 443 -29.15 30.92 -17.04
N ILE A 444 -30.14 30.89 -16.16
CA ILE A 444 -29.93 30.33 -14.84
C ILE A 444 -29.86 28.81 -14.89
N PRO A 445 -28.86 28.23 -14.26
CA PRO A 445 -28.80 26.78 -14.13
C PRO A 445 -29.65 26.28 -12.97
N GLN A 446 -29.37 25.06 -12.54
CA GLN A 446 -29.98 24.43 -11.36
C GLN A 446 -31.47 24.19 -11.58
N GLY A 447 -31.76 23.26 -12.47
CA GLY A 447 -33.02 22.57 -12.42
C GLY A 447 -32.90 21.42 -11.44
N ALA A 448 -31.78 20.68 -11.55
CA ALA A 448 -31.44 19.54 -10.70
C ALA A 448 -29.95 19.24 -10.84
N PRO A 449 -29.08 19.91 -10.09
CA PRO A 449 -27.63 19.80 -10.36
C PRO A 449 -26.94 18.62 -9.69
N VAL A 450 -27.31 17.37 -10.02
CA VAL A 450 -26.68 16.20 -9.41
C VAL A 450 -26.30 15.13 -10.43
N LYS A 451 -25.01 15.02 -10.73
CA LYS A 451 -24.56 13.88 -11.54
C LYS A 451 -23.56 13.00 -10.78
N GLN A 452 -22.41 13.59 -10.44
CA GLN A 452 -21.26 12.99 -9.71
C GLN A 452 -20.99 11.52 -10.05
N LYS A 453 -20.91 11.24 -11.35
CA LYS A 453 -20.82 9.85 -11.80
C LYS A 453 -19.35 9.48 -11.95
N THR A 454 -18.80 8.82 -10.93
CA THR A 454 -17.39 8.44 -10.95
C THR A 454 -17.15 7.26 -11.89
N VAL A 455 -15.89 7.05 -12.25
CA VAL A 455 -15.55 6.21 -13.40
C VAL A 455 -15.74 4.73 -13.08
N ALA A 456 -15.19 4.29 -11.95
CA ALA A 456 -15.27 2.87 -11.59
C ALA A 456 -16.69 2.41 -11.26
N GLU A 457 -17.63 3.33 -11.06
CA GLU A 457 -19.03 2.98 -10.91
C GLU A 457 -19.60 2.42 -12.20
N LEU A 458 -19.07 2.85 -13.35
CA LEU A 458 -19.65 2.46 -14.62
C LEU A 458 -19.37 1.00 -14.95
N GLU A 459 -18.20 0.49 -14.62
CA GLU A 459 -17.92 -0.90 -14.95
C GLU A 459 -18.58 -1.85 -13.97
N ALA A 460 -18.85 -1.38 -12.75
CA ALA A 460 -19.74 -2.13 -11.86
C ALA A 460 -21.16 -2.15 -12.40
N GLU A 461 -21.61 -1.05 -13.00
CA GLU A 461 -22.91 -1.07 -13.67
C GLU A 461 -22.91 -2.01 -14.87
N LYS A 462 -21.81 -2.06 -15.61
CA LYS A 462 -21.68 -2.96 -16.75
C LYS A 462 -21.63 -4.42 -16.31
N ALA A 463 -21.13 -4.68 -15.10
CA ALA A 463 -21.13 -6.02 -14.54
C ALA A 463 -22.53 -6.55 -14.26
N ALA A 464 -23.54 -5.70 -14.21
CA ALA A 464 -24.91 -6.15 -14.04
C ALA A 464 -25.49 -6.79 -15.29
N THR A 465 -24.85 -6.61 -16.44
CA THR A 465 -25.35 -7.13 -17.70
C THR A 465 -24.88 -8.57 -17.94
N ILE A 466 -24.24 -9.18 -16.96
CA ILE A 466 -23.40 -10.34 -17.15
C ILE A 466 -24.04 -11.52 -16.41
N THR A 467 -25.36 -11.69 -16.61
CA THR A 467 -26.21 -12.78 -16.12
C THR A 467 -25.50 -14.14 -16.12
N PRO A 468 -25.58 -14.89 -15.01
CA PRO A 468 -24.65 -16.00 -14.79
C PRO A 468 -24.88 -17.18 -15.69
N PHE A 469 -26.06 -17.27 -16.31
CA PHE A 469 -26.22 -18.13 -17.47
C PHE A 469 -25.23 -17.78 -18.56
N ARG A 470 -25.06 -16.50 -18.85
CA ARG A 470 -24.18 -16.15 -19.94
C ARG A 470 -22.72 -16.24 -19.56
N LYS A 471 -22.39 -16.00 -18.28
CA LYS A 471 -21.05 -16.30 -17.78
C LYS A 471 -20.70 -17.77 -17.97
N THR A 472 -21.61 -18.66 -17.55
CA THR A 472 -21.37 -20.09 -17.70
C THR A 472 -21.31 -20.49 -19.17
N MET A 473 -22.15 -19.90 -20.00
CA MET A 473 -22.18 -20.27 -21.41
C MET A 473 -20.92 -19.79 -22.13
N THR A 474 -20.47 -18.58 -21.85
CA THR A 474 -19.25 -18.12 -22.48
C THR A 474 -18.02 -18.78 -21.90
N SER A 475 -18.13 -19.40 -20.72
CA SER A 475 -17.01 -20.22 -20.29
C SER A 475 -17.03 -21.56 -20.98
N ALA A 476 -18.22 -22.13 -21.20
CA ALA A 476 -18.31 -23.45 -21.80
C ALA A 476 -18.07 -23.43 -23.30
N SER A 477 -18.20 -22.30 -23.96
CA SER A 477 -17.89 -22.26 -25.39
C SER A 477 -16.39 -22.30 -25.65
N VAL A 478 -15.59 -21.72 -24.76
CA VAL A 478 -14.14 -21.66 -24.98
C VAL A 478 -13.51 -23.05 -24.86
N TYR A 479 -13.99 -23.84 -23.90
CA TYR A 479 -13.46 -25.20 -23.77
C TYR A 479 -13.89 -26.11 -24.90
N THR A 480 -15.11 -25.99 -25.41
CA THR A 480 -15.47 -26.84 -26.54
C THR A 480 -14.81 -26.38 -27.82
N ALA A 481 -14.49 -25.08 -27.92
CA ALA A 481 -13.66 -24.62 -29.04
C ALA A 481 -12.26 -25.18 -28.93
N GLY A 482 -11.71 -25.23 -27.71
CA GLY A 482 -10.39 -25.79 -27.53
C GLY A 482 -10.33 -27.28 -27.80
N LEU A 483 -11.39 -28.00 -27.45
CA LEU A 483 -11.39 -29.43 -27.71
C LEU A 483 -11.64 -29.75 -29.18
N THR A 484 -12.43 -28.91 -29.88
CA THR A 484 -12.48 -29.04 -31.34
C THR A 484 -11.13 -28.72 -31.97
N GLY A 485 -10.38 -27.80 -31.36
CA GLY A 485 -9.03 -27.56 -31.83
C GLY A 485 -8.12 -28.76 -31.62
N ILE A 486 -8.26 -29.44 -30.48
CA ILE A 486 -7.47 -30.63 -30.21
C ILE A 486 -7.82 -31.74 -31.20
N LEU A 487 -9.10 -31.96 -31.46
CA LEU A 487 -9.49 -33.00 -32.41
C LEU A 487 -9.05 -32.64 -33.83
N GLY A 488 -9.06 -31.35 -34.16
CA GLY A 488 -8.59 -30.93 -35.46
C GLY A 488 -7.09 -31.13 -35.63
N LEU A 489 -6.31 -30.85 -34.59
CA LEU A 489 -4.88 -31.11 -34.64
C LEU A 489 -4.60 -32.61 -34.65
N GLY A 490 -5.51 -33.40 -34.09
CA GLY A 490 -5.37 -34.84 -34.19
C GLY A 490 -5.55 -35.37 -35.60
N ILE A 491 -6.58 -34.89 -36.32
CA ILE A 491 -6.88 -35.37 -37.66
C ILE A 491 -5.73 -35.05 -38.62
N ALA A 492 -5.06 -33.93 -38.39
CA ALA A 492 -3.97 -33.52 -39.27
C ALA A 492 -2.66 -34.24 -39.00
N ALA A 493 -2.63 -35.30 -38.19
CA ALA A 493 -1.38 -35.96 -37.89
C ALA A 493 -1.01 -36.94 -38.98
N PRO A 494 0.21 -36.90 -39.50
CA PRO A 494 0.65 -37.92 -40.46
C PRO A 494 1.15 -39.19 -39.80
N ASN A 495 1.77 -39.07 -38.63
CA ASN A 495 2.35 -40.23 -37.94
C ASN A 495 2.45 -39.91 -36.46
N LEU A 496 3.25 -40.71 -35.75
CA LEU A 496 3.36 -40.60 -34.31
C LEU A 496 4.20 -39.42 -33.87
N ALA A 497 5.28 -39.12 -34.61
CA ALA A 497 6.27 -38.15 -34.16
C ALA A 497 5.71 -36.74 -34.11
N PHE A 498 4.84 -36.41 -35.04
CA PHE A 498 4.16 -35.12 -35.00
C PHE A 498 3.24 -35.00 -33.79
N SER A 499 2.62 -36.10 -33.39
CA SER A 499 1.76 -36.06 -32.20
C SER A 499 2.58 -35.87 -30.94
N GLN A 500 3.73 -36.53 -30.88
CA GLN A 500 4.64 -36.32 -29.75
C GLN A 500 5.13 -34.88 -29.70
N MET A 501 5.34 -34.28 -30.87
CA MET A 501 5.76 -32.90 -30.91
C MET A 501 4.66 -31.96 -30.44
N VAL A 502 3.40 -32.27 -30.75
CA VAL A 502 2.30 -31.46 -30.27
C VAL A 502 2.19 -31.53 -28.75
N THR A 503 2.40 -32.73 -28.19
CA THR A 503 2.30 -32.88 -26.73
C THR A 503 3.39 -32.11 -26.00
N THR A 504 4.63 -32.20 -26.49
CA THR A 504 5.69 -31.46 -25.82
C THR A 504 5.56 -29.95 -26.03
N PHE A 505 4.95 -29.53 -27.14
CA PHE A 505 4.63 -28.12 -27.34
C PHE A 505 3.63 -27.61 -26.31
N GLY A 506 2.56 -28.37 -26.08
CA GLY A 506 1.54 -27.93 -25.14
C GLY A 506 2.03 -27.86 -23.71
N LEU A 507 2.79 -28.87 -23.28
CA LEU A 507 3.32 -28.82 -21.92
C LEU A 507 4.37 -27.73 -21.76
N ALA A 508 5.16 -27.47 -22.81
CA ALA A 508 6.11 -26.37 -22.73
C ALA A 508 5.40 -25.03 -22.63
N GLY A 509 4.26 -24.89 -23.31
CA GLY A 509 3.51 -23.66 -23.22
C GLY A 509 2.97 -23.40 -21.83
N ILE A 510 2.50 -24.44 -21.14
CA ILE A 510 2.00 -24.23 -19.78
C ILE A 510 3.15 -23.94 -18.82
N VAL A 511 4.29 -24.62 -18.97
CA VAL A 511 5.48 -24.36 -18.15
C VAL A 511 5.91 -22.91 -18.30
N GLY A 512 6.02 -22.44 -19.54
CA GLY A 512 6.37 -21.06 -19.78
C GLY A 512 5.35 -20.06 -19.30
N TYR A 513 4.06 -20.37 -19.41
CA TYR A 513 3.04 -19.44 -18.93
C TYR A 513 3.11 -19.26 -17.43
N HIS A 514 3.28 -20.34 -16.69
CA HIS A 514 3.35 -20.15 -15.24
C HIS A 514 4.69 -19.59 -14.79
N THR A 515 5.77 -19.86 -15.50
CA THR A 515 7.04 -19.35 -14.99
C THR A 515 7.30 -17.91 -15.36
N VAL A 516 6.49 -17.31 -16.23
CA VAL A 516 6.67 -15.90 -16.56
C VAL A 516 5.96 -15.00 -15.56
N TRP A 517 4.82 -15.43 -15.03
CA TRP A 517 4.20 -14.67 -13.95
C TRP A 517 5.01 -14.69 -12.67
N GLY A 518 5.95 -15.62 -12.54
CA GLY A 518 6.75 -15.68 -11.35
C GLY A 518 7.88 -14.70 -11.27
N VAL A 519 8.19 -13.96 -12.35
CA VAL A 519 9.37 -13.09 -12.30
C VAL A 519 9.07 -11.87 -11.44
N THR A 520 10.15 -11.22 -11.02
CA THR A 520 10.02 -9.98 -10.30
C THR A 520 9.51 -8.91 -11.25
N PRO A 521 8.60 -8.05 -10.82
CA PRO A 521 8.21 -6.92 -11.68
C PRO A 521 9.33 -5.93 -11.89
N ALA A 522 10.37 -5.96 -11.07
CA ALA A 522 11.51 -5.09 -11.25
C ALA A 522 12.55 -5.65 -12.21
N LEU A 523 12.26 -6.74 -12.93
CA LEU A 523 13.23 -7.36 -13.81
C LEU A 523 12.64 -7.74 -15.16
N HIS A 524 11.64 -7.02 -15.63
CA HIS A 524 11.10 -7.33 -16.94
C HIS A 524 12.05 -6.96 -18.06
N SER A 525 12.85 -5.95 -17.86
CA SER A 525 13.83 -5.55 -18.87
C SER A 525 15.08 -6.44 -19.00
N PRO A 526 15.64 -7.04 -17.94
CA PRO A 526 16.58 -8.13 -18.21
C PRO A 526 15.92 -9.33 -18.82
N LEU A 527 14.66 -9.57 -18.46
CA LEU A 527 13.92 -10.75 -18.92
C LEU A 527 13.88 -10.81 -20.43
N MET A 528 13.50 -9.72 -21.08
CA MET A 528 13.47 -9.68 -22.54
C MET A 528 14.85 -9.93 -23.13
N SER A 529 15.89 -9.39 -22.49
CA SER A 529 17.25 -9.59 -22.98
C SER A 529 17.64 -11.06 -22.93
N VAL A 530 17.25 -11.76 -21.85
CA VAL A 530 17.68 -13.16 -21.79
C VAL A 530 16.86 -13.99 -22.75
N THR A 531 15.63 -13.55 -23.07
CA THR A 531 14.91 -14.26 -24.10
C THR A 531 15.55 -14.04 -25.45
N ASN A 532 16.10 -12.84 -25.68
CA ASN A 532 16.85 -12.63 -26.91
C ASN A 532 18.15 -13.41 -26.91
N ALA A 533 18.63 -13.80 -25.73
CA ALA A 533 19.71 -14.78 -25.69
C ALA A 533 19.19 -16.16 -26.07
N ILE A 534 18.09 -16.58 -25.45
CA ILE A 534 17.64 -17.95 -25.64
C ILE A 534 17.07 -18.12 -27.04
N SER A 535 16.58 -17.04 -27.65
CA SER A 535 16.13 -17.09 -29.03
C SER A 535 17.28 -17.15 -30.02
N GLY A 536 18.51 -17.25 -29.57
CA GLY A 536 19.62 -17.44 -30.48
C GLY A 536 19.79 -18.88 -30.91
N LEU A 537 18.88 -19.74 -30.51
CA LEU A 537 19.01 -21.16 -30.81
C LEU A 537 18.49 -21.53 -32.18
N THR A 538 18.25 -20.55 -33.07
CA THR A 538 18.08 -20.90 -34.48
C THR A 538 19.40 -21.33 -35.11
N ALA A 539 20.52 -21.09 -34.43
CA ALA A 539 21.78 -21.74 -34.77
C ALA A 539 21.65 -23.24 -34.82
N VAL A 540 20.89 -23.82 -33.89
CA VAL A 540 20.59 -25.25 -33.95
C VAL A 540 19.80 -25.57 -35.21
N GLY A 541 18.91 -24.67 -35.60
CA GLY A 541 18.24 -24.81 -36.87
C GLY A 541 19.18 -24.61 -38.04
N GLY A 542 20.29 -23.88 -37.84
CA GLY A 542 21.20 -23.64 -38.94
C GLY A 542 22.16 -24.78 -39.17
N LEU A 543 22.65 -25.40 -38.10
CA LEU A 543 23.77 -26.32 -38.24
C LEU A 543 23.34 -27.67 -38.80
N VAL A 544 22.06 -27.99 -38.71
CA VAL A 544 21.63 -29.31 -39.19
C VAL A 544 21.66 -29.37 -40.71
N LEU A 545 21.15 -28.34 -41.37
CA LEU A 545 21.10 -28.29 -42.82
C LEU A 545 22.42 -27.83 -43.43
N MET A 546 23.44 -27.63 -42.61
CA MET A 546 24.68 -27.00 -43.02
C MET A 546 25.68 -28.07 -43.40
N GLY A 547 26.09 -28.07 -44.66
CA GLY A 547 26.97 -29.11 -45.14
C GLY A 547 28.02 -28.56 -46.09
N GLY A 548 28.77 -29.48 -46.68
CA GLY A 548 29.78 -29.13 -47.64
C GLY A 548 31.19 -29.49 -47.20
N HIS A 549 32.04 -28.48 -47.12
CA HIS A 549 33.48 -28.60 -46.85
C HIS A 549 33.92 -27.32 -46.18
N LEU A 550 35.18 -26.91 -46.35
CA LEU A 550 35.65 -25.58 -45.93
C LEU A 550 34.73 -24.46 -46.39
N TYR A 551 34.16 -24.58 -47.57
CA TYR A 551 33.24 -23.61 -48.13
C TYR A 551 31.94 -24.30 -48.48
N PRO A 552 30.83 -23.56 -48.54
CA PRO A 552 29.55 -24.18 -48.94
C PRO A 552 29.56 -24.62 -50.39
N SER A 553 28.83 -25.71 -50.66
CA SER A 553 28.76 -26.28 -52.00
C SER A 553 27.51 -25.82 -52.75
N THR A 554 26.33 -26.09 -52.20
CA THR A 554 25.10 -25.69 -52.85
C THR A 554 24.64 -24.33 -52.36
N THR A 555 23.48 -23.90 -52.85
CA THR A 555 22.89 -22.67 -52.33
C THR A 555 22.19 -22.89 -51.01
N SER A 556 21.70 -24.11 -50.78
CA SER A 556 21.04 -24.44 -49.52
C SER A 556 22.02 -24.44 -48.37
N GLN A 557 23.23 -24.94 -48.61
CA GLN A 557 24.24 -24.93 -47.57
C GLN A 557 24.80 -23.54 -47.33
N GLY A 558 24.66 -22.64 -48.29
CA GLY A 558 25.08 -21.26 -48.07
C GLY A 558 24.06 -20.42 -47.37
N LEU A 559 22.77 -20.73 -47.55
CA LEU A 559 21.75 -20.05 -46.76
C LEU A 559 21.84 -20.43 -45.30
N ALA A 560 21.98 -21.72 -45.01
CA ALA A 560 22.12 -22.15 -43.62
C ALA A 560 23.58 -22.15 -43.19
N ALA A 561 24.28 -21.07 -43.48
CA ALA A 561 25.54 -20.73 -42.84
C ALA A 561 25.40 -19.27 -42.49
N LEU A 562 24.71 -18.55 -43.38
CA LEU A 562 24.25 -17.21 -43.07
C LEU A 562 23.28 -17.22 -41.90
N ALA A 563 22.46 -18.27 -41.80
CA ALA A 563 21.54 -18.40 -40.68
C ALA A 563 22.28 -18.60 -39.36
N THR A 564 23.30 -19.45 -39.36
CA THR A 564 24.12 -19.65 -38.17
C THR A 564 24.86 -18.37 -37.80
N PHE A 565 25.34 -17.64 -38.81
CA PHE A 565 26.05 -16.40 -38.58
C PHE A 565 25.16 -15.35 -37.91
N ILE A 566 23.98 -15.12 -38.46
CA ILE A 566 23.11 -14.11 -37.86
C ILE A 566 22.43 -14.58 -36.59
N SER A 567 22.44 -15.87 -36.30
CA SER A 567 21.96 -16.32 -35.01
C SER A 567 23.02 -16.23 -33.94
N SER A 568 24.29 -16.39 -34.28
CA SER A 568 25.33 -16.32 -33.27
C SER A 568 25.58 -14.92 -32.75
N VAL A 569 24.96 -13.89 -33.34
CA VAL A 569 24.95 -12.58 -32.75
C VAL A 569 24.12 -12.58 -31.48
N ASN A 570 22.93 -13.17 -31.55
CA ASN A 570 21.92 -13.04 -30.50
C ASN A 570 22.39 -13.66 -29.21
N ILE A 571 23.16 -14.76 -29.29
CA ILE A 571 23.56 -15.47 -28.09
C ILE A 571 24.51 -14.63 -27.26
N ALA A 572 25.64 -14.24 -27.84
CA ALA A 572 26.64 -13.48 -27.11
C ALA A 572 26.13 -12.11 -26.72
N GLY A 573 25.35 -11.46 -27.61
CA GLY A 573 24.82 -10.16 -27.31
C GLY A 573 23.81 -10.17 -26.17
N GLY A 574 22.90 -11.15 -26.19
CA GLY A 574 21.92 -11.25 -25.14
C GLY A 574 22.54 -11.58 -23.79
N PHE A 575 23.54 -12.47 -23.77
CA PHE A 575 24.09 -12.80 -22.47
C PHE A 575 25.00 -11.69 -21.94
N LEU A 576 25.71 -10.95 -22.79
CA LEU A 576 26.43 -9.80 -22.28
C LEU A 576 25.50 -8.70 -21.79
N VAL A 577 24.40 -8.43 -22.49
CA VAL A 577 23.63 -7.29 -22.05
C VAL A 577 22.80 -7.68 -20.82
N THR A 578 22.45 -8.96 -20.69
CA THR A 578 21.85 -9.44 -19.45
C THR A 578 22.84 -9.38 -18.30
N GLN A 579 24.10 -9.73 -18.55
CA GLN A 579 25.11 -9.68 -17.51
C GLN A 579 25.43 -8.24 -17.09
N ARG A 580 25.46 -7.32 -18.04
CA ARG A 580 25.69 -5.93 -17.70
C ARG A 580 24.49 -5.32 -17.00
N MET A 581 23.31 -5.87 -17.21
CA MET A 581 22.16 -5.34 -16.50
C MET A 581 21.99 -5.91 -15.11
N LEU A 582 22.32 -7.19 -14.89
CA LEU A 582 22.04 -7.75 -13.58
C LEU A 582 23.00 -7.28 -12.50
N ASP A 583 24.21 -6.86 -12.85
CA ASP A 583 25.11 -6.39 -11.81
C ASP A 583 24.98 -4.90 -11.56
N MET A 584 24.02 -4.23 -12.18
CA MET A 584 23.63 -2.91 -11.73
C MET A 584 22.59 -2.96 -10.64
N PHE A 585 21.99 -4.12 -10.41
CA PHE A 585 21.08 -4.29 -9.29
C PHE A 585 21.80 -4.74 -8.03
N LYS A 586 23.10 -4.99 -8.11
CA LYS A 586 23.87 -5.39 -6.94
C LYS A 586 24.18 -4.18 -6.08
N ARG A 587 23.71 -4.19 -4.84
CA ARG A 587 24.00 -3.12 -3.91
C ARG A 587 25.46 -3.21 -3.47
N PRO A 588 26.10 -2.09 -3.11
CA PRO A 588 27.51 -2.16 -2.70
C PRO A 588 27.73 -2.80 -1.34
N THR A 589 26.67 -2.99 -0.56
CA THR A 589 26.77 -3.66 0.74
C THR A 589 26.44 -5.14 0.67
N ASP A 590 26.28 -5.69 -0.53
CA ASP A 590 25.91 -7.08 -0.69
C ASP A 590 27.11 -7.99 -0.37
N PRO A 591 26.87 -9.27 -0.06
CA PRO A 591 27.97 -10.20 0.07
C PRO A 591 28.62 -10.42 -1.30
N PRO A 592 29.92 -10.67 -1.32
CA PRO A 592 30.60 -10.91 -2.60
C PRO A 592 30.16 -12.21 -3.23
N GLU A 593 29.86 -12.19 -4.53
CA GLU A 593 29.13 -13.27 -5.17
C GLU A 593 30.11 -14.15 -5.92
N TYR A 594 30.15 -15.43 -5.56
CA TYR A 594 31.14 -16.37 -6.08
C TYR A 594 30.52 -17.16 -7.23
N ASN A 595 30.38 -16.49 -8.37
CA ASN A 595 29.65 -17.09 -9.47
C ASN A 595 30.45 -18.09 -10.25
N TYR A 596 31.78 -18.09 -10.11
CA TYR A 596 32.59 -18.98 -10.93
C TYR A 596 32.38 -20.44 -10.59
N LEU A 597 31.84 -20.72 -9.40
CA LEU A 597 31.40 -22.07 -9.05
C LEU A 597 30.38 -22.62 -10.02
N TYR A 598 29.59 -21.76 -10.65
CA TYR A 598 28.64 -22.22 -11.64
C TYR A 598 29.28 -22.68 -12.95
N LEU A 599 30.61 -22.58 -13.08
CA LEU A 599 31.24 -23.31 -14.17
C LEU A 599 31.34 -24.79 -13.86
N LEU A 600 31.25 -25.15 -12.60
CA LEU A 600 31.28 -26.52 -12.13
C LEU A 600 30.17 -27.43 -12.68
N PRO A 601 28.90 -27.01 -12.82
CA PRO A 601 27.96 -27.92 -13.49
C PRO A 601 28.17 -28.02 -14.98
N ALA A 602 28.54 -26.91 -15.63
CA ALA A 602 28.58 -26.84 -17.09
C ALA A 602 29.59 -27.82 -17.67
N GLY A 603 30.84 -27.74 -17.21
CA GLY A 603 31.83 -28.73 -17.58
C GLY A 603 31.48 -30.13 -17.12
N THR A 604 30.67 -30.25 -16.08
CA THR A 604 30.18 -31.56 -15.70
C THR A 604 29.18 -32.08 -16.72
N PHE A 605 28.33 -31.20 -17.24
CA PHE A 605 27.28 -31.62 -18.15
C PHE A 605 27.84 -31.81 -19.55
N VAL A 606 28.34 -30.72 -20.13
CA VAL A 606 28.78 -30.69 -21.52
C VAL A 606 29.97 -31.63 -21.72
N GLY A 607 30.99 -31.48 -20.88
CA GLY A 607 32.10 -32.41 -20.91
C GLY A 607 31.71 -33.82 -20.55
N GLY A 608 30.68 -33.98 -19.71
CA GLY A 608 30.16 -35.31 -19.47
C GLY A 608 29.46 -35.88 -20.68
N TYR A 609 29.00 -35.02 -21.57
CA TYR A 609 28.48 -35.47 -22.85
C TYR A 609 29.58 -36.05 -23.71
N LEU A 610 30.73 -35.40 -23.74
CA LEU A 610 31.77 -35.72 -24.70
C LEU A 610 32.38 -37.09 -24.44
N ALA A 611 32.65 -37.38 -23.18
CA ALA A 611 33.12 -38.72 -22.83
C ALA A 611 32.02 -39.75 -23.05
N SER A 612 30.77 -39.33 -23.01
CA SER A 612 29.69 -40.21 -23.44
C SER A 612 29.56 -40.31 -24.94
N LEU A 613 30.14 -39.36 -25.67
CA LEU A 613 30.24 -39.49 -27.11
C LEU A 613 31.50 -40.23 -27.50
N TYR A 614 32.59 -40.02 -26.76
CA TYR A 614 33.84 -40.72 -27.01
C TYR A 614 33.70 -42.21 -26.73
N SER A 615 32.83 -42.59 -25.81
CA SER A 615 32.64 -43.99 -25.47
C SER A 615 31.50 -44.64 -26.25
N GLY A 616 30.82 -43.92 -27.14
CA GLY A 616 29.87 -44.59 -27.99
C GLY A 616 28.45 -44.72 -27.47
N TYR A 617 27.76 -43.60 -27.31
CA TYR A 617 26.34 -43.57 -26.96
C TYR A 617 25.60 -42.52 -27.79
N ASN A 618 24.32 -42.34 -27.50
CA ASN A 618 23.48 -41.38 -28.21
C ASN A 618 22.55 -40.73 -27.20
N ILE A 619 22.99 -39.63 -26.60
CA ILE A 619 22.31 -39.02 -25.46
C ILE A 619 21.63 -37.72 -25.89
N GLU A 620 21.53 -37.52 -27.20
CA GLU A 620 21.18 -36.23 -27.75
C GLU A 620 19.75 -35.85 -27.41
N GLN A 621 18.88 -36.83 -27.35
CA GLN A 621 17.51 -36.59 -26.95
C GLN A 621 17.37 -36.32 -25.46
N ILE A 622 18.40 -36.61 -24.68
CA ILE A 622 18.36 -36.36 -23.24
C ILE A 622 19.13 -35.09 -22.97
N MET A 623 20.14 -34.83 -23.80
CA MET A 623 20.79 -33.53 -23.78
C MET A 623 19.84 -32.41 -24.14
N TYR A 624 18.93 -32.66 -25.08
CA TYR A 624 17.91 -31.68 -25.44
C TYR A 624 16.98 -31.40 -24.26
N LEU A 625 16.63 -32.44 -23.50
CA LEU A 625 15.81 -32.22 -22.31
C LEU A 625 16.58 -31.47 -21.22
N GLY A 626 17.86 -31.78 -21.05
CA GLY A 626 18.64 -31.07 -20.05
C GLY A 626 18.80 -29.60 -20.36
N SER A 627 19.05 -29.28 -21.62
CA SER A 627 19.14 -27.89 -22.01
C SER A 627 17.80 -27.19 -21.93
N GLY A 628 16.70 -27.90 -22.21
CA GLY A 628 15.39 -27.29 -22.08
C GLY A 628 15.02 -26.97 -20.64
N LEU A 629 15.38 -27.85 -19.71
CA LEU A 629 15.12 -27.56 -18.31
C LEU A 629 16.02 -26.45 -17.80
N CYS A 630 17.25 -26.37 -18.30
CA CYS A 630 18.09 -25.23 -17.98
C CYS A 630 17.51 -23.92 -18.51
N CYS A 631 16.89 -23.96 -19.69
CA CYS A 631 16.26 -22.75 -20.22
C CYS A 631 15.02 -22.36 -19.42
N VAL A 632 14.25 -23.34 -18.93
CA VAL A 632 13.13 -23.03 -18.05
C VAL A 632 13.62 -22.41 -16.76
N GLY A 633 14.65 -23.01 -16.17
CA GLY A 633 15.26 -22.46 -14.98
C GLY A 633 15.90 -21.11 -15.17
N ALA A 634 16.26 -20.75 -16.41
CA ALA A 634 16.83 -19.44 -16.67
C ALA A 634 15.84 -18.34 -16.35
N LEU A 635 14.56 -18.57 -16.58
CA LEU A 635 13.57 -17.60 -16.19
C LEU A 635 13.04 -17.88 -14.79
N ALA A 636 13.06 -19.14 -14.36
CA ALA A 636 12.50 -19.46 -13.06
C ALA A 636 13.34 -18.94 -11.92
N GLY A 637 14.67 -18.96 -12.06
CA GLY A 637 15.52 -18.36 -11.06
C GLY A 637 15.54 -16.85 -11.12
N LEU A 638 14.99 -16.28 -12.18
CA LEU A 638 14.95 -14.84 -12.40
C LEU A 638 13.69 -14.25 -11.81
N SER A 639 13.50 -14.51 -10.52
CA SER A 639 12.22 -14.28 -9.89
C SER A 639 12.32 -13.63 -8.52
N THR A 640 13.50 -13.55 -7.93
CA THR A 640 13.57 -13.16 -6.54
C THR A 640 14.75 -12.25 -6.22
N GLN A 641 15.42 -11.70 -7.24
CA GLN A 641 16.38 -10.59 -7.16
C GLN A 641 17.69 -10.99 -6.50
N GLY A 642 17.77 -12.19 -5.93
CA GLY A 642 19.00 -12.66 -5.32
C GLY A 642 19.58 -13.80 -6.11
N THR A 643 18.75 -14.41 -6.95
CA THR A 643 19.16 -15.50 -7.81
C THR A 643 19.11 -15.13 -9.28
N ALA A 644 19.28 -13.85 -9.60
CA ALA A 644 19.22 -13.44 -11.00
C ALA A 644 20.43 -13.94 -11.78
N ARG A 645 21.64 -13.77 -11.23
CA ARG A 645 22.83 -14.27 -11.90
C ARG A 645 22.87 -15.79 -11.96
N LEU A 646 22.16 -16.45 -11.07
CA LEU A 646 21.91 -17.88 -11.20
C LEU A 646 21.10 -18.17 -12.44
N GLY A 647 20.04 -17.42 -12.66
CA GLY A 647 19.19 -17.58 -13.81
C GLY A 647 19.76 -17.06 -15.09
N ASN A 648 20.92 -16.42 -15.05
CA ASN A 648 21.67 -16.13 -16.26
C ASN A 648 22.66 -17.21 -16.61
N ALA A 649 23.37 -17.72 -15.59
CA ALA A 649 24.34 -18.78 -15.80
C ALA A 649 23.67 -20.07 -16.24
N LEU A 650 22.44 -20.33 -15.78
CA LEU A 650 21.73 -21.51 -16.26
C LEU A 650 21.38 -21.38 -17.75
N GLY A 651 21.09 -20.17 -18.21
CA GLY A 651 20.89 -19.97 -19.63
C GLY A 651 22.16 -20.22 -20.42
N MET A 652 23.29 -19.81 -19.86
CA MET A 652 24.59 -20.08 -20.51
C MET A 652 24.85 -21.58 -20.62
N ILE A 653 24.56 -22.32 -19.54
CA ILE A 653 24.80 -23.76 -19.52
C ILE A 653 23.88 -24.46 -20.51
N GLY A 654 22.63 -24.03 -20.57
CA GLY A 654 21.68 -24.67 -21.47
C GLY A 654 22.00 -24.45 -22.93
N VAL A 655 22.36 -23.21 -23.30
CA VAL A 655 22.67 -22.93 -24.69
C VAL A 655 23.95 -23.65 -25.11
N ALA A 656 24.96 -23.69 -24.23
CA ALA A 656 26.19 -24.42 -24.55
C ALA A 656 25.93 -25.91 -24.70
N GLY A 657 25.11 -26.48 -23.81
CA GLY A 657 24.80 -27.90 -23.91
C GLY A 657 23.99 -28.25 -25.14
N GLY A 658 23.04 -27.39 -25.52
CA GLY A 658 22.24 -27.65 -26.70
C GLY A 658 23.05 -27.58 -27.98
N LEU A 659 23.91 -26.56 -28.10
CA LEU A 659 24.76 -26.46 -29.29
C LEU A 659 25.75 -27.61 -29.37
N ALA A 660 26.35 -27.98 -28.23
CA ALA A 660 27.31 -29.07 -28.24
C ALA A 660 26.63 -30.40 -28.56
N ALA A 661 25.40 -30.56 -28.10
CA ALA A 661 24.66 -31.77 -28.38
C ALA A 661 24.33 -31.91 -29.84
N THR A 662 23.87 -30.83 -30.47
CA THR A 662 23.57 -30.88 -31.89
C THR A 662 24.83 -31.14 -32.71
N LEU A 663 25.94 -30.50 -32.34
CA LEU A 663 27.21 -30.72 -33.02
C LEU A 663 27.68 -32.17 -32.92
N GLY A 664 27.60 -32.75 -31.72
CA GLY A 664 28.00 -34.13 -31.55
C GLY A 664 27.07 -35.09 -32.26
N GLY A 665 25.80 -34.73 -32.39
CA GLY A 665 24.90 -35.56 -33.14
C GLY A 665 25.16 -35.50 -34.63
N LEU A 666 25.76 -34.41 -35.10
CA LEU A 666 26.06 -34.33 -36.53
C LEU A 666 27.19 -35.27 -36.93
N LYS A 667 28.27 -35.31 -36.15
CA LYS A 667 29.54 -35.95 -36.45
C LYS A 667 30.05 -35.62 -37.84
N PRO A 668 30.52 -34.40 -38.08
CA PRO A 668 30.99 -34.05 -39.42
C PRO A 668 32.43 -34.49 -39.64
N CYS A 669 32.94 -34.13 -40.81
CA CYS A 669 34.36 -34.12 -41.02
C CYS A 669 34.97 -32.92 -40.31
N PRO A 670 36.28 -32.93 -40.03
CA PRO A 670 36.92 -31.75 -39.44
C PRO A 670 37.03 -30.57 -40.38
N GLU A 671 36.67 -30.70 -41.65
CA GLU A 671 36.53 -29.54 -42.49
C GLU A 671 35.23 -28.80 -42.20
N LEU A 672 34.13 -29.52 -42.11
CA LEU A 672 32.84 -28.90 -41.86
C LEU A 672 32.70 -28.38 -40.45
N LEU A 673 33.25 -29.09 -39.48
CA LEU A 673 33.39 -28.57 -38.12
C LEU A 673 34.19 -27.28 -38.07
N ALA A 674 35.24 -27.18 -38.87
CA ALA A 674 36.00 -25.94 -38.94
C ALA A 674 35.19 -24.82 -39.56
N GLN A 675 34.36 -25.13 -40.56
CA GLN A 675 33.47 -24.11 -41.12
C GLN A 675 32.46 -23.61 -40.08
N MET A 676 31.85 -24.53 -39.34
CA MET A 676 30.87 -24.18 -38.32
C MET A 676 31.51 -23.36 -37.20
N SER A 677 32.72 -23.74 -36.80
CA SER A 677 33.41 -23.01 -35.75
C SER A 677 33.78 -21.62 -36.21
N GLY A 678 34.20 -21.46 -37.46
CA GLY A 678 34.49 -20.14 -37.99
C GLY A 678 33.26 -19.25 -38.04
N ALA A 679 32.12 -19.82 -38.46
CA ALA A 679 30.89 -19.05 -38.53
C ALA A 679 30.41 -18.60 -37.16
N MET A 680 30.38 -19.53 -36.19
CA MET A 680 29.89 -19.16 -34.86
C MET A 680 30.84 -18.23 -34.15
N ALA A 681 32.15 -18.38 -34.36
CA ALA A 681 33.09 -17.51 -33.68
C ALA A 681 33.05 -16.10 -34.27
N LEU A 682 32.81 -15.99 -35.58
CA LEU A 682 32.69 -14.66 -36.16
C LEU A 682 31.40 -13.97 -35.70
N GLY A 683 30.30 -14.72 -35.64
CA GLY A 683 29.05 -14.16 -35.16
C GLY A 683 29.12 -13.77 -33.69
N GLY A 684 29.75 -14.61 -32.87
CA GLY A 684 29.93 -14.27 -31.48
C GLY A 684 30.89 -13.13 -31.26
N THR A 685 31.89 -12.98 -32.14
CA THR A 685 32.79 -11.84 -32.10
C THR A 685 32.03 -10.54 -32.28
N ILE A 686 31.18 -10.49 -33.31
CA ILE A 686 30.41 -9.28 -33.59
C ILE A 686 29.39 -9.03 -32.48
N GLY A 687 28.78 -10.10 -31.96
CA GLY A 687 27.77 -9.93 -30.92
C GLY A 687 28.35 -9.48 -29.61
N LEU A 688 29.55 -9.94 -29.27
CA LEU A 688 30.21 -9.44 -28.07
C LEU A 688 30.67 -8.01 -28.27
N THR A 689 31.19 -7.67 -29.46
CA THR A 689 31.77 -6.35 -29.62
C THR A 689 30.75 -5.26 -29.90
N ILE A 690 29.47 -5.59 -30.10
CA ILE A 690 28.47 -4.53 -30.11
C ILE A 690 27.65 -4.49 -28.83
N ALA A 691 27.80 -5.46 -27.94
CA ALA A 691 27.02 -5.46 -26.71
C ALA A 691 27.68 -4.65 -25.62
N LYS A 692 28.98 -4.37 -25.73
CA LYS A 692 29.73 -3.67 -24.71
C LYS A 692 30.03 -2.23 -25.08
N ARG A 693 29.42 -1.70 -26.14
CA ARG A 693 29.69 -0.34 -26.57
C ARG A 693 28.56 0.62 -26.24
N ILE A 694 27.35 0.16 -26.11
CA ILE A 694 26.20 1.03 -26.03
C ILE A 694 25.95 1.43 -24.59
N GLN A 695 25.09 2.44 -24.43
CA GLN A 695 24.53 2.76 -23.13
C GLN A 695 23.30 1.91 -22.88
N ILE A 696 22.80 2.00 -21.66
CA ILE A 696 21.65 1.20 -21.26
C ILE A 696 20.38 1.77 -21.85
N SER A 697 20.27 3.10 -21.92
CA SER A 697 19.06 3.71 -22.43
C SER A 697 18.88 3.54 -23.92
N ASP A 698 19.93 3.14 -24.65
CA ASP A 698 19.80 2.73 -26.03
C ASP A 698 19.51 1.25 -26.16
N LEU A 699 19.15 0.62 -25.08
CA LEU A 699 18.78 -0.79 -25.03
C LEU A 699 17.58 -1.22 -25.88
N PRO A 700 16.43 -0.50 -25.93
CA PRO A 700 15.31 -1.02 -26.74
C PRO A 700 15.61 -1.17 -28.21
N GLN A 701 16.40 -0.26 -28.79
CA GLN A 701 16.83 -0.39 -30.17
C GLN A 701 17.55 -1.70 -30.39
N LEU A 702 18.53 -2.00 -29.53
CA LEU A 702 19.21 -3.28 -29.53
C LEU A 702 18.23 -4.43 -29.36
N VAL A 703 17.24 -4.26 -28.48
CA VAL A 703 16.22 -5.30 -28.31
C VAL A 703 15.41 -5.44 -29.59
N ALA A 704 15.02 -4.31 -30.18
CA ALA A 704 14.36 -4.39 -31.47
C ALA A 704 15.31 -4.81 -32.57
N ALA A 705 16.61 -4.68 -32.36
CA ALA A 705 17.54 -5.25 -33.32
C ALA A 705 17.70 -6.74 -33.16
N PHE A 706 17.53 -7.27 -31.95
CA PHE A 706 17.73 -8.71 -31.80
C PHE A 706 16.59 -9.53 -32.33
N HIS A 707 15.39 -8.96 -32.47
CA HIS A 707 14.30 -9.74 -33.02
C HIS A 707 14.43 -9.92 -34.51
N SER A 708 14.86 -8.86 -35.21
CA SER A 708 14.85 -8.84 -36.68
C SER A 708 15.76 -9.91 -37.24
N LEU A 709 16.92 -10.09 -36.63
CA LEU A 709 17.84 -11.14 -37.01
C LEU A 709 17.21 -12.53 -36.90
N VAL A 710 16.41 -12.75 -35.86
CA VAL A 710 15.70 -14.01 -35.73
C VAL A 710 14.60 -14.10 -36.78
N GLY A 711 13.94 -12.98 -37.05
CA GLY A 711 12.94 -12.97 -38.10
C GLY A 711 13.53 -13.18 -39.46
N LEU A 712 14.80 -12.83 -39.65
CA LEU A 712 15.48 -13.23 -40.86
C LEU A 712 15.83 -14.71 -40.83
N ALA A 713 16.28 -15.19 -39.68
CA ALA A 713 16.94 -16.49 -39.61
C ALA A 713 16.00 -17.63 -39.94
N ALA A 714 14.75 -17.55 -39.43
CA ALA A 714 13.75 -18.56 -39.73
C ALA A 714 13.47 -18.60 -41.22
N VAL A 715 13.43 -17.44 -41.87
CA VAL A 715 13.22 -17.38 -43.31
C VAL A 715 14.39 -18.03 -44.02
N LEU A 716 15.60 -17.88 -43.48
CA LEU A 716 16.74 -18.51 -44.11
C LEU A 716 16.93 -19.94 -43.63
N THR A 717 16.08 -20.43 -42.73
CA THR A 717 16.10 -21.87 -42.47
C THR A 717 14.91 -22.59 -43.04
N CYS A 718 13.81 -21.89 -43.30
CA CYS A 718 12.66 -22.57 -43.90
C CYS A 718 12.92 -22.86 -45.37
N ILE A 719 13.36 -21.84 -46.12
CA ILE A 719 13.69 -22.00 -47.53
C ILE A 719 14.79 -23.04 -47.69
N ALA A 720 15.80 -22.98 -46.83
CA ALA A 720 16.91 -23.92 -46.82
C ALA A 720 16.49 -25.34 -46.53
N GLU A 721 15.29 -25.58 -46.00
CA GLU A 721 14.84 -26.96 -45.94
C GLU A 721 13.94 -27.33 -47.11
N TYR A 722 13.20 -26.37 -47.65
CA TYR A 722 12.34 -26.67 -48.79
C TYR A 722 13.15 -27.07 -50.02
N ILE A 723 14.38 -26.57 -50.12
CA ILE A 723 15.24 -27.03 -51.19
C ILE A 723 15.84 -28.39 -50.86
N ILE A 724 16.31 -28.58 -49.63
CA ILE A 724 17.10 -29.76 -49.32
C ILE A 724 16.25 -30.99 -49.01
N GLU A 725 14.93 -30.82 -48.84
CA GLU A 725 14.05 -31.97 -48.68
C GLU A 725 13.25 -32.25 -49.94
N TYR A 726 13.68 -31.74 -51.07
CA TYR A 726 12.85 -31.90 -52.26
C TYR A 726 12.81 -33.31 -52.87
N PRO A 727 13.90 -34.13 -52.93
CA PRO A 727 13.73 -35.45 -53.53
C PRO A 727 12.97 -36.47 -52.70
N HIS A 728 12.33 -36.06 -51.61
CA HIS A 728 11.62 -36.99 -50.74
C HIS A 728 10.11 -36.85 -50.81
N PHE A 729 9.57 -35.79 -51.44
CA PHE A 729 8.17 -35.46 -51.23
C PHE A 729 7.22 -36.43 -51.90
N ALA A 730 7.61 -37.04 -53.02
CA ALA A 730 6.74 -38.02 -53.65
C ALA A 730 6.74 -39.33 -52.87
N THR A 731 7.89 -39.73 -52.37
CA THR A 731 8.01 -40.92 -51.53
C THR A 731 7.99 -40.61 -50.03
N ASP A 732 6.96 -39.90 -49.58
CA ASP A 732 6.79 -39.66 -48.15
C ASP A 732 5.32 -39.50 -47.84
N ALA A 733 4.96 -39.83 -46.60
CA ALA A 733 3.62 -39.58 -46.09
C ALA A 733 3.51 -38.25 -45.37
N ALA A 734 4.57 -37.83 -44.70
CA ALA A 734 4.56 -36.55 -44.00
C ALA A 734 4.94 -35.39 -44.90
N ALA A 735 4.94 -35.58 -46.21
CA ALA A 735 5.46 -34.57 -47.13
C ALA A 735 4.57 -33.35 -47.18
N ASN A 736 3.27 -33.55 -47.04
CA ASN A 736 2.40 -32.39 -46.94
C ASN A 736 2.53 -31.68 -45.61
N LEU A 737 3.04 -32.35 -44.59
CA LEU A 737 3.21 -31.68 -43.30
C LEU A 737 4.37 -30.69 -43.37
N THR A 738 5.56 -31.18 -43.73
CA THR A 738 6.75 -30.35 -43.79
C THR A 738 6.75 -29.36 -44.94
N LYS A 739 5.67 -29.24 -45.69
CA LYS A 739 5.50 -28.08 -46.54
C LYS A 739 4.71 -26.98 -45.83
N ILE A 740 3.63 -27.35 -45.13
CA ILE A 740 2.76 -26.35 -44.50
C ILE A 740 3.50 -25.58 -43.41
N VAL A 741 4.22 -26.31 -42.55
CA VAL A 741 5.10 -25.68 -41.56
C VAL A 741 6.15 -24.82 -42.25
N ALA A 742 6.71 -25.32 -43.35
CA ALA A 742 7.70 -24.56 -44.11
C ALA A 742 7.08 -23.35 -44.79
N TYR A 743 5.75 -23.31 -44.88
CA TYR A 743 5.10 -22.09 -45.24
C TYR A 743 5.05 -21.14 -44.05
N LEU A 744 4.51 -21.62 -42.93
CA LEU A 744 4.04 -20.74 -41.87
C LEU A 744 5.18 -20.02 -41.18
N GLY A 745 6.30 -20.73 -40.97
CA GLY A 745 7.47 -20.10 -40.39
C GLY A 745 7.99 -18.97 -41.24
N THR A 746 7.92 -19.12 -42.56
CA THR A 746 8.31 -18.06 -43.48
C THR A 746 7.41 -16.86 -43.33
N TYR A 747 6.14 -17.07 -42.98
CA TYR A 747 5.28 -15.94 -42.70
C TYR A 747 5.72 -15.26 -41.41
N ILE A 748 5.99 -16.04 -40.37
CA ILE A 748 6.14 -15.51 -39.03
C ILE A 748 7.41 -14.67 -38.92
N GLY A 749 8.55 -15.25 -39.32
CA GLY A 749 9.76 -14.48 -39.47
C GLY A 749 9.61 -13.38 -40.51
N GLY A 750 8.77 -13.64 -41.53
CA GLY A 750 8.52 -12.63 -42.54
C GLY A 750 7.77 -11.43 -42.01
N VAL A 751 7.07 -11.58 -40.87
CA VAL A 751 6.55 -10.39 -40.23
C VAL A 751 7.52 -9.91 -39.17
N THR A 752 8.25 -10.84 -38.55
CA THR A 752 9.11 -10.49 -37.42
C THR A 752 10.31 -9.68 -37.89
N PHE A 753 10.75 -9.94 -39.12
CA PHE A 753 11.86 -9.20 -39.70
C PHE A 753 11.52 -7.73 -39.88
N SER A 754 10.63 -7.46 -40.84
CA SER A 754 10.53 -6.13 -41.42
C SER A 754 10.01 -5.13 -40.41
N GLY A 755 8.97 -5.53 -39.67
CA GLY A 755 8.39 -4.65 -38.67
C GLY A 755 9.37 -4.26 -37.59
N SER A 756 10.28 -5.18 -37.24
CA SER A 756 11.29 -4.87 -36.24
C SER A 756 12.20 -3.75 -36.71
N LEU A 757 12.55 -3.76 -38.01
CA LEU A 757 13.38 -2.68 -38.54
C LEU A 757 12.66 -1.36 -38.50
N VAL A 758 11.33 -1.37 -38.64
CA VAL A 758 10.60 -0.13 -38.51
C VAL A 758 10.52 0.28 -37.06
N ALA A 759 10.40 -0.70 -36.16
CA ALA A 759 10.35 -0.40 -34.74
C ALA A 759 11.70 0.07 -34.25
N TYR A 760 12.76 -0.38 -34.89
CA TYR A 760 14.05 0.27 -34.71
C TYR A 760 14.02 1.66 -35.29
N GLY A 761 13.55 1.79 -36.53
CA GLY A 761 13.71 3.01 -37.29
C GLY A 761 12.94 4.18 -36.72
N LYS A 762 11.87 3.91 -35.99
CA LYS A 762 11.22 5.01 -35.32
C LYS A 762 11.88 5.35 -33.99
N LEU A 763 12.42 4.38 -33.27
CA LEU A 763 12.89 4.65 -31.91
C LEU A 763 14.28 5.26 -31.89
N GLN A 764 15.12 4.92 -32.86
CA GLN A 764 16.40 5.60 -32.95
C GLN A 764 16.21 7.01 -33.48
N GLY A 765 15.21 7.21 -34.34
CA GLY A 765 14.91 8.50 -34.88
C GLY A 765 15.17 8.64 -36.36
N ILE A 766 15.53 7.56 -37.04
CA ILE A 766 15.77 7.62 -38.48
C ILE A 766 14.45 7.81 -39.20
N LEU A 767 13.42 7.07 -38.80
CA LEU A 767 12.08 7.32 -39.27
C LEU A 767 11.39 8.30 -38.32
N LYS A 768 10.26 8.82 -38.75
CA LYS A 768 9.64 9.93 -38.06
C LYS A 768 8.79 9.43 -36.90
N SER A 769 8.53 10.33 -35.95
CA SER A 769 7.74 10.03 -34.78
C SER A 769 6.24 10.06 -35.05
N ALA A 770 5.83 10.45 -36.23
CA ALA A 770 4.42 10.58 -36.52
C ALA A 770 3.92 9.33 -37.21
N PRO A 771 2.77 8.81 -36.83
CA PRO A 771 2.25 7.60 -37.47
C PRO A 771 1.81 7.84 -38.91
N LEU A 772 2.36 7.05 -39.83
CA LEU A 772 2.06 7.19 -41.24
C LEU A 772 0.74 6.48 -41.50
N LEU A 773 -0.32 7.24 -41.66
CA LEU A 773 -1.62 6.69 -41.98
C LEU A 773 -1.86 6.75 -43.48
N LEU A 774 -2.24 5.63 -44.06
CA LEU A 774 -2.64 5.48 -45.44
C LEU A 774 -4.14 5.68 -45.58
N PRO A 775 -4.64 6.07 -46.80
CA PRO A 775 -6.09 6.27 -46.97
C PRO A 775 -6.90 5.02 -46.69
N GLY A 776 -6.63 3.98 -47.46
CA GLY A 776 -7.12 2.67 -47.11
C GLY A 776 -5.98 1.81 -46.64
N ARG A 777 -5.84 1.66 -45.33
CA ARG A 777 -4.86 0.76 -44.77
C ARG A 777 -5.51 -0.42 -44.06
N HIS A 778 -6.82 -0.38 -43.83
CA HIS A 778 -7.49 -1.55 -43.30
C HIS A 778 -7.78 -2.55 -44.40
N LEU A 779 -8.24 -2.07 -45.56
CA LEU A 779 -8.43 -2.94 -46.70
C LEU A 779 -7.11 -3.51 -47.19
N LEU A 780 -6.04 -2.73 -47.16
CA LEU A 780 -4.77 -3.20 -47.68
C LEU A 780 -4.16 -4.26 -46.77
N ASN A 781 -4.24 -4.07 -45.46
CA ASN A 781 -3.74 -5.07 -44.53
C ASN A 781 -4.56 -6.33 -44.59
N ALA A 782 -5.89 -6.20 -44.67
CA ALA A 782 -6.72 -7.38 -44.78
C ALA A 782 -6.51 -8.10 -46.10
N GLY A 783 -6.23 -7.35 -47.17
CA GLY A 783 -5.99 -7.97 -48.45
C GLY A 783 -4.65 -8.68 -48.50
N LEU A 784 -3.65 -8.12 -47.83
CA LEU A 784 -2.39 -8.84 -47.65
C LEU A 784 -2.59 -10.12 -46.87
N LEU A 785 -3.43 -10.08 -45.84
CA LEU A 785 -3.64 -11.30 -45.06
C LEU A 785 -4.43 -12.33 -45.86
N ALA A 786 -5.34 -11.86 -46.73
CA ALA A 786 -6.09 -12.77 -47.58
C ALA A 786 -5.19 -13.40 -48.63
N ALA A 787 -4.27 -12.61 -49.20
CA ALA A 787 -3.30 -13.16 -50.14
C ALA A 787 -2.37 -14.15 -49.46
N SER A 788 -2.03 -13.88 -48.19
CA SER A 788 -1.13 -14.76 -47.47
C SER A 788 -1.80 -16.09 -47.12
N VAL A 789 -3.08 -16.05 -46.72
CA VAL A 789 -3.77 -17.31 -46.45
C VAL A 789 -4.22 -17.99 -47.73
N GLY A 790 -4.24 -17.30 -48.86
CA GLY A 790 -4.62 -17.92 -50.11
C GLY A 790 -3.41 -18.47 -50.83
N GLY A 791 -2.23 -18.03 -50.42
CA GLY A 791 -1.01 -18.51 -51.04
C GLY A 791 -0.64 -19.93 -50.72
N ILE A 792 -1.43 -20.61 -49.90
CA ILE A 792 -1.17 -21.99 -49.57
C ILE A 792 -1.90 -22.93 -50.52
N ILE A 793 -2.84 -22.40 -51.31
CA ILE A 793 -3.61 -23.20 -52.25
C ILE A 793 -2.78 -23.58 -53.48
N PRO A 794 -2.05 -22.68 -54.17
CA PRO A 794 -1.13 -23.19 -55.19
C PRO A 794 0.07 -23.89 -54.60
N PHE A 795 0.38 -23.62 -53.33
CA PHE A 795 1.52 -24.27 -52.70
C PHE A 795 1.23 -25.74 -52.47
N MET A 796 -0.04 -26.08 -52.26
CA MET A 796 -0.46 -27.46 -52.33
C MET A 796 -1.06 -27.76 -53.69
N MET A 797 -1.45 -29.03 -53.88
CA MET A 797 -2.05 -29.58 -55.09
C MET A 797 -1.17 -29.43 -56.34
N ASP A 798 0.11 -29.08 -56.20
CA ASP A 798 0.91 -28.72 -57.35
C ASP A 798 2.38 -28.90 -57.00
N PRO A 799 2.96 -30.07 -57.30
CA PRO A 799 4.26 -30.44 -56.73
C PRO A 799 5.48 -29.88 -57.46
N SER A 800 5.32 -28.94 -58.37
CA SER A 800 6.46 -28.46 -59.15
C SER A 800 7.40 -27.63 -58.28
N PHE A 801 8.69 -27.74 -58.59
CA PHE A 801 9.71 -27.06 -57.81
C PHE A 801 9.63 -25.55 -57.94
N THR A 802 9.48 -25.07 -59.16
CA THR A 802 9.54 -23.64 -59.39
C THR A 802 8.30 -22.95 -58.86
N THR A 803 7.16 -23.63 -58.90
CA THR A 803 5.95 -22.99 -58.41
C THR A 803 5.88 -22.99 -56.89
N GLY A 804 6.69 -23.80 -56.21
CA GLY A 804 6.65 -23.79 -54.77
C GLY A 804 7.60 -22.77 -54.21
N ILE A 805 8.77 -22.65 -54.85
CA ILE A 805 9.77 -21.68 -54.40
C ILE A 805 9.29 -20.27 -54.67
N THR A 806 8.46 -20.07 -55.71
CA THR A 806 7.89 -18.75 -55.90
C THR A 806 6.77 -18.48 -54.92
N CYS A 807 6.15 -19.53 -54.36
CA CYS A 807 5.22 -19.30 -53.28
C CYS A 807 5.95 -18.93 -51.99
N LEU A 808 7.11 -19.54 -51.77
CA LEU A 808 7.97 -19.11 -50.66
C LEU A 808 8.39 -17.65 -50.79
N GLY A 809 8.90 -17.27 -51.96
CA GLY A 809 9.27 -15.89 -52.18
C GLY A 809 8.09 -14.95 -52.12
N SER A 810 6.92 -15.42 -52.55
CA SER A 810 5.72 -14.61 -52.51
C SER A 810 5.28 -14.34 -51.08
N VAL A 811 5.26 -15.38 -50.23
CA VAL A 811 4.80 -15.17 -48.86
C VAL A 811 5.82 -14.41 -48.05
N SER A 812 7.12 -14.57 -48.35
CA SER A 812 8.14 -13.77 -47.69
C SER A 812 8.01 -12.30 -48.05
N ALA A 813 7.80 -12.01 -49.34
CA ALA A 813 7.65 -10.62 -49.78
C ALA A 813 6.40 -9.97 -49.21
N LEU A 814 5.26 -10.67 -49.30
CA LEU A 814 4.01 -10.08 -48.82
C LEU A 814 4.00 -9.97 -47.30
N SER A 815 4.67 -10.88 -46.60
CA SER A 815 4.78 -10.77 -45.16
C SER A 815 5.63 -9.58 -44.73
N ALA A 816 6.72 -9.32 -45.46
CA ALA A 816 7.52 -8.14 -45.16
C ALA A 816 6.73 -6.86 -45.41
N VAL A 817 5.94 -6.85 -46.48
CA VAL A 817 5.09 -5.70 -46.76
C VAL A 817 4.05 -5.53 -45.67
N MET A 818 3.54 -6.65 -45.15
CA MET A 818 2.54 -6.59 -44.08
C MET A 818 3.14 -6.03 -42.80
N GLY A 819 4.37 -6.41 -42.50
CA GLY A 819 5.05 -5.87 -41.34
C GLY A 819 5.31 -4.38 -41.46
N VAL A 820 5.76 -3.93 -42.62
CA VAL A 820 6.06 -2.51 -42.80
C VAL A 820 4.78 -1.69 -42.77
N THR A 821 3.70 -2.25 -43.31
CA THR A 821 2.45 -1.53 -43.36
C THR A 821 1.82 -1.42 -41.98
N LEU A 822 1.81 -2.51 -41.22
CA LEU A 822 1.24 -2.45 -39.88
C LEU A 822 2.11 -1.66 -38.92
N THR A 823 3.42 -1.66 -39.12
CA THR A 823 4.27 -1.13 -38.07
C THR A 823 4.34 0.38 -38.09
N ALA A 824 4.45 0.99 -39.26
CA ALA A 824 4.62 2.44 -39.32
C ALA A 824 3.35 3.20 -38.98
N ALA A 825 2.20 2.54 -38.94
CA ALA A 825 0.94 3.20 -38.66
C ALA A 825 0.56 3.13 -37.19
N ILE A 826 1.52 2.83 -36.31
CA ILE A 826 1.22 2.69 -34.90
C ILE A 826 1.32 4.03 -34.18
N GLY A 827 2.50 4.62 -34.18
CA GLY A 827 2.70 5.85 -33.44
C GLY A 827 3.84 5.72 -32.45
N GLY A 828 4.51 6.84 -32.22
CA GLY A 828 5.76 6.84 -31.48
C GLY A 828 5.61 6.57 -30.00
N ALA A 829 4.42 6.75 -29.46
CA ALA A 829 4.20 6.45 -28.05
C ALA A 829 3.98 4.97 -27.81
N ASP A 830 3.14 4.33 -28.61
CA ASP A 830 2.73 2.95 -28.40
C ASP A 830 3.70 1.96 -29.00
N MET A 831 4.78 2.47 -29.61
CA MET A 831 5.82 1.64 -30.19
C MET A 831 6.43 0.54 -29.30
N PRO A 832 6.57 0.69 -27.97
CA PRO A 832 6.99 -0.47 -27.16
C PRO A 832 6.12 -1.71 -27.27
N VAL A 833 4.85 -1.58 -27.65
CA VAL A 833 4.02 -2.75 -27.89
C VAL A 833 4.59 -3.56 -29.04
N VAL A 834 5.07 -2.87 -30.08
CA VAL A 834 5.71 -3.55 -31.19
C VAL A 834 7.04 -4.14 -30.76
N ILE A 835 7.62 -3.63 -29.67
CA ILE A 835 8.79 -4.27 -29.12
C ILE A 835 8.45 -5.63 -28.54
N THR A 836 7.35 -5.75 -27.83
CA THR A 836 7.17 -7.00 -27.09
C THR A 836 6.39 -8.02 -27.88
N VAL A 837 5.41 -7.58 -28.68
CA VAL A 837 4.57 -8.49 -29.45
C VAL A 837 5.40 -9.26 -30.47
N LEU A 838 6.35 -8.56 -31.10
CA LEU A 838 7.30 -9.21 -31.99
C LEU A 838 8.17 -10.21 -31.23
N ASN A 839 8.43 -9.94 -29.95
CA ASN A 839 9.13 -10.89 -29.10
C ASN A 839 8.38 -12.20 -29.00
N SER A 840 7.06 -12.15 -29.04
CA SER A 840 6.29 -13.38 -29.11
C SER A 840 6.50 -14.08 -30.44
N TYR A 841 6.42 -13.33 -31.55
CA TYR A 841 6.50 -13.91 -32.89
C TYR A 841 7.85 -14.58 -33.12
N SER A 842 8.92 -13.95 -32.63
CA SER A 842 10.23 -14.56 -32.69
C SER A 842 10.28 -15.87 -31.92
N GLY A 843 9.51 -15.99 -30.86
CA GLY A 843 9.31 -17.25 -30.21
C GLY A 843 8.65 -18.25 -31.12
N TRP A 844 7.55 -17.86 -31.77
CA TRP A 844 6.75 -18.84 -32.49
C TRP A 844 7.45 -19.36 -33.73
N ALA A 845 8.28 -18.52 -34.35
CA ALA A 845 9.13 -18.95 -35.45
C ALA A 845 10.01 -20.10 -35.02
N LEU A 846 10.58 -20.00 -33.82
CA LEU A 846 11.31 -21.11 -33.23
C LEU A 846 10.46 -22.36 -33.12
N CYS A 847 9.21 -22.22 -32.63
CA CYS A 847 8.29 -23.35 -32.56
C CYS A 847 8.04 -23.94 -33.92
N ALA A 848 7.97 -23.09 -34.96
CA ALA A 848 7.79 -23.56 -36.32
C ALA A 848 8.90 -24.52 -36.71
N GLU A 849 10.14 -24.13 -36.46
CA GLU A 849 11.20 -25.02 -36.91
C GLU A 849 11.38 -26.18 -35.96
N GLY A 850 10.79 -26.12 -34.76
CA GLY A 850 10.78 -27.29 -33.91
C GLY A 850 9.86 -28.37 -34.45
N PHE A 851 8.81 -27.97 -35.16
CA PHE A 851 8.02 -28.94 -35.89
C PHE A 851 8.69 -29.36 -37.18
N LEU A 852 9.68 -28.61 -37.63
CA LEU A 852 10.16 -28.80 -38.99
C LEU A 852 11.37 -29.72 -39.03
N LEU A 853 12.29 -29.55 -38.08
CA LEU A 853 13.50 -30.35 -38.01
C LEU A 853 13.35 -31.55 -37.12
N ASN A 854 12.14 -31.77 -36.58
CA ASN A 854 11.82 -32.87 -35.67
C ASN A 854 12.74 -32.83 -34.44
N ASN A 855 13.05 -31.62 -34.00
CA ASN A 855 13.93 -31.38 -32.88
C ASN A 855 13.08 -31.07 -31.67
N ASN A 856 13.59 -31.40 -30.50
CA ASN A 856 12.79 -31.35 -29.30
C ASN A 856 13.18 -30.19 -28.39
N LEU A 857 14.36 -29.61 -28.60
CA LEU A 857 14.77 -28.46 -27.80
C LEU A 857 14.10 -27.19 -28.29
N LEU A 858 13.97 -27.07 -29.60
CA LEU A 858 13.47 -25.84 -30.21
C LEU A 858 12.02 -25.58 -29.86
N THR A 859 11.22 -26.62 -29.70
CA THR A 859 9.84 -26.41 -29.30
C THR A 859 9.72 -25.90 -27.89
N ILE A 860 10.52 -26.46 -26.97
CA ILE A 860 10.39 -26.08 -25.57
C ILE A 860 10.91 -24.66 -25.39
N VAL A 861 11.99 -24.33 -26.07
CA VAL A 861 12.53 -22.98 -26.02
C VAL A 861 11.58 -21.97 -26.64
N GLY A 862 11.02 -22.29 -27.81
CA GLY A 862 10.14 -21.35 -28.48
C GLY A 862 8.84 -21.14 -27.75
N ALA A 863 8.31 -22.20 -27.13
CA ALA A 863 7.10 -22.02 -26.35
C ALA A 863 7.39 -21.31 -25.04
N LEU A 864 8.62 -21.38 -24.55
CA LEU A 864 8.98 -20.56 -23.41
C LEU A 864 9.04 -19.09 -23.77
N ILE A 865 9.58 -18.77 -24.94
CA ILE A 865 9.76 -17.38 -25.32
C ILE A 865 8.47 -16.70 -25.76
N GLY A 866 7.68 -17.36 -26.61
CA GLY A 866 6.47 -16.73 -27.13
C GLY A 866 5.44 -16.49 -26.04
N SER A 867 5.40 -17.36 -25.04
CA SER A 867 4.58 -17.13 -23.86
C SER A 867 5.04 -15.90 -23.09
N SER A 868 6.35 -15.68 -23.00
CA SER A 868 6.89 -14.51 -22.31
C SER A 868 6.51 -13.23 -23.03
N GLY A 869 6.62 -13.23 -24.35
CA GLY A 869 6.22 -12.06 -25.12
C GLY A 869 4.74 -11.77 -25.00
N ALA A 870 3.92 -12.82 -25.01
CA ALA A 870 2.48 -12.63 -24.90
C ALA A 870 2.09 -12.08 -23.53
N ILE A 871 2.73 -12.55 -22.47
CA ILE A 871 2.36 -12.09 -21.14
C ILE A 871 2.84 -10.67 -20.89
N LEU A 872 4.00 -10.29 -21.43
CA LEU A 872 4.42 -8.90 -21.31
C LEU A 872 3.50 -7.96 -22.07
N SER A 873 3.07 -8.36 -23.27
CA SER A 873 2.13 -7.52 -24.01
C SER A 873 0.79 -7.44 -23.31
N TYR A 874 0.37 -8.50 -22.63
CA TYR A 874 -0.87 -8.45 -21.87
C TYR A 874 -0.77 -7.52 -20.68
N ILE A 875 0.37 -7.56 -19.97
CA ILE A 875 0.54 -6.69 -18.82
C ILE A 875 0.56 -5.23 -19.23
N MET A 876 1.22 -4.94 -20.34
CA MET A 876 1.29 -3.55 -20.78
C MET A 876 -0.03 -3.08 -21.39
N CYS A 877 -0.84 -3.98 -21.93
CA CYS A 877 -2.17 -3.59 -22.34
C CYS A 877 -3.20 -3.69 -21.23
N VAL A 878 -2.79 -4.05 -20.02
CA VAL A 878 -3.67 -3.93 -18.87
C VAL A 878 -3.33 -2.64 -18.13
N ALA A 879 -2.05 -2.27 -18.10
CA ALA A 879 -1.62 -1.09 -17.34
C ALA A 879 -2.18 0.19 -17.92
N MET A 880 -2.39 0.23 -19.22
CA MET A 880 -3.37 1.12 -19.81
C MET A 880 -4.60 0.29 -20.12
N ASN A 881 -5.76 0.94 -20.17
CA ASN A 881 -6.99 0.19 -20.31
C ASN A 881 -7.38 -0.01 -21.77
N ARG A 882 -6.39 -0.06 -22.66
CA ARG A 882 -6.62 -0.28 -24.07
C ARG A 882 -6.56 -1.77 -24.37
N SER A 883 -7.05 -2.16 -25.53
CA SER A 883 -6.99 -3.54 -25.99
C SER A 883 -5.98 -3.63 -27.12
N LEU A 884 -5.61 -4.86 -27.47
CA LEU A 884 -4.51 -5.04 -28.42
C LEU A 884 -4.93 -4.62 -29.82
N ALA A 885 -6.20 -4.87 -30.18
CA ALA A 885 -6.71 -4.39 -31.46
C ALA A 885 -6.82 -2.88 -31.50
N ASN A 886 -7.09 -2.26 -30.35
CA ASN A 886 -7.17 -0.81 -30.30
C ASN A 886 -5.78 -0.19 -30.45
N VAL A 887 -4.75 -0.90 -30.00
CA VAL A 887 -3.39 -0.40 -30.14
C VAL A 887 -2.88 -0.62 -31.56
N ILE A 888 -3.07 -1.82 -32.09
CA ILE A 888 -2.52 -2.16 -33.41
C ILE A 888 -3.29 -1.45 -34.51
N LEU A 889 -4.61 -1.59 -34.52
CA LEU A 889 -5.38 -1.03 -35.61
C LEU A 889 -5.61 0.46 -35.49
N GLY A 890 -5.31 1.05 -34.33
CA GLY A 890 -5.41 2.48 -34.20
C GLY A 890 -6.83 2.98 -34.09
N GLY A 891 -7.54 2.55 -33.06
CA GLY A 891 -8.80 3.17 -32.70
C GLY A 891 -8.58 4.35 -31.79
N TYR A 892 -9.69 4.94 -31.33
CA TYR A 892 -9.66 6.23 -30.64
C TYR A 892 -9.77 6.00 -29.14
N GLY A 893 -8.75 6.42 -28.41
CA GLY A 893 -8.79 6.43 -26.97
C GLY A 893 -8.75 5.06 -26.33
N THR A 894 -9.17 4.98 -25.08
CA THR A 894 -9.14 3.74 -24.32
C THR A 894 -10.47 3.02 -24.46
N THR A 895 -10.56 1.84 -23.86
CA THR A 895 -11.79 1.05 -23.95
C THR A 895 -12.85 1.51 -22.97
N SER A 896 -12.47 2.23 -21.93
CA SER A 896 -13.42 2.85 -21.01
C SER A 896 -13.89 4.21 -21.48
N THR A 897 -13.62 4.58 -22.73
CA THR A 897 -14.09 5.84 -23.25
C THR A 897 -15.60 5.78 -23.49
N ALA A 898 -16.31 6.73 -22.89
CA ALA A 898 -17.71 7.02 -23.19
C ALA A 898 -17.80 7.90 -24.42
N GLY A 899 -18.90 8.63 -24.59
CA GLY A 899 -19.06 9.39 -25.81
C GLY A 899 -18.33 10.72 -25.81
N GLY A 900 -19.03 11.81 -26.05
CA GLY A 900 -18.33 13.06 -26.30
C GLY A 900 -18.22 13.99 -25.12
N LYS A 901 -17.65 15.19 -25.35
CA LYS A 901 -17.46 16.27 -24.39
C LYS A 901 -16.72 15.83 -23.13
N PRO A 902 -15.40 15.72 -23.17
CA PRO A 902 -14.63 15.62 -21.92
C PRO A 902 -14.73 16.91 -21.11
N MET A 903 -14.45 16.77 -19.82
CA MET A 903 -14.62 17.87 -18.88
C MET A 903 -13.59 18.96 -19.10
N GLU A 904 -13.89 20.17 -18.65
CA GLU A 904 -12.95 21.27 -18.72
C GLU A 904 -12.34 21.57 -17.36
N ILE A 905 -11.26 22.35 -17.39
CA ILE A 905 -10.50 22.69 -16.19
C ILE A 905 -11.20 23.80 -15.44
N SER A 906 -10.84 23.97 -14.17
CA SER A 906 -11.29 25.10 -13.36
C SER A 906 -10.25 25.37 -12.29
N GLY A 907 -9.82 26.62 -12.19
CA GLY A 907 -8.81 27.02 -11.23
C GLY A 907 -7.52 27.43 -11.90
N THR A 908 -6.66 28.05 -11.09
CA THR A 908 -5.40 28.61 -11.55
C THR A 908 -4.23 27.86 -10.94
N HIS A 909 -3.07 27.99 -11.58
CA HIS A 909 -1.90 27.19 -11.27
C HIS A 909 -0.87 27.99 -10.47
N THR A 910 -0.27 27.31 -9.49
CA THR A 910 0.66 27.93 -8.57
C THR A 910 2.09 27.57 -8.96
N GLU A 911 2.95 28.58 -9.03
CA GLU A 911 4.32 28.39 -9.47
C GLU A 911 5.28 29.07 -8.49
N ILE A 912 6.37 28.38 -8.16
CA ILE A 912 7.36 28.88 -7.23
C ILE A 912 8.74 28.81 -7.83
N ASN A 913 9.75 29.06 -7.01
CA ASN A 913 11.15 29.12 -7.39
C ASN A 913 11.92 28.00 -6.70
N LEU A 914 13.25 28.05 -6.82
CA LEU A 914 14.10 27.06 -6.17
C LEU A 914 14.15 27.22 -4.66
N ASP A 915 13.90 28.43 -4.15
CA ASP A 915 14.12 28.67 -2.74
C ASP A 915 12.97 28.10 -1.90
N ASN A 916 11.73 28.36 -2.32
CA ASN A 916 10.58 27.65 -1.77
C ASN A 916 10.75 26.15 -1.90
N ALA A 917 11.31 25.71 -3.03
CA ALA A 917 11.50 24.28 -3.27
C ALA A 917 12.46 23.67 -2.27
N ILE A 918 13.60 24.31 -2.04
CA ILE A 918 14.58 23.71 -1.14
C ILE A 918 14.13 23.79 0.31
N ASP A 919 13.44 24.88 0.70
CA ASP A 919 12.99 24.96 2.08
C ASP A 919 11.83 24.01 2.34
N MET A 920 11.03 23.75 1.32
CA MET A 920 9.92 22.84 1.46
C MET A 920 10.36 21.38 1.35
N ILE A 921 11.46 21.12 0.64
CA ILE A 921 12.10 19.81 0.72
C ILE A 921 12.68 19.60 2.11
N ARG A 922 13.32 20.63 2.67
CA ARG A 922 13.94 20.51 3.99
C ARG A 922 12.92 20.26 5.08
N GLU A 923 11.75 20.90 5.00
CA GLU A 923 10.75 20.67 6.02
C GLU A 923 10.10 19.30 5.92
N ALA A 924 9.92 18.78 4.71
CA ALA A 924 9.21 17.53 4.54
C ALA A 924 10.03 16.36 5.06
N ASN A 925 9.33 15.35 5.55
CA ASN A 925 9.95 14.18 6.16
C ASN A 925 9.57 12.87 5.49
N SER A 926 8.72 12.91 4.48
CA SER A 926 8.45 11.72 3.68
C SER A 926 8.29 12.20 2.24
N ILE A 927 9.19 11.76 1.37
CA ILE A 927 9.19 12.17 -0.02
C ILE A 927 8.96 10.95 -0.89
N ILE A 928 7.95 11.00 -1.73
CA ILE A 928 7.75 9.97 -2.73
C ILE A 928 8.00 10.60 -4.09
N ILE A 929 8.83 9.95 -4.89
CA ILE A 929 9.29 10.46 -6.17
C ILE A 929 8.69 9.59 -7.26
N THR A 930 7.99 10.20 -8.19
CA THR A 930 7.51 9.47 -9.36
C THR A 930 8.17 10.04 -10.60
N PRO A 931 9.18 9.39 -11.15
CA PRO A 931 9.76 9.85 -12.41
C PRO A 931 8.94 9.35 -13.60
N GLY A 932 9.29 9.86 -14.77
CA GLY A 932 8.68 9.43 -16.01
C GLY A 932 9.76 9.20 -17.02
N TYR A 933 9.42 9.18 -18.31
CA TYR A 933 10.48 9.02 -19.30
C TYR A 933 11.31 10.27 -19.46
N GLY A 934 10.72 11.45 -19.20
CA GLY A 934 11.42 12.71 -19.36
C GLY A 934 12.60 12.89 -18.44
N LEU A 935 12.64 12.16 -17.33
CA LEU A 935 13.82 12.10 -16.48
C LEU A 935 15.01 11.57 -17.25
N CYS A 936 14.85 10.42 -17.89
CA CYS A 936 15.95 9.78 -18.56
C CYS A 936 16.06 10.18 -20.03
N ALA A 937 15.15 11.00 -20.52
CA ALA A 937 15.35 11.61 -21.83
C ALA A 937 16.39 12.70 -21.76
N ALA A 938 16.48 13.39 -20.63
CA ALA A 938 17.42 14.49 -20.44
C ALA A 938 18.58 14.11 -19.53
N LYS A 939 18.80 12.81 -19.31
CA LYS A 939 19.97 12.28 -18.60
C LYS A 939 20.03 12.78 -17.16
N ALA A 940 18.87 12.92 -16.52
CA ALA A 940 18.79 13.62 -15.26
C ALA A 940 18.67 12.68 -14.06
N GLN A 941 18.93 11.40 -14.24
CA GLN A 941 18.86 10.46 -13.12
C GLN A 941 20.10 10.51 -12.23
N TYR A 942 21.23 10.95 -12.78
CA TYR A 942 22.48 11.07 -12.05
C TYR A 942 22.44 12.08 -10.90
N PRO A 943 21.81 13.26 -11.01
CA PRO A 943 21.63 14.04 -9.78
C PRO A 943 20.56 13.49 -8.85
N ILE A 944 19.58 12.75 -9.37
CA ILE A 944 18.47 12.30 -8.55
C ILE A 944 18.92 11.23 -7.56
N ALA A 945 19.75 10.29 -8.01
CA ALA A 945 20.27 9.27 -7.10
C ALA A 945 21.14 9.89 -6.02
N ASP A 946 21.94 10.89 -6.38
CA ASP A 946 22.77 11.60 -5.41
C ASP A 946 21.92 12.39 -4.43
N LEU A 947 20.84 12.99 -4.92
CA LEU A 947 19.90 13.71 -4.08
C LEU A 947 19.27 12.79 -3.06
N VAL A 948 18.87 11.58 -3.48
CA VAL A 948 18.23 10.65 -2.57
C VAL A 948 19.22 10.13 -1.55
N LYS A 949 20.46 9.88 -1.97
CA LYS A 949 21.48 9.43 -1.05
C LYS A 949 21.81 10.51 -0.02
N MET A 950 21.74 11.78 -0.43
CA MET A 950 21.92 12.85 0.53
C MET A 950 20.74 12.97 1.48
N LEU A 951 19.52 12.87 0.97
CA LEU A 951 18.34 13.12 1.79
C LEU A 951 18.00 11.95 2.70
N SER A 952 18.53 10.76 2.44
CA SER A 952 18.29 9.68 3.37
C SER A 952 19.41 9.52 4.39
N GLU A 953 20.50 10.27 4.26
CA GLU A 953 21.44 10.40 5.37
C GLU A 953 20.89 11.25 6.49
N GLN A 954 19.99 12.17 6.17
CA GLN A 954 19.42 13.09 7.13
C GLN A 954 18.37 12.46 8.02
N GLY A 955 17.88 11.28 7.66
CA GLY A 955 16.81 10.66 8.41
C GLY A 955 15.44 10.85 7.83
N LYS A 956 15.32 10.96 6.51
CA LYS A 956 14.02 11.05 5.87
C LYS A 956 13.61 9.66 5.37
N LYS A 957 12.43 9.56 4.77
CA LYS A 957 11.93 8.29 4.25
C LYS A 957 11.56 8.55 2.80
N VAL A 958 12.55 8.39 1.92
CA VAL A 958 12.44 8.76 0.51
C VAL A 958 12.33 7.49 -0.30
N ARG A 959 11.31 7.40 -1.14
CA ARG A 959 11.11 6.21 -1.95
C ARG A 959 10.69 6.60 -3.35
N PHE A 960 10.69 5.62 -4.23
CA PHE A 960 10.29 5.80 -5.62
C PHE A 960 9.06 4.97 -5.90
N GLY A 961 8.15 5.51 -6.71
CA GLY A 961 7.03 4.75 -7.19
C GLY A 961 6.98 4.74 -8.70
N ILE A 962 7.10 3.56 -9.32
CA ILE A 962 7.26 3.43 -10.76
C ILE A 962 6.00 2.84 -11.35
N HIS A 963 5.39 3.55 -12.27
CA HIS A 963 4.26 3.12 -13.04
C HIS A 963 4.74 2.05 -14.05
N PRO A 964 3.89 1.08 -14.39
CA PRO A 964 4.36 -0.02 -15.25
C PRO A 964 4.75 0.39 -16.67
N VAL A 965 4.21 1.48 -17.21
CA VAL A 965 4.54 1.83 -18.59
C VAL A 965 5.30 3.13 -18.67
N ALA A 966 5.98 3.51 -17.60
CA ALA A 966 6.82 4.70 -17.65
C ALA A 966 8.16 4.33 -18.27
N GLY A 967 8.40 4.82 -19.47
CA GLY A 967 9.58 4.47 -20.22
C GLY A 967 9.23 4.03 -21.63
N ARG A 968 10.25 3.51 -22.32
CA ARG A 968 10.08 3.03 -23.68
C ARG A 968 10.15 1.51 -23.75
N MET A 969 10.07 0.81 -22.63
CA MET A 969 10.24 -0.64 -22.53
C MET A 969 9.74 -1.09 -21.17
N PRO A 970 9.17 -2.29 -21.05
CA PRO A 970 8.70 -2.76 -19.73
C PRO A 970 9.85 -3.02 -18.78
N GLY A 971 9.89 -2.26 -17.71
CA GLY A 971 10.92 -2.39 -16.71
C GLY A 971 12.18 -1.60 -16.99
N GLN A 972 12.09 -0.60 -17.88
CA GLN A 972 13.27 0.17 -18.25
C GLN A 972 13.73 1.06 -17.12
N LEU A 973 12.79 1.67 -16.42
CA LEU A 973 13.14 2.70 -15.48
C LEU A 973 13.75 2.11 -14.23
N ASN A 974 13.45 0.85 -13.92
CA ASN A 974 14.17 0.14 -12.88
C ASN A 974 15.65 0.05 -13.19
N VAL A 975 15.99 -0.23 -14.44
CA VAL A 975 17.38 -0.40 -14.79
C VAL A 975 18.09 0.93 -14.83
N LEU A 976 17.41 1.98 -15.31
CA LEU A 976 18.03 3.29 -15.29
C LEU A 976 18.27 3.78 -13.87
N LEU A 977 17.33 3.51 -12.96
CA LEU A 977 17.53 3.90 -11.57
C LEU A 977 18.56 3.02 -10.88
N ALA A 978 18.73 1.78 -11.33
CA ALA A 978 19.81 0.98 -10.77
C ALA A 978 21.15 1.41 -11.32
N GLU A 979 21.17 1.93 -12.54
CA GLU A 979 22.42 2.45 -13.09
C GLU A 979 22.86 3.69 -12.36
N ALA A 980 21.93 4.58 -12.06
CA ALA A 980 22.27 5.82 -11.36
C ALA A 980 22.70 5.56 -9.93
N GLY A 981 22.35 4.42 -9.35
CA GLY A 981 22.84 4.05 -8.05
C GLY A 981 21.80 4.01 -6.96
N VAL A 982 20.56 3.74 -7.29
CA VAL A 982 19.53 3.59 -6.26
C VAL A 982 19.46 2.12 -5.86
N PRO A 983 19.47 1.79 -4.58
CA PRO A 983 19.30 0.40 -4.17
C PRO A 983 17.87 -0.03 -4.44
N TYR A 984 17.73 -1.30 -4.83
CA TYR A 984 16.45 -1.81 -5.35
C TYR A 984 15.37 -1.92 -4.29
N ASP A 985 15.68 -1.72 -3.02
CA ASP A 985 14.72 -1.88 -1.96
C ASP A 985 13.83 -0.66 -1.77
N ILE A 986 14.14 0.47 -2.38
CA ILE A 986 13.30 1.65 -2.28
C ILE A 986 12.68 2.02 -3.61
N VAL A 987 12.61 1.09 -4.54
CA VAL A 987 11.89 1.29 -5.80
C VAL A 987 10.65 0.40 -5.75
N LEU A 988 9.49 1.01 -5.60
CA LEU A 988 8.24 0.27 -5.47
C LEU A 988 7.44 0.40 -6.76
N GLU A 989 6.53 -0.53 -6.96
CA GLU A 989 5.71 -0.52 -8.15
C GLU A 989 4.44 0.28 -7.89
N MET A 990 3.47 0.16 -8.79
CA MET A 990 2.22 0.87 -8.62
C MET A 990 1.35 0.22 -7.55
N ASP A 991 1.32 -1.10 -7.52
CA ASP A 991 0.45 -1.80 -6.58
C ASP A 991 0.94 -1.75 -5.15
N GLU A 992 2.22 -1.55 -4.92
CA GLU A 992 2.77 -1.65 -3.58
C GLU A 992 2.82 -0.32 -2.85
N ILE A 993 2.50 0.79 -3.53
CA ILE A 993 2.70 2.12 -2.97
C ILE A 993 1.45 2.98 -3.07
N ASN A 994 0.43 2.50 -3.77
CA ASN A 994 -0.71 3.37 -4.07
C ASN A 994 -1.59 3.64 -2.86
N HIS A 995 -1.40 2.93 -1.76
CA HIS A 995 -2.06 3.27 -0.51
C HIS A 995 -1.14 3.89 0.54
N ASP A 996 -0.08 4.57 0.13
CA ASP A 996 0.73 5.36 1.06
C ASP A 996 0.77 6.83 0.70
N PHE A 997 0.10 7.22 -0.36
CA PHE A 997 -0.01 8.65 -0.67
C PHE A 997 -0.77 9.52 0.33
N PRO A 998 -1.79 9.07 1.06
CA PRO A 998 -2.30 9.93 2.13
C PRO A 998 -1.31 10.16 3.26
N ASP A 999 -0.44 9.20 3.54
CA ASP A 999 0.49 9.35 4.65
C ASP A 999 1.83 9.89 4.19
N THR A 1000 1.80 10.97 3.43
CA THR A 1000 2.97 11.39 2.66
C THR A 1000 3.07 12.91 2.62
N ASP A 1001 4.27 13.41 2.95
CA ASP A 1001 4.49 14.85 3.01
C ASP A 1001 4.62 15.46 1.62
N LEU A 1002 5.51 14.94 0.78
CA LEU A 1002 5.85 15.62 -0.46
C LEU A 1002 6.03 14.60 -1.58
N VAL A 1003 5.57 14.94 -2.78
CA VAL A 1003 5.67 14.07 -3.95
C VAL A 1003 6.30 14.84 -5.10
N LEU A 1004 7.42 14.35 -5.59
CA LEU A 1004 8.11 14.94 -6.74
C LEU A 1004 7.71 14.20 -8.00
N VAL A 1005 6.82 14.81 -8.79
CA VAL A 1005 6.46 14.27 -10.09
C VAL A 1005 7.46 14.82 -11.09
N ILE A 1006 8.22 13.93 -11.72
CA ILE A 1006 9.31 14.32 -12.60
C ILE A 1006 8.99 13.80 -13.99
N GLY A 1007 8.67 14.71 -14.90
CA GLY A 1007 8.55 14.37 -16.30
C GLY A 1007 7.46 13.39 -16.65
N ALA A 1008 6.36 13.40 -15.90
CA ALA A 1008 5.29 12.46 -16.12
C ALA A 1008 3.98 13.22 -16.16
N ASN A 1009 3.18 12.96 -17.19
CA ASN A 1009 1.88 13.61 -17.30
C ASN A 1009 0.74 12.63 -17.23
N ASP A 1010 0.74 11.61 -18.08
CA ASP A 1010 -0.41 10.72 -18.12
C ASP A 1010 -0.38 9.67 -17.01
N THR A 1011 0.78 9.41 -16.43
CA THR A 1011 0.82 8.48 -15.31
C THR A 1011 0.46 9.14 -13.99
N VAL A 1012 0.16 10.44 -13.98
CA VAL A 1012 -0.29 11.09 -12.77
C VAL A 1012 -1.57 11.89 -13.00
N ASN A 1013 -2.22 11.67 -14.14
CA ASN A 1013 -3.45 12.37 -14.46
C ASN A 1013 -4.58 11.83 -13.60
N SER A 1014 -5.29 12.74 -12.94
CA SER A 1014 -6.39 12.36 -12.08
C SER A 1014 -7.67 12.07 -12.84
N ALA A 1015 -7.79 12.58 -14.07
CA ALA A 1015 -8.99 12.42 -14.87
C ALA A 1015 -9.25 10.97 -15.25
N ALA A 1016 -8.27 10.09 -15.07
CA ALA A 1016 -8.47 8.66 -15.22
C ALA A 1016 -9.47 8.10 -14.25
N GLN A 1017 -9.65 8.73 -13.09
CA GLN A 1017 -10.60 8.23 -12.11
C GLN A 1017 -11.78 9.15 -11.89
N GLU A 1018 -11.84 10.29 -12.56
CA GLU A 1018 -13.01 11.14 -12.37
C GLU A 1018 -13.82 11.39 -13.62
N ASP A 1019 -13.19 11.72 -14.74
CA ASP A 1019 -13.94 12.04 -15.94
C ASP A 1019 -14.37 10.75 -16.59
N PRO A 1020 -15.66 10.51 -16.79
CA PRO A 1020 -16.07 9.38 -17.64
C PRO A 1020 -15.90 9.64 -19.12
N ASN A 1021 -15.59 10.88 -19.51
CA ASN A 1021 -15.38 11.21 -20.91
C ASN A 1021 -13.95 11.56 -21.25
N SER A 1022 -12.99 11.34 -20.37
CA SER A 1022 -11.63 11.72 -20.72
C SER A 1022 -11.03 10.72 -21.69
N ILE A 1023 -9.89 11.09 -22.27
CA ILE A 1023 -9.26 10.23 -23.25
C ILE A 1023 -8.52 9.07 -22.58
N ILE A 1024 -8.21 9.17 -21.30
CA ILE A 1024 -7.52 8.08 -20.61
C ILE A 1024 -8.23 7.70 -19.33
N ALA A 1025 -9.55 7.78 -19.32
CA ALA A 1025 -10.34 7.31 -18.20
C ALA A 1025 -10.17 5.82 -17.95
N GLY A 1026 -10.09 5.43 -16.69
CA GLY A 1026 -9.99 4.03 -16.33
C GLY A 1026 -8.58 3.48 -16.32
N MET A 1027 -7.62 4.20 -16.86
CA MET A 1027 -6.23 3.76 -16.81
C MET A 1027 -5.72 3.88 -15.39
N PRO A 1028 -5.19 2.80 -14.80
CA PRO A 1028 -4.71 2.89 -13.42
C PRO A 1028 -3.46 3.75 -13.34
N VAL A 1029 -3.51 4.75 -12.48
CA VAL A 1029 -2.52 5.81 -12.41
C VAL A 1029 -1.94 5.84 -11.00
N LEU A 1030 -1.12 6.85 -10.76
CA LEU A 1030 -0.69 7.15 -9.41
C LEU A 1030 -1.59 8.21 -8.81
N GLU A 1031 -1.97 8.02 -7.55
CA GLU A 1031 -2.89 8.93 -6.89
C GLU A 1031 -2.07 9.99 -6.15
N VAL A 1032 -1.41 10.84 -6.94
CA VAL A 1032 -0.49 11.79 -6.36
C VAL A 1032 -1.20 12.97 -5.74
N TRP A 1033 -2.45 13.20 -6.12
CA TRP A 1033 -3.16 14.36 -5.58
C TRP A 1033 -3.68 14.12 -4.18
N LYS A 1034 -3.53 12.93 -3.65
CA LYS A 1034 -4.01 12.59 -2.33
C LYS A 1034 -2.96 12.81 -1.25
N SER A 1035 -2.08 13.79 -1.42
CA SER A 1035 -1.06 14.08 -0.42
C SER A 1035 -1.08 15.57 -0.06
N LYS A 1036 -0.03 16.00 0.65
CA LYS A 1036 -0.01 17.33 1.24
C LYS A 1036 0.41 18.41 0.24
N GLN A 1037 1.48 18.16 -0.49
CA GLN A 1037 2.02 19.17 -1.38
C GLN A 1037 2.70 18.47 -2.54
N VAL A 1038 2.47 18.97 -3.76
CA VAL A 1038 2.91 18.30 -4.97
C VAL A 1038 3.78 19.26 -5.77
N ILE A 1039 4.92 18.77 -6.24
CA ILE A 1039 5.81 19.51 -7.14
C ILE A 1039 5.87 18.78 -8.46
N VAL A 1040 5.56 19.48 -9.55
CA VAL A 1040 5.70 18.96 -10.90
C VAL A 1040 6.80 19.74 -11.58
N MET A 1041 7.71 19.04 -12.24
CA MET A 1041 8.82 19.66 -12.95
C MET A 1041 8.72 19.29 -14.42
N LYS A 1042 8.49 20.30 -15.26
CA LYS A 1042 8.44 20.10 -16.70
C LYS A 1042 8.87 21.41 -17.35
N ARG A 1043 8.90 21.43 -18.67
CA ARG A 1043 9.34 22.65 -19.35
C ARG A 1043 8.25 23.72 -19.35
N SER A 1044 7.08 23.40 -19.89
CA SER A 1044 6.03 24.38 -20.10
C SER A 1044 4.68 23.71 -19.90
N LEU A 1045 3.62 24.51 -19.85
CA LEU A 1045 2.27 24.00 -19.63
C LEU A 1045 1.71 23.47 -20.93
N GLY A 1046 2.20 22.29 -21.34
CA GLY A 1046 1.76 21.64 -22.56
C GLY A 1046 1.38 20.19 -22.34
N VAL A 1047 1.34 19.39 -23.41
CA VAL A 1047 0.94 18.00 -23.35
C VAL A 1047 2.00 17.13 -24.00
N GLY A 1048 2.05 15.86 -23.60
CA GLY A 1048 2.95 14.91 -24.21
C GLY A 1048 2.35 14.12 -25.36
N TYR A 1049 1.31 13.35 -25.10
CA TYR A 1049 0.72 12.52 -26.14
C TYR A 1049 -0.79 12.65 -26.24
N ALA A 1050 -1.47 12.91 -25.13
CA ALA A 1050 -2.91 13.10 -25.12
C ALA A 1050 -3.24 14.08 -23.99
N ALA A 1051 -4.52 14.13 -23.60
CA ALA A 1051 -5.00 14.80 -22.39
C ALA A 1051 -4.67 16.29 -22.32
N VAL A 1052 -5.39 17.11 -23.11
CA VAL A 1052 -5.13 18.53 -23.39
C VAL A 1052 -4.80 19.38 -22.17
N ASP A 1053 -5.27 18.99 -20.99
CA ASP A 1053 -4.80 19.61 -19.76
C ASP A 1053 -4.99 18.63 -18.62
N ASN A 1054 -4.01 18.60 -17.73
CA ASN A 1054 -4.02 17.68 -16.60
C ASN A 1054 -4.57 18.40 -15.38
N PRO A 1055 -5.71 17.96 -14.82
CA PRO A 1055 -6.32 18.67 -13.69
C PRO A 1055 -5.61 18.51 -12.37
N ILE A 1056 -4.48 17.80 -12.29
CA ILE A 1056 -3.69 17.88 -11.07
C ILE A 1056 -2.87 19.15 -10.99
N PHE A 1057 -2.80 19.92 -12.07
CA PHE A 1057 -1.98 21.12 -12.04
C PHE A 1057 -2.66 22.30 -11.39
N TYR A 1058 -3.92 22.16 -10.99
CA TYR A 1058 -4.70 23.31 -10.56
C TYR A 1058 -5.31 23.15 -9.18
N LYS A 1059 -5.15 21.99 -8.58
CA LYS A 1059 -5.60 21.75 -7.23
C LYS A 1059 -4.73 22.59 -6.29
N PRO A 1060 -5.29 23.11 -5.19
CA PRO A 1060 -4.63 24.24 -4.51
C PRO A 1060 -3.37 23.89 -3.75
N ASN A 1061 -2.99 22.62 -3.67
CA ASN A 1061 -1.70 22.24 -3.10
C ASN A 1061 -0.82 21.63 -4.17
N THR A 1062 -0.76 22.27 -5.33
CA THR A 1062 0.13 21.88 -6.43
C THR A 1062 1.03 23.05 -6.76
N ALA A 1063 2.34 22.82 -6.73
CA ALA A 1063 3.30 23.85 -7.10
C ALA A 1063 4.03 23.43 -8.36
N MET A 1064 4.10 24.33 -9.31
CA MET A 1064 4.85 24.13 -10.54
C MET A 1064 6.28 24.58 -10.32
N LEU A 1065 7.21 23.90 -10.97
CA LEU A 1065 8.62 24.25 -10.91
C LEU A 1065 9.17 24.18 -12.33
N LEU A 1066 8.54 24.93 -13.24
CA LEU A 1066 8.87 24.93 -14.66
C LEU A 1066 10.36 25.10 -14.92
N GLY A 1067 10.86 24.37 -15.87
CA GLY A 1067 12.26 24.43 -16.24
C GLY A 1067 12.75 23.09 -16.75
N ASP A 1068 13.97 23.10 -17.28
CA ASP A 1068 14.60 21.87 -17.73
C ASP A 1068 14.97 21.02 -16.50
N ALA A 1069 14.72 19.72 -16.62
CA ALA A 1069 14.95 18.83 -15.49
C ALA A 1069 16.43 18.67 -15.18
N LYS A 1070 17.30 18.79 -16.17
CA LYS A 1070 18.72 18.58 -15.96
C LYS A 1070 19.31 19.64 -15.04
N LYS A 1071 19.17 20.90 -15.42
CA LYS A 1071 19.70 21.99 -14.61
C LYS A 1071 18.96 22.13 -13.28
N THR A 1072 17.67 21.82 -13.25
CA THR A 1072 16.93 21.99 -11.99
C THR A 1072 17.30 20.90 -11.01
N CYS A 1073 17.43 19.66 -11.49
CA CYS A 1073 17.78 18.56 -10.60
C CYS A 1073 19.20 18.66 -10.09
N ASP A 1074 20.17 19.04 -10.94
CA ASP A 1074 21.49 19.13 -10.34
C ASP A 1074 21.69 20.44 -9.58
N ALA A 1075 20.86 21.46 -9.83
CA ALA A 1075 20.88 22.61 -8.94
C ALA A 1075 20.31 22.24 -7.57
N LEU A 1076 19.30 21.38 -7.53
CA LEU A 1076 18.80 20.85 -6.25
C LEU A 1076 19.87 20.05 -5.54
N GLN A 1077 20.63 19.26 -6.30
CA GLN A 1077 21.80 18.57 -5.76
C GLN A 1077 22.78 19.56 -5.13
N ALA A 1078 23.08 20.65 -5.85
CA ALA A 1078 24.07 21.61 -5.38
C ALA A 1078 23.58 22.37 -4.15
N LYS A 1079 22.29 22.73 -4.13
CA LYS A 1079 21.75 23.43 -2.98
C LYS A 1079 21.68 22.54 -1.75
N VAL A 1080 21.29 21.27 -1.93
CA VAL A 1080 21.29 20.33 -0.82
C VAL A 1080 22.69 20.14 -0.27
N ARG A 1081 23.69 20.04 -1.14
CA ARG A 1081 25.05 19.91 -0.67
C ARG A 1081 25.54 21.17 0.05
N GLU A 1082 25.25 22.36 -0.50
CA GLU A 1082 25.80 23.57 0.11
C GLU A 1082 25.08 23.91 1.41
N SER A 1083 23.84 23.45 1.56
CA SER A 1083 23.05 23.86 2.71
C SER A 1083 23.14 22.83 3.83
N TYR A 1084 23.25 21.57 3.49
CA TYR A 1084 23.48 20.58 4.54
C TYR A 1084 24.91 20.60 5.04
N GLN A 1085 25.89 20.82 4.16
CA GLN A 1085 27.27 20.97 4.59
C GLN A 1085 27.50 22.41 5.02
N VAL B 48 -8.53 -5.60 71.22
CA VAL B 48 -8.45 -4.25 70.69
C VAL B 48 -7.42 -4.18 69.57
N LYS B 49 -7.90 -3.92 68.36
CA LYS B 49 -7.04 -3.77 67.20
C LYS B 49 -6.22 -2.50 67.34
N PRO B 50 -4.99 -2.46 66.83
CA PRO B 50 -4.15 -1.27 67.02
C PRO B 50 -4.61 -0.10 66.17
N GLY B 51 -5.55 0.66 66.69
CA GLY B 51 -5.96 1.87 66.00
C GLY B 51 -7.19 2.48 66.63
N ILE B 52 -7.65 3.54 66.00
CA ILE B 52 -8.78 4.32 66.51
C ILE B 52 -9.85 4.32 65.42
N PRO B 53 -11.10 4.01 65.73
CA PRO B 53 -12.12 3.86 64.69
C PRO B 53 -12.43 5.18 63.98
N TYR B 54 -13.04 5.04 62.81
CA TYR B 54 -13.16 6.20 61.92
C TYR B 54 -14.28 7.13 62.34
N LYS B 55 -15.19 6.65 63.18
CA LYS B 55 -16.32 7.47 63.58
C LYS B 55 -15.90 8.61 64.52
N GLN B 56 -14.89 8.38 65.35
CA GLN B 56 -14.44 9.42 66.27
C GLN B 56 -13.55 10.44 65.60
N LEU B 57 -13.07 10.18 64.39
CA LEU B 57 -12.18 11.10 63.70
C LEU B 57 -12.92 11.93 62.69
N THR B 58 -12.33 13.08 62.39
CA THR B 58 -12.93 14.04 61.47
C THR B 58 -11.82 14.69 60.67
N VAL B 59 -12.09 14.95 59.41
CA VAL B 59 -11.15 15.63 58.55
C VAL B 59 -11.59 17.08 58.39
N GLY B 60 -10.64 17.95 58.10
CA GLY B 60 -10.93 19.37 57.98
C GLY B 60 -10.39 19.98 56.71
N VAL B 61 -11.26 20.69 56.00
CA VAL B 61 -10.92 21.32 54.73
C VAL B 61 -11.02 22.82 54.90
N PRO B 62 -9.90 23.52 55.00
CA PRO B 62 -9.94 24.98 55.08
C PRO B 62 -9.95 25.61 53.70
N LYS B 63 -10.22 26.91 53.69
CA LYS B 63 -9.91 27.71 52.52
C LYS B 63 -8.49 28.26 52.67
N GLU B 64 -7.91 28.68 51.55
CA GLU B 64 -6.50 29.07 51.52
C GLU B 64 -6.39 30.58 51.58
N ILE B 65 -5.60 31.06 52.55
CA ILE B 65 -5.43 32.50 52.75
C ILE B 65 -4.28 33.03 51.90
N PHE B 66 -3.51 32.15 51.29
CA PHE B 66 -2.40 32.50 50.41
C PHE B 66 -2.89 33.29 49.20
N GLN B 67 -2.01 34.12 48.64
CA GLN B 67 -2.38 35.06 47.60
C GLN B 67 -2.82 34.33 46.34
N ASN B 68 -3.96 34.79 45.78
CA ASN B 68 -4.74 34.34 44.62
C ASN B 68 -4.74 32.82 44.44
N GLU B 69 -4.96 32.10 45.53
CA GLU B 69 -5.02 30.65 45.50
C GLU B 69 -6.47 30.26 45.28
N LYS B 70 -6.72 29.47 44.27
CA LYS B 70 -8.09 29.19 43.87
C LYS B 70 -8.52 27.75 44.11
N ARG B 71 -7.60 26.80 44.11
CA ARG B 71 -7.99 25.43 44.30
C ARG B 71 -8.23 25.12 45.77
N VAL B 72 -9.05 24.11 46.01
CA VAL B 72 -9.38 23.66 47.36
C VAL B 72 -8.81 22.26 47.51
N ALA B 73 -8.76 21.78 48.75
CA ALA B 73 -8.10 20.51 49.02
C ALA B 73 -8.96 19.31 48.63
N LEU B 74 -10.28 19.41 48.77
CA LEU B 74 -11.15 18.26 48.49
C LEU B 74 -12.33 18.66 47.62
N SER B 75 -12.55 17.88 46.57
CA SER B 75 -13.73 17.96 45.74
C SER B 75 -14.89 17.24 46.42
N PRO B 76 -16.13 17.51 46.01
CA PRO B 76 -17.25 16.68 46.47
C PRO B 76 -17.19 15.24 46.03
N ALA B 77 -16.41 14.91 44.99
CA ALA B 77 -16.13 13.50 44.72
C ALA B 77 -15.26 12.90 45.82
N GLY B 78 -14.43 13.72 46.47
CA GLY B 78 -13.65 13.23 47.57
C GLY B 78 -14.28 13.37 48.94
N VAL B 79 -15.46 13.99 49.03
CA VAL B 79 -16.11 14.15 50.33
C VAL B 79 -17.01 12.93 50.51
N GLN B 80 -17.53 12.40 49.41
CA GLN B 80 -18.34 11.19 49.48
C GLN B 80 -17.49 9.99 49.84
N ALA B 81 -16.31 9.86 49.24
CA ALA B 81 -15.30 8.99 49.80
C ALA B 81 -14.81 9.59 51.11
N LEU B 82 -14.31 8.71 51.99
CA LEU B 82 -13.97 8.87 53.41
C LEU B 82 -15.22 8.91 54.29
N VAL B 83 -16.40 9.04 53.68
CA VAL B 83 -17.66 8.90 54.39
C VAL B 83 -18.14 7.52 54.01
N LYS B 84 -17.82 7.12 52.79
CA LYS B 84 -17.84 5.71 52.43
C LYS B 84 -16.86 4.94 53.30
N GLN B 85 -15.71 5.53 53.59
CA GLN B 85 -14.74 4.83 54.41
C GLN B 85 -15.02 5.01 55.90
N GLY B 86 -15.43 6.21 56.32
CA GLY B 86 -15.86 6.34 57.71
C GLY B 86 -15.56 7.62 58.45
N PHE B 87 -14.81 8.54 57.85
CA PHE B 87 -14.51 9.78 58.54
C PHE B 87 -15.74 10.70 58.57
N ASN B 88 -15.61 11.79 59.31
CA ASN B 88 -16.60 12.86 59.31
C ASN B 88 -15.94 14.11 58.73
N VAL B 89 -16.56 14.70 57.72
CA VAL B 89 -15.91 15.76 56.94
C VAL B 89 -16.43 17.12 57.39
N VAL B 90 -15.51 18.04 57.70
CA VAL B 90 -15.85 19.39 58.11
C VAL B 90 -15.16 20.38 57.17
N VAL B 91 -15.97 21.18 56.47
CA VAL B 91 -15.50 22.03 55.39
C VAL B 91 -15.79 23.48 55.74
N GLU B 92 -14.78 24.34 55.60
CA GLU B 92 -14.96 25.76 55.81
C GLU B 92 -15.86 26.33 54.71
N SER B 93 -16.58 27.42 55.05
CA SER B 93 -17.64 27.99 54.24
C SER B 93 -17.19 28.44 52.84
N GLY B 94 -16.36 29.46 52.77
CA GLY B 94 -15.96 29.94 51.46
C GLY B 94 -14.75 29.20 50.92
N ALA B 95 -14.92 27.92 50.61
CA ALA B 95 -13.78 27.10 50.23
C ALA B 95 -13.74 26.75 48.75
N GLY B 96 -14.87 26.41 48.14
CA GLY B 96 -14.81 25.95 46.77
C GLY B 96 -15.39 26.96 45.81
N GLU B 97 -15.56 28.19 46.29
CA GLU B 97 -16.18 29.22 45.48
C GLU B 97 -15.24 29.67 44.36
N ALA B 98 -13.96 29.83 44.67
CA ALA B 98 -12.98 30.06 43.61
C ALA B 98 -12.73 28.78 42.82
N SER B 99 -12.97 27.63 43.44
CA SER B 99 -12.81 26.35 42.76
C SER B 99 -14.09 25.89 42.08
N LYS B 100 -15.11 26.75 42.03
CA LYS B 100 -16.41 26.48 41.39
C LYS B 100 -17.11 25.26 42.00
N PHE B 101 -17.03 25.15 43.32
CA PHE B 101 -17.72 24.13 44.10
C PHE B 101 -18.61 24.81 45.11
N SER B 102 -19.92 24.78 44.88
CA SER B 102 -20.86 25.39 45.82
C SER B 102 -21.02 24.51 47.05
N ASP B 103 -21.50 25.13 48.12
CA ASP B 103 -21.61 24.43 49.40
C ASP B 103 -22.74 23.42 49.41
N ASP B 104 -23.63 23.46 48.43
CA ASP B 104 -24.74 22.53 48.39
C ASP B 104 -24.26 21.11 48.11
N HIS B 105 -23.23 20.97 47.26
CA HIS B 105 -22.64 19.67 47.02
C HIS B 105 -21.95 19.15 48.27
N TYR B 106 -21.42 20.04 49.09
CA TYR B 106 -20.79 19.63 50.34
C TYR B 106 -21.81 19.28 51.41
N ARG B 107 -22.95 19.98 51.46
CA ARG B 107 -23.99 19.58 52.39
C ARG B 107 -24.64 18.28 51.97
N ALA B 108 -24.78 18.04 50.67
CA ALA B 108 -25.39 16.80 50.21
C ALA B 108 -24.40 15.64 50.20
N ALA B 109 -23.11 15.92 50.13
CA ALA B 109 -22.11 14.86 50.00
C ALA B 109 -21.73 14.24 51.33
N GLY B 110 -22.18 14.83 52.44
CA GLY B 110 -21.93 14.27 53.76
C GLY B 110 -21.14 15.17 54.69
N ALA B 111 -20.69 16.33 54.24
CA ALA B 111 -19.87 17.19 55.09
C ALA B 111 -20.77 18.08 55.93
N GLN B 112 -20.16 19.02 56.65
CA GLN B 112 -20.89 20.04 57.37
C GLN B 112 -20.14 21.35 57.25
N ILE B 113 -20.77 22.34 56.61
CA ILE B 113 -20.19 23.67 56.51
C ILE B 113 -20.15 24.29 57.89
N GLN B 114 -18.99 24.80 58.29
CA GLN B 114 -18.84 25.34 59.62
C GLN B 114 -17.85 26.51 59.52
N GLY B 115 -17.33 26.96 60.65
CA GLY B 115 -16.53 28.18 60.69
C GLY B 115 -15.11 28.05 60.20
N ALA B 116 -14.17 28.72 60.87
CA ALA B 116 -12.78 28.71 60.44
C ALA B 116 -11.86 28.34 61.59
N LYS B 117 -12.25 28.74 62.81
CA LYS B 117 -11.42 28.52 63.99
C LYS B 117 -11.48 27.06 64.43
N GLU B 118 -12.48 26.33 63.98
CA GLU B 118 -12.67 24.94 64.35
C GLU B 118 -12.49 23.98 63.17
N VAL B 119 -12.30 24.48 61.95
CA VAL B 119 -11.96 23.57 60.87
C VAL B 119 -10.51 23.14 60.97
N LEU B 120 -9.61 24.10 61.23
CA LEU B 120 -8.22 23.74 61.47
C LEU B 120 -8.03 23.05 62.81
N ALA B 121 -8.98 23.20 63.73
CA ALA B 121 -8.94 22.48 65.00
C ALA B 121 -9.62 21.12 64.88
N SER B 122 -9.21 20.34 63.90
CA SER B 122 -9.73 19.01 63.65
C SER B 122 -8.60 18.00 63.69
N ASP B 123 -8.99 16.71 63.68
CA ASP B 123 -8.00 15.64 63.80
C ASP B 123 -7.19 15.49 62.54
N LEU B 124 -7.82 15.67 61.38
CA LEU B 124 -7.13 15.68 60.10
C LEU B 124 -7.31 17.04 59.46
N VAL B 125 -6.20 17.73 59.24
CA VAL B 125 -6.20 18.98 58.51
C VAL B 125 -5.60 18.69 57.15
N VAL B 126 -6.37 18.92 56.10
CA VAL B 126 -5.92 18.67 54.74
C VAL B 126 -5.94 20.00 54.01
N LYS B 127 -4.76 20.53 53.73
CA LYS B 127 -4.58 21.76 52.98
C LYS B 127 -4.00 21.45 51.62
N VAL B 128 -3.76 22.51 50.86
CA VAL B 128 -2.94 22.41 49.67
C VAL B 128 -1.58 23.04 49.87
N ARG B 129 -1.51 24.29 50.30
CA ARG B 129 -0.24 24.94 50.54
C ARG B 129 -0.02 24.97 52.05
N ALA B 130 1.27 24.98 52.44
CA ALA B 130 1.67 24.93 53.83
C ALA B 130 1.15 26.15 54.60
N PRO B 131 0.84 25.98 55.88
CA PRO B 131 0.19 27.06 56.64
C PRO B 131 1.12 28.24 56.88
N MET B 132 0.51 29.42 57.00
CA MET B 132 1.22 30.68 57.03
C MET B 132 0.68 31.55 58.15
N LEU B 133 1.09 32.81 58.17
CA LEU B 133 0.55 33.79 59.11
C LEU B 133 -0.74 34.36 58.54
N ASN B 134 -1.86 34.13 59.22
CA ASN B 134 -3.16 34.57 58.72
C ASN B 134 -3.31 36.04 59.02
N PRO B 135 -3.48 36.90 58.01
CA PRO B 135 -3.67 38.33 58.29
C PRO B 135 -5.06 38.69 58.78
N THR B 136 -6.07 37.87 58.49
CA THR B 136 -7.43 38.18 58.95
C THR B 136 -7.58 37.94 60.44
N LEU B 137 -7.08 36.81 60.92
CA LEU B 137 -7.17 36.48 62.34
C LEU B 137 -5.94 36.91 63.13
N GLY B 138 -4.90 37.42 62.46
CA GLY B 138 -3.73 37.93 63.14
C GLY B 138 -2.86 36.90 63.80
N ILE B 139 -3.05 35.63 63.48
CA ILE B 139 -2.40 34.53 64.17
C ILE B 139 -1.87 33.58 63.11
N HIS B 140 -0.79 32.88 63.42
CA HIS B 140 -0.32 31.87 62.48
C HIS B 140 -1.26 30.67 62.50
N GLU B 141 -1.39 30.02 61.35
CA GLU B 141 -2.37 28.95 61.22
C GLU B 141 -1.99 27.71 62.01
N ALA B 142 -0.69 27.55 62.32
CA ALA B 142 -0.25 26.47 63.17
C ALA B 142 -0.68 26.66 64.62
N ASP B 143 -0.97 27.90 65.03
CA ASP B 143 -1.45 28.13 66.37
C ASP B 143 -2.93 27.78 66.53
N LEU B 144 -3.65 27.57 65.44
CA LEU B 144 -5.03 27.12 65.52
C LEU B 144 -5.18 25.62 65.26
N LEU B 145 -4.07 24.92 65.05
CA LEU B 145 -4.13 23.46 64.99
C LEU B 145 -4.28 22.91 66.39
N LYS B 146 -4.78 21.68 66.48
CA LYS B 146 -4.94 21.05 67.79
C LYS B 146 -3.64 20.34 68.15
N THR B 147 -3.59 19.74 69.33
CA THR B 147 -2.40 19.07 69.82
C THR B 147 -2.40 17.65 69.27
N SER B 148 -1.28 17.25 68.67
CA SER B 148 -1.05 15.94 68.05
C SER B 148 -2.08 15.67 66.95
N GLY B 149 -2.36 16.68 66.14
CA GLY B 149 -3.23 16.51 65.00
C GLY B 149 -2.51 15.86 63.84
N THR B 150 -3.14 15.92 62.67
CA THR B 150 -2.53 15.36 61.48
C THR B 150 -2.69 16.35 60.35
N LEU B 151 -1.59 16.67 59.68
CA LEU B 151 -1.56 17.62 58.58
C LEU B 151 -1.10 16.93 57.30
N ILE B 152 -1.86 17.13 56.22
CA ILE B 152 -1.58 16.55 54.92
C ILE B 152 -1.47 17.71 53.95
N SER B 153 -0.26 18.03 53.48
CA SER B 153 -0.09 19.20 52.63
C SER B 153 1.18 19.04 51.79
N PHE B 154 1.36 20.00 50.87
CA PHE B 154 2.70 20.30 50.41
C PHE B 154 3.44 21.00 51.54
N ILE B 155 4.68 20.59 51.78
CA ILE B 155 5.50 21.14 52.86
C ILE B 155 6.78 21.77 52.33
N TYR B 156 7.56 20.99 51.56
CA TYR B 156 8.94 21.27 51.17
C TYR B 156 9.77 21.57 52.42
N PRO B 157 10.09 20.54 53.21
CA PRO B 157 10.60 20.78 54.57
C PRO B 157 12.01 21.34 54.59
N ALA B 158 12.81 21.09 53.55
CA ALA B 158 14.15 21.65 53.50
C ALA B 158 14.13 23.15 53.28
N GLN B 159 13.03 23.67 52.75
CA GLN B 159 12.89 25.09 52.49
C GLN B 159 12.12 25.82 53.57
N ASN B 160 11.59 25.10 54.56
CA ASN B 160 10.80 25.68 55.64
C ASN B 160 11.33 25.17 56.96
N PRO B 161 12.33 25.81 57.55
CA PRO B 161 12.81 25.35 58.86
C PRO B 161 11.92 25.84 60.00
N ASP B 162 11.39 27.04 59.86
CA ASP B 162 10.64 27.65 60.95
C ASP B 162 9.23 27.09 61.04
N LEU B 163 8.65 26.70 59.90
CA LEU B 163 7.39 25.96 59.92
C LEU B 163 7.56 24.63 60.65
N LEU B 164 8.68 23.94 60.41
CA LEU B 164 8.96 22.71 61.14
C LEU B 164 9.16 22.97 62.62
N ASN B 165 9.77 24.09 62.98
CA ASN B 165 9.94 24.41 64.40
C ASN B 165 8.59 24.68 65.07
N LYS B 166 7.73 25.46 64.41
CA LYS B 166 6.44 25.80 64.98
C LYS B 166 5.51 24.59 65.05
N LEU B 167 5.67 23.66 64.12
CA LEU B 167 4.89 22.42 64.19
C LEU B 167 5.46 21.46 65.22
N SER B 168 6.77 21.53 65.48
CA SER B 168 7.33 20.77 66.58
C SER B 168 6.85 21.33 67.92
N LYS B 169 6.59 22.64 67.97
CA LYS B 169 5.97 23.23 69.16
C LYS B 169 4.53 22.76 69.38
N ARG B 170 3.81 22.41 68.32
CA ARG B 170 2.44 21.94 68.47
C ARG B 170 2.37 20.44 68.69
N ASN B 171 3.52 19.75 68.57
CA ASN B 171 3.73 18.35 68.91
C ASN B 171 2.83 17.44 68.07
N THR B 172 2.92 17.56 66.76
CA THR B 172 1.96 16.94 65.84
C THR B 172 2.67 16.05 64.84
N THR B 173 1.86 15.39 64.00
CA THR B 173 2.33 14.46 62.97
C THR B 173 2.01 15.05 61.61
N VAL B 174 3.04 15.24 60.79
CA VAL B 174 2.89 15.91 59.51
C VAL B 174 3.35 14.95 58.41
N LEU B 175 2.50 14.76 57.40
CA LEU B 175 2.89 14.04 56.21
C LEU B 175 3.18 15.04 55.10
N ALA B 176 3.97 14.61 54.12
CA ALA B 176 4.38 15.46 53.01
C ALA B 176 3.87 14.88 51.71
N MET B 177 3.08 15.66 50.98
CA MET B 177 2.60 15.23 49.67
C MET B 177 3.68 15.30 48.62
N ASP B 178 4.74 16.06 48.87
CA ASP B 178 5.80 16.29 47.89
C ASP B 178 7.04 15.44 48.13
N GLN B 179 7.10 14.70 49.23
CA GLN B 179 8.22 13.80 49.50
C GLN B 179 7.88 12.35 49.20
N VAL B 180 6.76 12.10 48.53
CA VAL B 180 6.31 10.76 48.17
C VAL B 180 7.29 10.18 47.16
N PRO B 181 7.89 9.04 47.44
CA PRO B 181 8.87 8.47 46.50
C PRO B 181 8.19 7.92 45.27
N ARG B 182 8.81 8.19 44.12
CA ARG B 182 8.24 7.79 42.84
C ARG B 182 8.64 6.34 42.59
N VAL B 183 7.74 5.44 42.98
CA VAL B 183 7.91 4.02 42.74
C VAL B 183 6.77 3.56 41.85
N THR B 184 6.71 2.27 41.56
CA THR B 184 5.68 1.77 40.64
C THR B 184 4.30 1.77 41.29
N ILE B 185 4.19 1.32 42.55
CA ILE B 185 2.88 1.17 43.16
C ILE B 185 2.28 2.49 43.62
N ALA B 186 3.08 3.55 43.74
CA ALA B 186 2.60 4.81 44.30
C ALA B 186 2.35 5.85 43.22
N GLN B 187 2.30 5.43 41.97
CA GLN B 187 2.03 6.36 40.89
C GLN B 187 0.56 6.73 40.79
N GLY B 188 -0.32 6.01 41.47
CA GLY B 188 -1.71 6.39 41.50
C GLY B 188 -2.01 7.56 42.40
N TYR B 189 -1.07 7.92 43.28
CA TYR B 189 -1.19 9.06 44.17
C TYR B 189 0.11 9.84 44.10
N ASP B 190 0.18 10.77 43.17
CA ASP B 190 1.38 11.59 42.96
C ASP B 190 0.88 12.99 42.61
N ALA B 191 0.95 13.89 43.58
CA ALA B 191 0.43 15.24 43.37
C ALA B 191 1.29 16.02 42.39
N LEU B 192 2.61 15.83 42.44
CA LEU B 192 3.50 16.59 41.57
C LEU B 192 3.35 16.19 40.11
N SER B 193 3.07 14.92 39.84
CA SER B 193 2.83 14.49 38.47
C SER B 193 1.54 15.08 37.92
N SER B 194 0.49 15.12 38.74
CA SER B 194 -0.79 15.68 38.30
C SER B 194 -0.68 17.17 38.07
N MET B 195 0.00 17.87 38.96
CA MET B 195 0.17 19.31 38.79
C MET B 195 1.09 19.63 37.62
N ALA B 196 2.08 18.77 37.35
CA ALA B 196 2.89 18.96 36.15
C ALA B 196 2.08 18.76 34.88
N ASN B 197 1.18 17.78 34.91
CA ASN B 197 0.33 17.50 33.75
C ASN B 197 -0.61 18.68 33.47
N ILE B 198 -1.25 19.20 34.51
CA ILE B 198 -2.15 20.33 34.33
C ILE B 198 -1.39 21.60 33.97
N ALA B 199 -0.20 21.79 34.52
CA ALA B 199 0.59 22.97 34.19
C ALA B 199 1.05 22.94 32.74
N GLY B 200 1.42 21.75 32.24
CA GLY B 200 1.80 21.65 30.85
C GLY B 200 0.64 21.91 29.90
N TYR B 201 -0.53 21.35 30.23
CA TYR B 201 -1.70 21.61 29.40
C TYR B 201 -2.11 23.07 29.46
N LYS B 202 -1.94 23.71 30.61
CA LYS B 202 -2.30 25.11 30.73
C LYS B 202 -1.35 25.98 29.95
N ALA B 203 -0.07 25.63 29.90
CA ALA B 203 0.88 26.40 29.11
C ALA B 203 0.60 26.29 27.63
N VAL B 204 0.18 25.11 27.17
CA VAL B 204 -0.16 24.96 25.76
C VAL B 204 -1.42 25.75 25.42
N VAL B 205 -2.46 25.63 26.23
CA VAL B 205 -3.71 26.34 25.93
C VAL B 205 -3.58 27.84 26.18
N LEU B 206 -2.55 28.26 26.92
CA LEU B 206 -2.32 29.66 27.18
C LEU B 206 -1.38 30.29 26.17
N ALA B 207 -0.58 29.47 25.48
CA ALA B 207 0.32 29.99 24.44
C ALA B 207 -0.48 30.53 23.26
N ALA B 208 -1.35 29.71 22.68
CA ALA B 208 -2.42 30.29 21.89
C ALA B 208 -3.38 31.00 22.83
N ASN B 209 -4.13 31.96 22.27
CA ASN B 209 -4.80 33.12 22.87
C ASN B 209 -3.75 34.21 23.17
N HIS B 210 -2.52 34.06 22.73
CA HIS B 210 -1.61 35.18 22.58
C HIS B 210 -0.87 35.14 21.26
N PHE B 211 -0.77 33.97 20.65
CA PHE B 211 -0.09 33.81 19.37
C PHE B 211 -1.10 34.10 18.28
N GLY B 212 -0.73 34.95 17.33
CA GLY B 212 -1.69 35.47 16.40
C GLY B 212 -1.90 34.68 15.12
N ARG B 213 -1.46 33.43 15.09
CA ARG B 213 -1.65 32.59 13.91
C ARG B 213 -2.11 31.20 14.33
N PHE B 214 -2.44 30.38 13.34
CA PHE B 214 -2.96 29.05 13.59
C PHE B 214 -1.86 28.11 14.06
N PHE B 215 -2.27 26.99 14.64
CA PHE B 215 -1.35 25.88 14.81
C PHE B 215 -1.50 24.85 13.72
N THR B 216 -2.70 24.67 13.20
CA THR B 216 -2.95 23.56 12.29
C THR B 216 -2.46 23.87 10.89
N GLY B 217 -3.05 24.86 10.24
CA GLY B 217 -2.68 25.15 8.87
C GLY B 217 -3.39 24.23 7.92
N GLN B 218 -3.99 24.79 6.87
CA GLN B 218 -4.77 24.02 5.92
C GLN B 218 -4.61 24.62 4.53
N ILE B 219 -4.72 23.79 3.51
CA ILE B 219 -4.77 24.28 2.13
C ILE B 219 -6.24 24.52 1.83
N THR B 220 -6.68 25.73 2.14
CA THR B 220 -7.95 26.22 1.67
C THR B 220 -7.79 26.48 0.17
N ALA B 221 -8.89 26.67 -0.54
CA ALA B 221 -8.79 27.24 -1.88
C ALA B 221 -8.75 28.76 -1.82
N ALA B 222 -7.86 29.27 -0.97
CA ALA B 222 -7.57 30.69 -0.87
C ALA B 222 -6.11 30.94 -0.48
N GLY B 223 -5.31 29.89 -0.33
CA GLY B 223 -3.93 30.08 0.04
C GLY B 223 -3.45 29.12 1.12
N LYS B 224 -2.19 28.73 1.02
CA LYS B 224 -1.54 27.98 2.08
C LYS B 224 -1.41 28.81 3.34
N VAL B 225 -1.69 28.21 4.48
CA VAL B 225 -1.25 28.71 5.77
C VAL B 225 -0.37 27.66 6.41
N PRO B 226 0.85 27.99 6.81
CA PRO B 226 1.77 26.99 7.33
C PRO B 226 1.55 26.79 8.82
N PRO B 227 1.85 25.59 9.33
CA PRO B 227 1.66 25.33 10.76
C PRO B 227 2.68 26.08 11.60
N ALA B 228 2.34 26.26 12.87
CA ALA B 228 3.29 26.75 13.84
C ALA B 228 4.24 25.63 14.24
N LYS B 229 5.46 25.99 14.60
CA LYS B 229 6.49 25.02 14.90
C LYS B 229 6.98 25.23 16.32
N ILE B 230 6.69 24.26 17.19
CA ILE B 230 6.85 24.42 18.63
C ILE B 230 8.05 23.62 19.08
N LEU B 231 8.89 24.23 19.91
CA LEU B 231 10.02 23.56 20.52
C LEU B 231 9.74 23.38 22.00
N ILE B 232 10.14 22.24 22.55
CA ILE B 232 9.90 21.90 23.95
C ILE B 232 11.26 21.57 24.56
N VAL B 233 11.62 22.26 25.63
CA VAL B 233 12.83 21.88 26.36
C VAL B 233 12.43 21.08 27.58
N GLY B 234 12.91 19.84 27.66
CA GLY B 234 12.79 19.08 28.88
C GLY B 234 11.58 18.18 28.87
N GLY B 235 11.80 16.89 28.67
CA GLY B 235 10.70 15.96 28.60
C GLY B 235 10.48 15.20 29.89
N GLY B 236 9.55 15.67 30.72
CA GLY B 236 9.24 14.96 31.94
C GLY B 236 7.79 14.55 31.97
N VAL B 237 7.02 15.16 32.87
CA VAL B 237 5.58 15.00 32.88
C VAL B 237 4.90 16.19 32.21
N ALA B 238 5.37 17.40 32.51
CA ALA B 238 4.80 18.60 31.92
C ALA B 238 5.12 18.68 30.44
N GLY B 239 6.36 18.35 30.06
CA GLY B 239 6.78 18.54 28.68
C GLY B 239 6.08 17.60 27.72
N LEU B 240 5.96 16.32 28.09
CA LEU B 240 5.28 15.36 27.22
C LEU B 240 3.79 15.64 27.11
N ALA B 241 3.17 16.10 28.20
CA ALA B 241 1.77 16.48 28.14
C ALA B 241 1.57 17.68 27.25
N SER B 242 2.51 18.64 27.31
CA SER B 242 2.48 19.76 26.39
C SER B 242 2.67 19.31 24.95
N ALA B 243 3.55 18.34 24.74
CA ALA B 243 3.81 17.84 23.39
C ALA B 243 2.58 17.14 22.83
N GLY B 244 1.88 16.39 23.67
CA GLY B 244 0.66 15.74 23.23
C GLY B 244 -0.44 16.73 22.91
N ALA B 245 -0.61 17.75 23.75
CA ALA B 245 -1.64 18.75 23.51
C ALA B 245 -1.32 19.58 22.28
N ALA B 246 -0.04 19.82 22.01
CA ALA B 246 0.34 20.56 20.82
C ALA B 246 0.29 19.71 19.56
N LYS B 247 0.57 18.42 19.68
CA LYS B 247 0.55 17.55 18.52
C LYS B 247 -0.87 17.25 18.10
N SER B 248 -1.77 17.09 19.06
CA SER B 248 -3.17 16.88 18.75
C SER B 248 -3.84 18.13 18.22
N MET B 249 -3.33 19.31 18.58
CA MET B 249 -3.98 20.52 18.13
C MET B 249 -3.63 20.84 16.69
N GLY B 250 -2.47 20.41 16.22
CA GLY B 250 -2.18 20.52 14.80
C GLY B 250 -0.77 20.98 14.46
N ALA B 251 -0.01 21.41 15.44
CA ALA B 251 1.32 21.92 15.17
C ALA B 251 2.31 20.77 15.04
N ILE B 252 3.58 21.11 14.89
CA ILE B 252 4.65 20.12 14.91
C ILE B 252 5.63 20.45 16.02
N VAL B 253 6.20 19.41 16.62
CA VAL B 253 6.96 19.50 17.86
C VAL B 253 8.37 19.01 17.57
N ARG B 254 9.37 19.67 18.15
CA ARG B 254 10.75 19.23 18.02
C ARG B 254 11.45 19.21 19.38
N GLY B 255 10.84 18.52 20.34
CA GLY B 255 11.33 18.52 21.71
C GLY B 255 12.71 17.91 21.90
N PHE B 256 13.27 18.16 23.07
CA PHE B 256 14.64 17.78 23.39
C PHE B 256 14.75 17.49 24.88
N ASP B 257 15.58 16.51 25.24
CA ASP B 257 15.93 16.23 26.62
C ASP B 257 17.27 15.51 26.64
N THR B 258 17.94 15.56 27.80
CA THR B 258 19.27 14.96 27.92
C THR B 258 19.21 13.45 28.15
N ARG B 259 18.09 12.93 28.64
CA ARG B 259 18.03 11.48 28.82
C ARG B 259 17.76 10.79 27.50
N ALA B 260 17.87 9.48 27.51
CA ALA B 260 17.60 8.69 26.32
C ALA B 260 16.18 8.15 26.27
N ALA B 261 15.56 7.94 27.42
CA ALA B 261 14.20 7.46 27.44
C ALA B 261 13.20 8.55 27.08
N ALA B 262 13.46 9.79 27.51
CA ALA B 262 12.54 10.88 27.21
C ALA B 262 12.54 11.22 25.74
N LEU B 263 13.69 11.07 25.07
CA LEU B 263 13.72 11.25 23.63
C LEU B 263 12.93 10.15 22.92
N GLU B 264 12.98 8.93 23.46
CA GLU B 264 12.20 7.84 22.90
C GLU B 264 10.70 8.09 23.10
N GLN B 265 10.34 8.69 24.22
CA GLN B 265 8.93 9.00 24.45
C GLN B 265 8.48 10.19 23.61
N PHE B 266 9.41 11.07 23.26
CA PHE B 266 9.10 12.10 22.26
C PHE B 266 8.84 11.48 20.90
N LYS B 267 9.64 10.47 20.53
CA LYS B 267 9.37 9.73 19.30
C LYS B 267 8.04 8.99 19.38
N SER B 268 7.69 8.53 20.58
CA SER B 268 6.40 7.88 20.79
C SER B 268 5.25 8.86 20.62
N LEU B 269 5.39 10.08 21.14
CA LEU B 269 4.32 11.06 21.04
C LEU B 269 4.25 11.70 19.67
N GLY B 270 5.26 11.51 18.84
CA GLY B 270 5.26 12.07 17.51
C GLY B 270 6.16 13.27 17.33
N ALA B 271 7.05 13.54 18.28
CA ALA B 271 7.92 14.72 18.20
C ALA B 271 9.11 14.42 17.30
N GLU B 272 9.95 15.42 17.11
CA GLU B 272 11.21 15.27 16.35
C GLU B 272 12.34 15.50 17.34
N PRO B 273 12.87 14.46 17.97
CA PRO B 273 13.88 14.66 19.02
C PRO B 273 15.19 15.14 18.44
N LEU B 274 15.81 16.07 19.15
CA LEU B 274 17.06 16.64 18.70
C LEU B 274 18.22 15.89 19.33
N GLU B 275 19.30 15.77 18.57
CA GLU B 275 20.47 15.05 19.00
C GLU B 275 21.61 16.03 19.16
N VAL B 276 22.33 15.91 20.27
CA VAL B 276 23.45 16.80 20.52
C VAL B 276 24.70 16.06 20.08
N ASP B 277 25.68 16.83 19.60
CA ASP B 277 26.88 16.24 19.02
C ASP B 277 27.76 15.62 20.09
N LEU B 278 27.95 16.33 21.20
CA LEU B 278 28.77 15.82 22.29
C LEU B 278 28.05 14.68 22.99
N LYS B 279 28.62 13.49 22.95
CA LYS B 279 27.92 12.28 23.38
C LYS B 279 28.08 12.10 24.89
N GLU B 280 27.20 12.76 25.62
CA GLU B 280 27.20 12.72 27.08
C GLU B 280 26.14 11.77 27.60
N SER B 281 26.11 11.64 28.92
CA SER B 281 25.08 10.89 29.63
C SER B 281 24.03 11.87 30.15
N GLY B 282 22.95 11.35 30.71
CA GLY B 282 21.91 12.23 31.22
C GLY B 282 21.30 11.76 32.52
N GLU B 283 22.06 11.02 33.32
CA GLU B 283 21.49 10.27 34.43
C GLU B 283 22.24 10.57 35.71
N GLY B 284 21.48 10.76 36.79
CA GLY B 284 22.06 10.90 38.11
C GLY B 284 21.31 10.10 39.16
N GLN B 285 22.02 9.16 39.79
CA GLN B 285 21.55 8.23 40.83
C GLN B 285 20.15 7.67 40.57
N GLY B 286 19.97 7.19 39.34
CA GLY B 286 18.70 6.62 38.95
C GLY B 286 18.27 7.05 37.56
N GLY B 287 17.11 7.69 37.47
CA GLY B 287 16.61 8.15 36.20
C GLY B 287 16.38 9.64 36.21
N TYR B 288 17.27 10.36 36.87
CA TYR B 288 17.05 11.79 37.07
C TYR B 288 18.06 12.58 36.27
N ALA B 289 18.10 13.89 36.48
CA ALA B 289 19.01 14.75 35.75
C ALA B 289 20.07 15.28 36.69
N LYS B 290 21.31 15.23 36.25
CA LYS B 290 22.45 15.78 36.96
C LYS B 290 22.86 17.10 36.34
N GLU B 291 23.60 17.90 37.10
CA GLU B 291 24.11 19.15 36.55
C GLU B 291 25.23 18.85 35.57
N MET B 292 25.06 19.32 34.34
CA MET B 292 25.91 18.87 33.25
C MET B 292 27.16 19.72 33.11
N SER B 293 28.07 19.25 32.27
CA SER B 293 29.34 19.93 32.06
C SER B 293 29.15 21.16 31.19
N LYS B 294 30.08 22.10 31.33
CA LYS B 294 29.96 23.39 30.65
C LYS B 294 30.14 23.26 29.15
N GLU B 295 30.90 22.27 28.72
CA GLU B 295 31.04 21.99 27.30
C GLU B 295 29.72 21.52 26.72
N PHE B 296 29.00 20.70 27.47
CA PHE B 296 27.67 20.28 27.06
C PHE B 296 26.71 21.45 27.01
N ILE B 297 26.83 22.36 27.98
CA ILE B 297 25.96 23.53 28.01
C ILE B 297 26.21 24.40 26.80
N GLU B 298 27.47 24.64 26.47
CA GLU B 298 27.76 25.51 25.34
C GLU B 298 27.54 24.83 23.99
N ALA B 299 27.45 23.50 23.97
CA ALA B 299 27.00 22.84 22.75
C ALA B 299 25.48 22.92 22.61
N GLU B 300 24.78 22.71 23.72
CA GLU B 300 23.31 22.75 23.72
C GLU B 300 22.81 24.15 23.40
N MET B 301 23.49 25.17 23.91
CA MET B 301 23.07 26.54 23.62
C MET B 301 23.37 26.91 22.18
N LYS B 302 24.40 26.31 21.59
CA LYS B 302 24.63 26.52 20.17
C LYS B 302 23.52 25.87 19.33
N LEU B 303 23.11 24.66 19.73
CA LEU B 303 21.98 24.00 19.09
C LEU B 303 20.70 24.81 19.22
N PHE B 304 20.45 25.36 20.41
CA PHE B 304 19.25 26.16 20.63
C PHE B 304 19.33 27.49 19.90
N ALA B 305 20.52 28.05 19.75
CA ALA B 305 20.67 29.27 18.97
C ALA B 305 20.41 29.00 17.50
N GLN B 306 20.75 27.79 17.03
CA GLN B 306 20.37 27.40 15.69
C GLN B 306 18.86 27.22 15.56
N GLN B 307 18.23 26.62 16.57
CA GLN B 307 16.81 26.32 16.46
C GLN B 307 15.93 27.53 16.73
N CYS B 308 16.49 28.57 17.34
CA CYS B 308 15.70 29.68 17.82
C CYS B 308 15.25 30.60 16.71
N LYS B 309 15.90 30.54 15.55
CA LYS B 309 15.57 31.42 14.44
C LYS B 309 14.35 30.96 13.65
N GLU B 310 13.80 29.79 13.94
CA GLU B 310 12.81 29.18 13.07
C GLU B 310 11.57 28.67 13.78
N VAL B 311 11.60 28.47 15.09
CA VAL B 311 10.41 28.05 15.82
C VAL B 311 9.56 29.26 16.13
N ASP B 312 8.32 29.04 16.55
CA ASP B 312 7.44 30.14 16.95
C ASP B 312 7.12 30.12 18.42
N ILE B 313 7.03 28.96 19.05
CA ILE B 313 6.70 28.86 20.46
C ILE B 313 7.74 27.99 21.13
N LEU B 314 8.40 28.55 22.16
CA LEU B 314 9.43 27.84 22.90
C LEU B 314 8.93 27.65 24.31
N ILE B 315 8.69 26.40 24.69
CA ILE B 315 8.23 26.06 26.03
C ILE B 315 9.38 25.33 26.72
N SER B 316 10.10 26.04 27.57
CA SER B 316 11.19 25.44 28.33
C SER B 316 10.62 24.95 29.65
N THR B 317 10.97 23.71 30.01
CA THR B 317 10.55 23.14 31.29
C THR B 317 11.73 22.40 31.93
N ALA B 318 12.90 23.01 31.95
CA ALA B 318 14.08 22.36 32.49
C ALA B 318 14.17 22.60 33.99
N LEU B 319 14.42 21.54 34.74
CA LEU B 319 14.59 21.68 36.18
C LEU B 319 15.41 20.50 36.68
N ILE B 320 16.53 20.78 37.32
CA ILE B 320 17.37 19.74 37.92
C ILE B 320 17.04 19.69 39.41
N PRO B 321 17.12 18.53 40.06
CA PRO B 321 16.74 18.46 41.47
C PRO B 321 17.75 19.14 42.38
N GLY B 322 17.22 19.86 43.37
CA GLY B 322 18.02 20.43 44.44
C GLY B 322 18.80 21.68 44.09
N LYS B 323 18.76 22.13 42.85
CA LYS B 323 19.50 23.31 42.43
C LYS B 323 18.55 24.23 41.67
N LYS B 324 19.11 25.30 41.12
CA LYS B 324 18.29 26.22 40.38
C LYS B 324 18.00 25.68 38.98
N ALA B 325 17.16 26.39 38.26
CA ALA B 325 16.86 26.03 36.90
C ALA B 325 18.06 26.38 36.01
N PRO B 326 18.41 25.52 35.07
CA PRO B 326 19.55 25.81 34.19
C PRO B 326 19.21 26.90 33.18
N ILE B 327 20.05 27.93 33.15
CA ILE B 327 19.92 29.00 32.16
C ILE B 327 20.35 28.44 30.81
N LEU B 328 19.44 28.45 29.85
CA LEU B 328 19.74 27.87 28.54
C LEU B 328 19.56 28.86 27.41
N PHE B 329 19.22 30.11 27.69
CA PHE B 329 18.88 31.06 26.65
C PHE B 329 19.36 32.45 27.03
N ASN B 330 20.19 33.03 26.17
CA ASN B 330 20.65 34.39 26.40
C ASN B 330 19.62 35.39 25.90
N LYS B 331 19.80 36.64 26.33
CA LYS B 331 18.98 37.73 25.82
C LYS B 331 19.29 37.99 24.36
N GLU B 332 20.56 37.88 23.98
CA GLU B 332 20.93 37.93 22.58
C GLU B 332 20.51 36.66 21.85
N MET B 333 20.27 35.58 22.59
CA MET B 333 19.80 34.36 21.95
C MET B 333 18.30 34.39 21.70
N ILE B 334 17.53 34.95 22.63
CA ILE B 334 16.07 34.86 22.56
C ILE B 334 15.46 35.94 21.68
N GLU B 335 16.13 37.08 21.50
CA GLU B 335 15.59 38.14 20.67
C GLU B 335 15.72 37.86 19.18
N SER B 336 16.30 36.72 18.80
CA SER B 336 16.48 36.34 17.42
C SER B 336 15.27 35.65 16.82
N MET B 337 14.14 35.64 17.52
CA MET B 337 12.95 35.02 16.98
C MET B 337 12.18 36.02 16.12
N LYS B 338 11.14 35.51 15.47
CA LYS B 338 10.26 36.34 14.67
C LYS B 338 9.42 37.24 15.58
N GLU B 339 8.85 38.29 14.99
CA GLU B 339 7.91 39.12 15.73
C GLU B 339 6.60 38.38 15.91
N GLY B 340 6.09 38.36 17.13
CA GLY B 340 4.87 37.66 17.45
C GLY B 340 5.05 36.30 18.06
N SER B 341 6.28 35.88 18.33
CA SER B 341 6.52 34.62 18.99
C SER B 341 6.09 34.69 20.45
N VAL B 342 5.76 33.53 21.00
CA VAL B 342 5.27 33.40 22.36
C VAL B 342 6.17 32.41 23.08
N VAL B 343 6.79 32.84 24.17
CA VAL B 343 7.83 32.05 24.82
C VAL B 343 7.44 31.84 26.27
N VAL B 344 7.29 30.57 26.66
CA VAL B 344 6.77 30.20 27.97
C VAL B 344 7.86 29.50 28.76
N ASP B 345 8.03 29.90 30.01
CA ASP B 345 8.86 29.17 30.97
C ASP B 345 7.96 28.60 32.05
N LEU B 346 8.17 27.34 32.41
CA LEU B 346 7.44 26.74 33.52
C LEU B 346 8.30 26.51 34.75
N ALA B 347 9.59 26.82 34.69
CA ALA B 347 10.49 26.64 35.83
C ALA B 347 10.78 27.97 36.51
N ALA B 348 9.81 28.87 36.50
CA ALA B 348 9.99 30.20 37.08
C ALA B 348 9.95 30.16 38.60
N GLU B 349 9.60 29.03 39.21
CA GLU B 349 9.55 28.94 40.66
C GLU B 349 10.95 28.97 41.26
N ALA B 350 11.80 28.02 40.87
CA ALA B 350 13.17 27.97 41.34
C ALA B 350 14.11 28.59 40.30
N GLY B 351 13.94 29.89 40.12
CA GLY B 351 14.76 30.62 39.17
C GLY B 351 14.09 30.82 37.82
N GLY B 352 14.50 30.05 36.83
CA GLY B 352 14.00 30.19 35.48
C GLY B 352 15.02 29.68 34.49
N ASN B 353 14.55 29.38 33.29
CA ASN B 353 15.44 28.90 32.24
C ASN B 353 16.01 30.00 31.38
N PHE B 354 15.58 31.23 31.60
CA PHE B 354 15.94 32.33 30.72
C PHE B 354 16.74 33.35 31.50
N GLU B 355 17.48 34.19 30.78
CA GLU B 355 18.00 35.39 31.39
C GLU B 355 16.93 36.46 31.57
N THR B 356 15.79 36.29 30.92
CA THR B 356 14.74 37.30 30.83
C THR B 356 13.39 36.70 31.21
N THR B 357 13.08 36.71 32.51
CA THR B 357 11.78 36.24 32.98
C THR B 357 11.45 36.97 34.26
N LYS B 358 10.41 37.80 34.23
CA LYS B 358 9.85 38.35 35.46
C LYS B 358 8.78 37.38 35.96
N PRO B 359 8.98 36.73 37.11
CA PRO B 359 8.09 35.63 37.50
C PRO B 359 6.71 36.09 37.94
N GLY B 360 5.82 36.32 36.97
CA GLY B 360 4.48 36.72 37.30
C GLY B 360 3.92 37.77 36.38
N GLU B 361 4.72 38.17 35.40
CA GLU B 361 4.35 39.24 34.49
C GLU B 361 4.34 38.73 33.05
N LEU B 362 3.72 39.51 32.19
CA LEU B 362 3.63 39.24 30.75
C LEU B 362 4.15 40.41 29.96
N TYR B 363 5.30 40.93 30.37
CA TYR B 363 5.90 42.07 29.70
C TYR B 363 6.35 41.65 28.30
N VAL B 364 5.94 42.41 27.30
CA VAL B 364 6.25 42.08 25.92
C VAL B 364 7.63 42.65 25.57
N HIS B 365 8.67 41.89 25.88
CA HIS B 365 10.04 42.35 25.68
C HIS B 365 10.39 42.26 24.20
N LYS B 366 10.35 43.42 23.52
CA LYS B 366 10.76 43.59 22.13
C LYS B 366 9.93 42.73 21.17
N GLY B 367 8.61 42.84 21.30
CA GLY B 367 7.71 42.23 20.35
C GLY B 367 7.44 40.76 20.53
N ILE B 368 8.05 40.11 21.53
CA ILE B 368 7.76 38.73 21.84
C ILE B 368 7.29 38.65 23.29
N THR B 369 6.32 37.79 23.54
CA THR B 369 5.64 37.74 24.82
C THR B 369 6.33 36.75 25.74
N HIS B 370 6.52 37.14 27.00
CA HIS B 370 6.95 36.20 28.02
C HIS B 370 5.75 35.78 28.86
N ILE B 371 5.42 34.50 28.83
CA ILE B 371 4.46 33.94 29.77
C ILE B 371 5.26 33.19 30.81
N GLY B 372 5.33 33.76 32.00
CA GLY B 372 6.24 33.27 33.00
C GLY B 372 5.63 33.17 34.38
N TYR B 373 4.36 32.76 34.47
CA TYR B 373 3.73 32.61 35.76
C TYR B 373 4.40 31.53 36.60
N THR B 374 4.31 31.68 37.91
CA THR B 374 4.72 30.63 38.82
C THR B 374 3.53 29.86 39.38
N ASP B 375 2.31 30.36 39.18
CA ASP B 375 1.11 29.64 39.58
C ASP B 375 0.31 29.24 38.34
N LEU B 376 0.71 28.14 37.75
CA LEU B 376 -0.05 27.57 36.64
C LEU B 376 -1.25 26.70 37.05
N PRO B 377 -1.15 25.76 38.02
CA PRO B 377 -2.35 24.97 38.33
C PRO B 377 -3.45 25.77 38.99
N SER B 378 -3.12 26.89 39.64
CA SER B 378 -4.13 27.72 40.27
C SER B 378 -5.08 28.35 39.27
N ARG B 379 -4.72 28.37 37.99
CA ARG B 379 -5.63 28.86 36.97
C ARG B 379 -6.51 27.77 36.39
N MET B 380 -6.38 26.53 36.85
CA MET B 380 -7.29 25.46 36.47
C MET B 380 -7.82 24.77 37.72
N ALA B 381 -8.32 25.58 38.65
CA ALA B 381 -8.68 25.11 39.99
C ALA B 381 -9.81 24.11 39.99
N THR B 382 -10.75 24.20 39.06
CA THR B 382 -11.79 23.19 38.96
C THR B 382 -11.19 21.86 38.54
N GLN B 383 -10.20 21.89 37.65
CA GLN B 383 -9.54 20.66 37.26
C GLN B 383 -8.65 20.11 38.37
N ALA B 384 -7.76 20.96 38.89
CA ALA B 384 -6.70 20.50 39.80
C ALA B 384 -7.27 19.95 41.09
N SER B 385 -8.30 20.61 41.64
CA SER B 385 -8.93 20.13 42.86
C SER B 385 -9.62 18.79 42.68
N THR B 386 -9.89 18.37 41.45
CA THR B 386 -10.29 16.98 41.29
C THR B 386 -9.11 16.06 41.50
N LEU B 387 -8.03 16.26 40.73
CA LEU B 387 -6.94 15.28 40.70
C LEU B 387 -6.20 15.25 42.02
N TYR B 388 -6.01 16.43 42.62
CA TYR B 388 -5.42 16.51 43.94
C TYR B 388 -6.28 15.80 44.97
N SER B 389 -7.61 15.91 44.85
CA SER B 389 -8.49 15.13 45.72
C SER B 389 -8.30 13.64 45.47
N ASN B 390 -8.17 13.26 44.20
CA ASN B 390 -7.90 11.87 43.88
C ASN B 390 -6.51 11.46 44.32
N ASN B 391 -5.62 12.44 44.50
CA ASN B 391 -4.30 12.10 45.01
C ASN B 391 -4.34 11.85 46.51
N ILE B 392 -5.37 12.34 47.19
CA ILE B 392 -5.42 12.16 48.64
C ILE B 392 -6.23 10.93 49.02
N THR B 393 -7.37 10.73 48.34
CA THR B 393 -8.25 9.61 48.62
C THR B 393 -7.54 8.28 48.44
N LYS B 394 -6.86 8.11 47.31
CA LYS B 394 -6.04 6.93 47.06
C LYS B 394 -4.84 6.85 47.98
N LEU B 395 -4.43 7.96 48.58
CA LEU B 395 -3.50 7.88 49.69
C LEU B 395 -4.17 7.28 50.92
N LEU B 396 -5.31 7.84 51.30
CA LEU B 396 -5.95 7.47 52.56
C LEU B 396 -6.56 6.07 52.51
N LYS B 397 -6.86 5.56 51.32
CA LYS B 397 -7.32 4.18 51.24
C LYS B 397 -6.15 3.21 51.35
N ALA B 398 -4.94 3.67 51.05
CA ALA B 398 -3.82 2.74 51.05
C ALA B 398 -3.10 2.68 52.38
N ILE B 399 -3.03 3.77 53.14
CA ILE B 399 -2.25 3.78 54.37
C ILE B 399 -2.94 3.04 55.50
N SER B 400 -4.25 2.90 55.47
CA SER B 400 -4.99 2.18 56.49
C SER B 400 -5.99 1.28 55.78
N PRO B 401 -5.54 0.17 55.24
CA PRO B 401 -6.41 -0.59 54.31
C PRO B 401 -7.33 -1.57 55.02
N ASP B 402 -8.18 -1.06 55.91
CA ASP B 402 -9.06 -1.90 56.69
C ASP B 402 -10.33 -1.15 57.03
N LYS B 403 -11.14 -1.78 57.88
CA LYS B 403 -12.48 -1.29 58.18
C LYS B 403 -12.47 0.06 58.88
N ASP B 404 -11.99 0.11 60.12
CA ASP B 404 -11.77 1.41 60.80
C ASP B 404 -10.68 1.25 61.86
N ASN B 405 -9.44 1.53 61.48
CA ASN B 405 -8.41 1.58 62.50
C ASN B 405 -7.49 2.78 62.39
N PHE B 406 -7.11 3.19 61.17
CA PHE B 406 -6.25 4.33 60.89
C PHE B 406 -4.91 4.18 61.61
N TYR B 407 -4.07 3.25 61.19
CA TYR B 407 -2.86 2.98 61.96
C TYR B 407 -1.58 3.40 61.24
N PHE B 408 -1.29 2.84 60.05
CA PHE B 408 -0.08 3.06 59.25
C PHE B 408 1.22 3.03 60.06
N GLU B 409 1.68 1.83 60.43
CA GLU B 409 2.96 1.66 61.12
C GLU B 409 4.11 2.34 60.38
N VAL B 410 4.76 3.26 61.09
CA VAL B 410 5.90 4.02 60.55
C VAL B 410 7.16 3.30 61.03
N LYS B 411 7.69 2.44 60.19
CA LYS B 411 8.83 1.61 60.55
C LYS B 411 10.11 2.12 59.89
N ASP B 412 11.24 1.89 60.55
CA ASP B 412 12.50 2.40 60.04
C ASP B 412 13.06 1.54 58.93
N ASP B 413 12.75 0.24 58.93
CA ASP B 413 13.27 -0.67 57.90
C ASP B 413 12.31 -0.74 56.73
N PHE B 414 12.86 -0.56 55.54
CA PHE B 414 12.09 -0.53 54.30
C PHE B 414 13.06 -0.86 53.19
N ASP B 415 12.59 -1.55 52.15
CA ASP B 415 13.59 -1.92 51.16
C ASP B 415 13.44 -1.16 49.84
N PHE B 416 12.38 -1.42 49.09
CA PHE B 416 12.08 -0.74 47.83
C PHE B 416 10.73 -1.25 47.39
N GLY B 417 9.84 -0.38 46.91
CA GLY B 417 8.58 -0.80 46.35
C GLY B 417 7.53 -1.22 47.37
N THR B 418 7.95 -1.64 48.55
CA THR B 418 7.11 -1.96 49.68
C THR B 418 6.44 -0.66 50.15
N MET B 419 5.30 -0.80 50.80
CA MET B 419 4.62 0.41 51.25
C MET B 419 5.34 1.06 52.42
N GLY B 420 6.13 0.31 53.19
CA GLY B 420 6.92 0.90 54.25
C GLY B 420 7.94 1.89 53.76
N HIS B 421 8.42 1.71 52.53
CA HIS B 421 9.21 2.70 51.83
C HIS B 421 8.46 4.02 51.72
N VAL B 422 7.20 3.95 51.29
CA VAL B 422 6.38 5.14 51.11
C VAL B 422 6.08 5.79 52.47
N ILE B 423 5.80 4.97 53.47
CA ILE B 423 5.42 5.47 54.79
C ILE B 423 6.61 6.15 55.47
N ARG B 424 7.80 5.58 55.32
CA ARG B 424 9.00 6.23 55.85
C ARG B 424 9.34 7.50 55.08
N GLY B 425 9.21 7.49 53.76
CA GLY B 425 9.52 8.70 53.01
C GLY B 425 8.53 9.83 53.23
N THR B 426 7.28 9.51 53.50
CA THR B 426 6.24 10.53 53.51
C THR B 426 6.19 11.29 54.82
N VAL B 427 6.25 10.57 55.94
CA VAL B 427 6.15 11.21 57.25
C VAL B 427 7.42 12.01 57.51
N VAL B 428 7.26 13.33 57.59
CA VAL B 428 8.36 14.22 57.91
C VAL B 428 8.43 14.54 59.39
N MET B 429 7.29 14.79 60.03
CA MET B 429 7.26 14.97 61.46
C MET B 429 6.38 13.91 62.07
N LYS B 430 6.87 13.25 63.11
CA LYS B 430 6.06 12.34 63.91
C LYS B 430 6.12 12.80 65.36
N ASP B 431 5.01 13.36 65.84
CA ASP B 431 4.83 13.83 67.22
C ASP B 431 5.89 14.85 67.60
N GLY B 432 6.03 15.89 66.79
CA GLY B 432 7.01 16.93 67.02
C GLY B 432 8.41 16.61 66.54
N GLN B 433 8.84 15.36 66.71
CA GLN B 433 10.20 14.95 66.35
C GLN B 433 10.27 14.77 64.83
N VAL B 434 11.26 15.39 64.21
CA VAL B 434 11.36 15.46 62.76
C VAL B 434 12.24 14.32 62.23
N ILE B 435 11.75 13.64 61.21
CA ILE B 435 12.45 12.51 60.60
C ILE B 435 12.66 12.74 59.11
N PHE B 436 12.89 14.00 58.73
CA PHE B 436 12.99 14.37 57.31
C PHE B 436 14.14 13.73 56.54
N PRO B 437 15.38 13.59 57.06
CA PRO B 437 16.36 12.80 56.30
C PRO B 437 16.01 11.33 56.28
N ALA B 438 15.54 10.86 55.13
CA ALA B 438 15.12 9.48 54.99
C ALA B 438 16.34 8.57 54.81
N PRO B 439 16.32 7.37 55.38
CA PRO B 439 17.47 6.48 55.26
C PRO B 439 17.59 5.88 53.87
N THR B 440 18.64 5.09 53.70
CA THR B 440 18.95 4.42 52.45
C THR B 440 17.94 3.29 52.18
N PRO B 441 17.69 2.99 50.91
CA PRO B 441 16.88 1.81 50.59
C PRO B 441 17.66 0.54 50.86
N LYS B 442 16.94 -0.49 51.29
CA LYS B 442 17.54 -1.82 51.39
C LYS B 442 17.53 -2.50 50.02
N ASN B 443 17.60 -3.83 50.05
CA ASN B 443 18.37 -4.69 49.16
C ASN B 443 18.69 -4.22 47.75
N ILE B 444 17.70 -3.83 46.95
CA ILE B 444 17.93 -3.36 45.59
C ILE B 444 17.13 -2.09 45.36
N PRO B 445 17.76 -1.02 44.95
CA PRO B 445 17.02 0.07 44.29
C PRO B 445 17.04 -0.23 42.78
N GLN B 446 16.23 -1.24 42.42
CA GLN B 446 16.15 -1.89 41.10
C GLN B 446 17.48 -2.15 40.42
N ALA B 464 24.48 -16.33 11.89
CA ALA B 464 24.95 -16.75 10.58
C ALA B 464 26.00 -17.84 10.73
N THR B 465 25.55 -19.06 10.99
CA THR B 465 26.42 -20.22 11.10
C THR B 465 26.61 -20.93 9.77
N ILE B 466 26.29 -20.29 8.65
CA ILE B 466 26.35 -20.96 7.36
C ILE B 466 27.41 -20.37 6.43
N THR B 467 27.90 -19.14 6.68
CA THR B 467 29.05 -18.50 6.01
C THR B 467 28.87 -18.48 4.50
N PRO B 468 28.11 -17.52 3.95
CA PRO B 468 27.34 -17.73 2.71
C PRO B 468 28.14 -18.06 1.43
N PHE B 469 29.45 -18.25 1.49
CA PHE B 469 30.11 -19.00 0.44
C PHE B 469 29.55 -20.41 0.30
N ARG B 470 29.27 -21.06 1.44
CA ARG B 470 28.73 -22.41 1.42
C ARG B 470 27.33 -22.47 0.85
N LYS B 471 26.57 -21.38 0.90
CA LYS B 471 25.27 -21.33 0.23
C LYS B 471 25.41 -21.49 -1.28
N THR B 472 26.33 -20.72 -1.87
CA THR B 472 26.60 -20.85 -3.30
C THR B 472 27.16 -22.22 -3.64
N MET B 473 27.99 -22.76 -2.75
CA MET B 473 28.55 -24.09 -2.98
C MET B 473 27.48 -25.18 -2.99
N THR B 474 26.57 -25.14 -2.00
CA THR B 474 25.54 -26.18 -1.96
C THR B 474 24.51 -26.00 -3.06
N SER B 475 24.29 -24.78 -3.53
CA SER B 475 23.37 -24.59 -4.65
C SER B 475 23.96 -25.15 -5.92
N ALA B 476 25.23 -24.84 -6.20
CA ALA B 476 25.88 -25.41 -7.37
C ALA B 476 26.02 -26.91 -7.27
N SER B 477 26.14 -27.43 -6.05
CA SER B 477 26.15 -28.87 -5.84
C SER B 477 24.84 -29.52 -6.22
N VAL B 478 23.72 -28.90 -5.83
CA VAL B 478 22.39 -29.45 -6.16
C VAL B 478 22.20 -29.47 -7.67
N TYR B 479 22.54 -28.37 -8.34
CA TYR B 479 22.33 -28.36 -9.79
C TYR B 479 23.28 -29.30 -10.51
N THR B 480 24.52 -29.45 -10.04
CA THR B 480 25.40 -30.34 -10.78
C THR B 480 25.06 -31.81 -10.53
N ALA B 481 24.52 -32.13 -9.35
CA ALA B 481 24.02 -33.49 -9.12
C ALA B 481 22.81 -33.77 -9.98
N GLY B 482 21.96 -32.76 -10.19
CA GLY B 482 20.81 -32.93 -11.07
C GLY B 482 21.19 -33.14 -12.52
N LEU B 483 22.19 -32.39 -12.99
CA LEU B 483 22.60 -32.57 -14.38
C LEU B 483 23.29 -33.92 -14.60
N THR B 484 24.03 -34.39 -13.58
CA THR B 484 24.56 -35.76 -13.66
C THR B 484 23.46 -36.81 -13.65
N GLY B 485 22.40 -36.58 -12.89
CA GLY B 485 21.29 -37.53 -12.89
C GLY B 485 20.59 -37.60 -14.24
N ILE B 486 20.43 -36.45 -14.89
CA ILE B 486 19.87 -36.42 -16.24
C ILE B 486 20.77 -37.18 -17.21
N LEU B 487 22.08 -37.02 -17.06
CA LEU B 487 23.01 -37.76 -17.93
C LEU B 487 22.94 -39.26 -17.66
N GLY B 488 22.82 -39.65 -16.39
CA GLY B 488 22.73 -41.06 -16.07
C GLY B 488 21.45 -41.70 -16.57
N LEU B 489 20.35 -40.95 -16.56
CA LEU B 489 19.14 -41.45 -17.20
C LEU B 489 19.32 -41.56 -18.70
N GLY B 490 20.12 -40.66 -19.29
CA GLY B 490 20.35 -40.73 -20.72
C GLY B 490 21.16 -41.93 -21.15
N ILE B 491 22.15 -42.32 -20.34
CA ILE B 491 23.05 -43.39 -20.74
C ILE B 491 22.34 -44.74 -20.78
N ALA B 492 21.43 -44.97 -19.84
CA ALA B 492 20.79 -46.26 -19.71
C ALA B 492 19.51 -46.40 -20.53
N ALA B 493 19.34 -45.60 -21.57
CA ALA B 493 18.10 -45.64 -22.33
C ALA B 493 18.06 -46.86 -23.26
N PRO B 494 16.92 -47.53 -23.35
CA PRO B 494 16.81 -48.67 -24.26
C PRO B 494 16.55 -48.28 -25.70
N ASN B 495 15.79 -47.21 -25.94
CA ASN B 495 15.43 -46.79 -27.28
C ASN B 495 14.92 -45.35 -27.21
N LEU B 496 14.33 -44.89 -28.32
CA LEU B 496 13.86 -43.52 -28.42
C LEU B 496 12.65 -43.28 -27.53
N ALA B 497 11.82 -44.31 -27.34
CA ALA B 497 10.56 -44.16 -26.62
C ALA B 497 10.78 -43.77 -25.18
N PHE B 498 11.85 -44.28 -24.57
CA PHE B 498 12.15 -43.90 -23.20
C PHE B 498 12.58 -42.45 -23.10
N SER B 499 13.36 -41.97 -24.07
CA SER B 499 13.79 -40.58 -24.05
C SER B 499 12.62 -39.63 -24.22
N GLN B 500 11.74 -39.96 -25.16
CA GLN B 500 10.54 -39.17 -25.39
C GLN B 500 9.63 -39.17 -24.16
N MET B 501 9.56 -40.30 -23.48
CA MET B 501 8.68 -40.39 -22.33
C MET B 501 9.25 -39.66 -21.14
N VAL B 502 10.58 -39.64 -20.99
CA VAL B 502 11.16 -38.86 -19.90
C VAL B 502 11.00 -37.37 -20.19
N THR B 503 10.98 -36.98 -21.47
CA THR B 503 10.72 -35.58 -21.81
C THR B 503 9.33 -35.14 -21.38
N THR B 504 8.30 -35.88 -21.81
CA THR B 504 6.94 -35.51 -21.41
C THR B 504 6.70 -35.72 -19.92
N PHE B 505 7.46 -36.62 -19.28
CA PHE B 505 7.42 -36.77 -17.83
C PHE B 505 7.91 -35.52 -17.11
N GLY B 506 9.08 -35.00 -17.49
CA GLY B 506 9.62 -33.85 -16.80
C GLY B 506 8.79 -32.61 -17.01
N LEU B 507 8.22 -32.46 -18.21
CA LEU B 507 7.33 -31.33 -18.44
C LEU B 507 6.06 -31.45 -17.61
N ALA B 508 5.50 -32.66 -17.49
CA ALA B 508 4.32 -32.83 -16.65
C ALA B 508 4.65 -32.58 -15.19
N GLY B 509 5.89 -32.87 -14.77
CA GLY B 509 6.29 -32.59 -13.41
C GLY B 509 6.29 -31.10 -13.09
N ILE B 510 6.84 -30.29 -14.00
CA ILE B 510 6.87 -28.86 -13.74
C ILE B 510 5.47 -28.25 -13.81
N VAL B 511 4.66 -28.72 -14.77
CA VAL B 511 3.27 -28.27 -14.86
C VAL B 511 2.52 -28.59 -13.59
N GLY B 512 2.75 -29.77 -13.02
CA GLY B 512 2.10 -30.10 -11.77
C GLY B 512 2.64 -29.34 -10.57
N TYR B 513 3.88 -28.89 -10.64
CA TYR B 513 4.41 -28.08 -9.54
C TYR B 513 3.73 -26.72 -9.50
N HIS B 514 3.65 -26.06 -10.64
CA HIS B 514 3.15 -24.69 -10.60
C HIS B 514 1.65 -24.57 -10.41
N THR B 515 0.89 -25.66 -10.40
CA THR B 515 -0.53 -25.55 -10.69
C THR B 515 -1.43 -25.58 -9.47
N VAL B 516 -0.89 -25.46 -8.25
CA VAL B 516 -1.85 -25.39 -7.17
C VAL B 516 -1.83 -24.01 -6.52
N TRP B 517 -0.90 -23.78 -5.58
CA TRP B 517 -0.43 -22.50 -5.04
C TRP B 517 -1.44 -21.43 -4.66
N GLY B 518 -2.73 -21.67 -4.81
CA GLY B 518 -3.65 -20.58 -4.60
C GLY B 518 -4.91 -21.04 -3.93
N VAL B 519 -4.84 -22.19 -3.27
CA VAL B 519 -6.02 -22.80 -2.68
C VAL B 519 -6.39 -22.06 -1.41
N THR B 520 -7.60 -22.31 -0.93
CA THR B 520 -8.20 -21.64 0.19
C THR B 520 -8.25 -22.69 1.28
N PRO B 521 -8.08 -22.33 2.54
CA PRO B 521 -8.21 -23.32 3.63
C PRO B 521 -9.57 -23.97 3.74
N ALA B 522 -10.61 -23.41 3.14
CA ALA B 522 -11.85 -24.14 3.04
C ALA B 522 -11.75 -25.28 2.03
N LEU B 523 -10.77 -25.23 1.14
CA LEU B 523 -10.73 -26.08 -0.04
C LEU B 523 -9.55 -27.05 -0.05
N HIS B 524 -9.09 -27.52 1.11
CA HIS B 524 -8.08 -28.56 1.07
C HIS B 524 -8.68 -29.90 0.64
N SER B 525 -9.55 -30.44 1.45
CA SER B 525 -10.23 -31.69 1.09
C SER B 525 -11.22 -31.66 -0.09
N PRO B 526 -11.88 -30.56 -0.47
CA PRO B 526 -12.70 -30.61 -1.69
C PRO B 526 -11.95 -30.81 -2.99
N LEU B 527 -10.62 -30.70 -3.03
CA LEU B 527 -9.94 -31.00 -4.25
C LEU B 527 -9.26 -32.36 -4.22
N MET B 528 -8.91 -32.83 -3.02
CA MET B 528 -8.23 -34.11 -2.85
C MET B 528 -9.02 -35.26 -3.44
N SER B 529 -10.36 -35.21 -3.29
CA SER B 529 -11.26 -36.18 -3.92
C SER B 529 -11.03 -36.28 -5.42
N VAL B 530 -10.92 -35.13 -6.09
CA VAL B 530 -10.70 -35.11 -7.54
C VAL B 530 -9.37 -35.76 -7.87
N THR B 531 -8.33 -35.50 -7.06
CA THR B 531 -7.07 -36.17 -7.29
C THR B 531 -7.23 -37.68 -7.11
N ASN B 532 -8.03 -38.07 -6.11
CA ASN B 532 -8.48 -39.44 -5.96
C ASN B 532 -9.15 -39.93 -7.23
N ALA B 533 -10.11 -39.15 -7.74
CA ALA B 533 -10.78 -39.51 -8.98
C ALA B 533 -9.81 -39.52 -10.14
N ILE B 534 -8.87 -38.57 -10.18
CA ILE B 534 -7.90 -38.61 -11.26
C ILE B 534 -6.90 -39.73 -11.01
N SER B 535 -6.65 -40.09 -9.74
CA SER B 535 -5.85 -41.27 -9.50
C SER B 535 -6.67 -42.54 -9.63
N GLY B 536 -7.92 -42.45 -10.03
CA GLY B 536 -8.67 -43.65 -10.33
C GLY B 536 -8.35 -44.16 -11.71
N LEU B 537 -7.43 -43.52 -12.40
CA LEU B 537 -7.11 -43.85 -13.78
C LEU B 537 -5.94 -44.82 -13.83
N THR B 538 -5.88 -45.74 -12.86
CA THR B 538 -5.03 -46.91 -13.00
C THR B 538 -5.69 -47.97 -13.86
N ALA B 539 -6.95 -47.76 -14.22
CA ALA B 539 -7.75 -48.76 -14.91
C ALA B 539 -7.29 -49.02 -16.33
N VAL B 540 -6.50 -48.12 -16.89
CA VAL B 540 -5.98 -48.32 -18.24
C VAL B 540 -5.02 -49.49 -18.26
N GLY B 541 -4.28 -49.69 -17.16
CA GLY B 541 -3.40 -50.85 -17.07
C GLY B 541 -4.17 -52.16 -17.07
N GLY B 542 -5.37 -52.15 -16.50
CA GLY B 542 -6.24 -53.29 -16.69
C GLY B 542 -6.78 -53.37 -18.10
N LEU B 543 -6.98 -52.21 -18.75
CA LEU B 543 -7.60 -52.24 -20.06
C LEU B 543 -6.63 -52.64 -21.15
N VAL B 544 -5.34 -52.52 -20.93
CA VAL B 544 -4.40 -52.87 -21.99
C VAL B 544 -3.86 -54.27 -21.76
N LEU B 545 -4.41 -54.98 -20.81
CA LEU B 545 -3.90 -56.31 -20.50
C LEU B 545 -4.98 -57.36 -20.35
N MET B 546 -6.22 -57.08 -20.69
CA MET B 546 -7.24 -58.10 -20.84
C MET B 546 -7.24 -58.59 -22.27
N GLY B 547 -7.82 -59.76 -22.49
CA GLY B 547 -7.84 -60.31 -23.83
C GLY B 547 -8.56 -61.63 -23.92
N GLY B 548 -8.23 -62.38 -24.97
CA GLY B 548 -8.85 -63.68 -25.18
C GLY B 548 -10.28 -63.53 -25.64
N HIS B 549 -11.20 -64.09 -24.86
CA HIS B 549 -12.62 -63.92 -25.13
C HIS B 549 -13.31 -63.34 -23.90
N LEU B 550 -14.65 -63.45 -23.90
CA LEU B 550 -15.49 -62.89 -22.83
C LEU B 550 -15.05 -63.36 -21.45
N TYR B 551 -14.67 -64.63 -21.33
CA TYR B 551 -14.10 -64.86 -20.03
C TYR B 551 -12.58 -64.69 -20.09
N PRO B 552 -11.95 -64.23 -19.02
CA PRO B 552 -10.49 -64.11 -19.01
C PRO B 552 -9.85 -65.49 -18.94
N SER B 553 -9.16 -65.86 -20.02
CA SER B 553 -8.65 -67.22 -20.12
C SER B 553 -7.32 -67.37 -19.39
N THR B 554 -6.44 -66.38 -19.50
CA THR B 554 -5.13 -66.47 -18.85
C THR B 554 -5.11 -65.65 -17.57
N THR B 555 -4.18 -66.01 -16.69
CA THR B 555 -4.12 -65.39 -15.37
C THR B 555 -3.65 -63.95 -15.42
N SER B 556 -2.92 -63.58 -16.47
CA SER B 556 -2.59 -62.17 -16.68
C SER B 556 -3.84 -61.38 -16.98
N GLN B 557 -4.71 -61.93 -17.83
CA GLN B 557 -5.99 -61.30 -18.11
C GLN B 557 -6.88 -61.30 -16.88
N GLY B 558 -6.75 -62.30 -16.02
CA GLY B 558 -7.52 -62.31 -14.78
C GLY B 558 -7.09 -61.21 -13.82
N LEU B 559 -5.78 -61.00 -13.68
CA LEU B 559 -5.31 -59.91 -12.83
C LEU B 559 -5.67 -58.56 -13.41
N ALA B 560 -5.65 -58.43 -14.73
CA ALA B 560 -6.08 -57.19 -15.37
C ALA B 560 -7.57 -56.94 -15.16
N ALA B 561 -8.37 -58.00 -15.18
CA ALA B 561 -9.80 -57.87 -14.92
C ALA B 561 -10.06 -57.43 -13.49
N LEU B 562 -9.31 -58.01 -12.53
CA LEU B 562 -9.43 -57.58 -11.15
C LEU B 562 -9.01 -56.12 -10.97
N ALA B 563 -7.95 -55.70 -11.66
CA ALA B 563 -7.47 -54.33 -11.53
C ALA B 563 -8.47 -53.33 -12.08
N THR B 564 -8.96 -53.56 -13.29
CA THR B 564 -9.94 -52.63 -13.84
C THR B 564 -11.31 -52.77 -13.19
N PHE B 565 -11.57 -53.84 -12.43
CA PHE B 565 -12.80 -53.81 -11.66
C PHE B 565 -12.64 -52.97 -10.43
N ILE B 566 -11.56 -53.17 -9.69
CA ILE B 566 -11.42 -52.44 -8.43
C ILE B 566 -11.10 -50.98 -8.65
N SER B 567 -10.64 -50.59 -9.84
CA SER B 567 -10.30 -49.21 -10.08
C SER B 567 -11.36 -48.45 -10.86
N SER B 568 -12.54 -49.03 -11.05
CA SER B 568 -13.64 -48.23 -11.53
C SER B 568 -14.41 -47.61 -10.38
N VAL B 569 -14.38 -48.31 -9.25
CA VAL B 569 -14.99 -47.83 -8.01
C VAL B 569 -14.39 -46.49 -7.62
N ASN B 570 -13.08 -46.35 -7.77
CA ASN B 570 -12.38 -45.13 -7.39
C ASN B 570 -12.85 -43.95 -8.22
N ILE B 571 -13.01 -44.17 -9.52
CA ILE B 571 -13.43 -43.10 -10.42
C ILE B 571 -14.82 -42.64 -10.06
N ALA B 572 -15.76 -43.58 -10.01
CA ALA B 572 -17.17 -43.22 -9.84
C ALA B 572 -17.43 -42.61 -8.46
N GLY B 573 -16.93 -43.27 -7.41
CA GLY B 573 -17.12 -42.75 -6.07
C GLY B 573 -16.35 -41.48 -5.80
N GLY B 574 -15.18 -41.32 -6.40
CA GLY B 574 -14.41 -40.10 -6.17
C GLY B 574 -15.07 -38.90 -6.79
N PHE B 575 -15.62 -39.05 -7.99
CA PHE B 575 -16.33 -37.91 -8.56
C PHE B 575 -17.66 -37.65 -7.86
N LEU B 576 -18.33 -38.69 -7.35
CA LEU B 576 -19.58 -38.40 -6.64
C LEU B 576 -19.31 -37.73 -5.31
N VAL B 577 -18.26 -38.13 -4.60
CA VAL B 577 -18.00 -37.43 -3.35
C VAL B 577 -17.38 -36.07 -3.59
N THR B 578 -16.80 -35.82 -4.76
CA THR B 578 -16.51 -34.44 -5.12
C THR B 578 -17.79 -33.64 -5.25
N GLN B 579 -18.77 -34.20 -5.95
CA GLN B 579 -20.07 -33.54 -6.14
C GLN B 579 -20.77 -33.30 -4.82
N ARG B 580 -20.57 -34.19 -3.85
CA ARG B 580 -21.14 -33.99 -2.52
C ARG B 580 -20.28 -33.14 -1.60
N MET B 581 -19.01 -32.93 -1.93
CA MET B 581 -18.23 -31.97 -1.18
C MET B 581 -18.29 -30.58 -1.78
N LEU B 582 -18.97 -30.42 -2.90
CA LEU B 582 -19.27 -29.09 -3.43
C LEU B 582 -20.67 -28.61 -3.11
N ASP B 583 -21.59 -29.51 -2.74
CA ASP B 583 -22.92 -29.08 -2.37
C ASP B 583 -22.97 -28.40 -1.02
N MET B 584 -21.97 -28.63 -0.17
CA MET B 584 -21.94 -28.10 1.18
C MET B 584 -21.38 -26.68 1.25
N PHE B 585 -21.21 -26.01 0.13
CA PHE B 585 -20.88 -24.60 0.09
C PHE B 585 -22.03 -23.72 -0.35
N LYS B 586 -23.05 -24.30 -0.98
CA LYS B 586 -24.08 -23.54 -1.66
C LYS B 586 -25.07 -22.99 -0.63
N ARG B 587 -24.90 -21.72 -0.28
CA ARG B 587 -25.82 -21.02 0.60
C ARG B 587 -27.18 -20.86 -0.08
N PRO B 588 -28.26 -20.67 0.71
CA PRO B 588 -29.57 -20.47 0.08
C PRO B 588 -29.83 -19.05 -0.41
N THR B 589 -28.85 -18.42 -1.03
CA THR B 589 -29.06 -17.11 -1.65
C THR B 589 -28.28 -16.98 -2.95
N ASP B 590 -27.70 -18.02 -3.38
CA ASP B 590 -26.76 -17.99 -4.48
C ASP B 590 -27.48 -18.14 -5.82
N PRO B 591 -27.00 -17.45 -6.86
CA PRO B 591 -27.69 -17.46 -8.15
C PRO B 591 -27.61 -18.82 -8.82
N PRO B 592 -28.71 -19.30 -9.40
CA PRO B 592 -28.73 -20.63 -10.01
C PRO B 592 -27.86 -20.70 -11.26
N GLU B 593 -26.76 -21.42 -11.15
CA GLU B 593 -25.90 -21.74 -12.26
C GLU B 593 -26.47 -22.90 -13.05
N TYR B 594 -25.77 -23.25 -14.13
CA TYR B 594 -26.29 -24.21 -15.10
C TYR B 594 -25.17 -25.19 -15.44
N ASN B 595 -25.06 -26.25 -14.64
CA ASN B 595 -23.95 -27.19 -14.80
C ASN B 595 -24.07 -28.02 -16.05
N TYR B 596 -25.29 -28.21 -16.58
CA TYR B 596 -25.47 -29.07 -17.72
C TYR B 596 -24.88 -28.48 -18.99
N LEU B 597 -24.65 -27.16 -19.01
CA LEU B 597 -23.87 -26.54 -20.08
C LEU B 597 -22.49 -27.13 -20.20
N TYR B 598 -21.90 -27.55 -19.08
CA TYR B 598 -20.62 -28.22 -19.09
C TYR B 598 -20.65 -29.59 -19.75
N LEU B 599 -21.83 -30.13 -20.11
CA LEU B 599 -21.86 -31.31 -20.96
C LEU B 599 -21.49 -31.00 -22.40
N LEU B 600 -21.52 -29.73 -22.77
CA LEU B 600 -21.25 -29.35 -24.15
C LEU B 600 -19.82 -29.65 -24.64
N PRO B 601 -18.76 -29.59 -23.82
CA PRO B 601 -17.50 -30.17 -24.30
C PRO B 601 -17.54 -31.66 -24.46
N ALA B 602 -18.19 -32.38 -23.54
CA ALA B 602 -17.99 -33.81 -23.38
C ALA B 602 -18.45 -34.60 -24.60
N GLY B 603 -19.71 -34.39 -25.02
CA GLY B 603 -20.18 -35.01 -26.24
C GLY B 603 -19.44 -34.52 -27.47
N THR B 604 -18.93 -33.29 -27.42
CA THR B 604 -18.02 -32.82 -28.44
C THR B 604 -16.69 -33.55 -28.38
N PHE B 605 -16.19 -33.83 -27.19
CA PHE B 605 -14.87 -34.40 -27.06
C PHE B 605 -14.85 -35.92 -27.06
N VAL B 606 -15.77 -36.55 -26.33
CA VAL B 606 -15.83 -38.00 -26.34
C VAL B 606 -16.50 -38.45 -27.63
N GLY B 607 -17.76 -38.05 -27.80
CA GLY B 607 -18.56 -38.55 -28.91
C GLY B 607 -18.11 -38.04 -30.25
N GLY B 608 -17.66 -36.79 -30.32
CA GLY B 608 -17.03 -36.29 -31.53
C GLY B 608 -15.75 -37.02 -31.89
N TYR B 609 -15.10 -37.62 -30.90
CA TYR B 609 -14.02 -38.57 -31.17
C TYR B 609 -14.50 -39.78 -31.96
N LEU B 610 -15.70 -40.29 -31.66
CA LEU B 610 -16.07 -41.63 -32.10
C LEU B 610 -16.26 -41.72 -33.61
N ALA B 611 -16.69 -40.62 -34.23
CA ALA B 611 -16.78 -40.57 -35.69
C ALA B 611 -15.41 -40.72 -36.33
N SER B 612 -14.36 -40.25 -35.65
CA SER B 612 -13.01 -40.45 -36.14
C SER B 612 -12.59 -41.90 -36.07
N LEU B 613 -13.19 -42.66 -35.15
CA LEU B 613 -12.98 -44.10 -35.21
C LEU B 613 -13.89 -44.72 -36.25
N TYR B 614 -15.02 -44.07 -36.53
CA TYR B 614 -15.87 -44.47 -37.63
C TYR B 614 -15.29 -44.03 -38.98
N SER B 615 -14.43 -43.03 -39.00
CA SER B 615 -13.84 -42.58 -40.25
C SER B 615 -12.39 -43.04 -40.42
N GLY B 616 -11.97 -44.02 -39.64
CA GLY B 616 -10.64 -44.60 -39.81
C GLY B 616 -9.48 -43.76 -39.35
N TYR B 617 -9.73 -42.67 -38.63
CA TYR B 617 -8.65 -41.85 -38.10
C TYR B 617 -8.22 -42.41 -36.74
N ASN B 618 -6.96 -42.79 -36.64
CA ASN B 618 -6.42 -43.38 -35.42
C ASN B 618 -5.89 -42.30 -34.49
N ILE B 619 -6.79 -41.77 -33.67
CA ILE B 619 -6.48 -40.65 -32.81
C ILE B 619 -6.41 -41.18 -31.38
N GLU B 620 -5.20 -41.32 -30.86
CA GLU B 620 -5.07 -41.77 -29.48
C GLU B 620 -4.16 -40.80 -28.74
N GLN B 621 -3.12 -40.35 -29.42
CA GLN B 621 -2.12 -39.51 -28.78
C GLN B 621 -2.64 -38.12 -28.51
N ILE B 622 -3.37 -37.56 -29.47
CA ILE B 622 -3.90 -36.23 -29.27
C ILE B 622 -5.06 -36.29 -28.27
N MET B 623 -5.74 -37.43 -28.19
CA MET B 623 -6.71 -37.65 -27.14
C MET B 623 -6.06 -37.70 -25.76
N TYR B 624 -4.87 -38.30 -25.67
CA TYR B 624 -4.14 -38.32 -24.42
C TYR B 624 -3.73 -36.93 -23.99
N LEU B 625 -3.29 -36.11 -24.96
CA LEU B 625 -2.99 -34.72 -24.66
C LEU B 625 -4.23 -33.97 -24.20
N GLY B 626 -5.38 -34.22 -24.83
CA GLY B 626 -6.60 -33.54 -24.43
C GLY B 626 -7.04 -33.92 -23.03
N SER B 627 -6.95 -35.20 -22.69
CA SER B 627 -7.31 -35.63 -21.35
C SER B 627 -6.32 -35.13 -20.30
N GLY B 628 -5.03 -35.06 -20.65
CA GLY B 628 -4.07 -34.50 -19.72
C GLY B 628 -4.30 -33.04 -19.46
N LEU B 629 -4.60 -32.26 -20.50
CA LEU B 629 -4.86 -30.84 -20.30
C LEU B 629 -6.17 -30.61 -19.56
N CYS B 630 -7.15 -31.50 -19.76
CA CYS B 630 -8.37 -31.40 -18.98
C CYS B 630 -8.15 -31.72 -17.51
N CYS B 631 -7.25 -32.66 -17.19
CA CYS B 631 -6.95 -32.93 -15.80
C CYS B 631 -6.21 -31.77 -15.14
N VAL B 632 -5.31 -31.13 -15.90
CA VAL B 632 -4.64 -29.92 -15.39
C VAL B 632 -5.66 -28.83 -15.14
N GLY B 633 -6.63 -28.69 -16.05
CA GLY B 633 -7.67 -27.72 -15.87
C GLY B 633 -8.56 -28.02 -14.69
N ALA B 634 -8.74 -29.31 -14.39
CA ALA B 634 -9.48 -29.72 -13.20
C ALA B 634 -8.80 -29.24 -11.93
N LEU B 635 -7.54 -29.64 -11.77
CA LEU B 635 -6.77 -29.27 -10.58
C LEU B 635 -6.57 -27.76 -10.47
N ALA B 636 -6.48 -27.08 -11.60
CA ALA B 636 -6.28 -25.65 -11.59
C ALA B 636 -7.55 -24.91 -11.23
N GLY B 637 -8.65 -25.21 -11.92
CA GLY B 637 -9.89 -24.50 -11.67
C GLY B 637 -10.51 -24.82 -10.34
N LEU B 638 -10.12 -25.95 -9.72
CA LEU B 638 -10.62 -26.31 -8.41
C LEU B 638 -9.76 -25.76 -7.28
N SER B 639 -9.16 -24.59 -7.48
CA SER B 639 -8.21 -24.06 -6.52
C SER B 639 -8.51 -22.61 -6.13
N THR B 640 -9.64 -22.05 -6.52
CA THR B 640 -9.86 -20.65 -6.19
C THR B 640 -11.33 -20.31 -5.91
N GLN B 641 -12.14 -21.30 -5.53
CA GLN B 641 -13.45 -21.16 -4.89
C GLN B 641 -14.55 -20.60 -5.81
N GLY B 642 -14.17 -20.06 -6.97
CA GLY B 642 -15.17 -19.59 -7.90
C GLY B 642 -15.43 -20.56 -9.02
N THR B 643 -14.40 -21.34 -9.38
CA THR B 643 -14.46 -22.23 -10.53
C THR B 643 -14.38 -23.69 -10.16
N ALA B 644 -14.84 -24.05 -8.96
CA ALA B 644 -14.71 -25.43 -8.49
C ALA B 644 -15.58 -26.38 -9.30
N ARG B 645 -16.76 -25.91 -9.69
CA ARG B 645 -17.65 -26.71 -10.53
C ARG B 645 -17.01 -26.98 -11.89
N LEU B 646 -16.30 -25.98 -12.41
CA LEU B 646 -15.63 -26.12 -13.70
C LEU B 646 -14.51 -27.12 -13.61
N GLY B 647 -13.77 -27.13 -12.49
CA GLY B 647 -12.74 -28.13 -12.30
C GLY B 647 -13.29 -29.53 -12.17
N ASN B 648 -14.43 -29.68 -11.48
CA ASN B 648 -15.07 -30.99 -11.37
C ASN B 648 -15.51 -31.49 -12.73
N ALA B 649 -16.11 -30.62 -13.55
CA ALA B 649 -16.57 -31.01 -14.87
C ALA B 649 -15.41 -31.36 -15.79
N LEU B 650 -14.31 -30.61 -15.71
CA LEU B 650 -13.17 -30.92 -16.56
C LEU B 650 -12.47 -32.20 -16.14
N GLY B 651 -12.46 -32.52 -14.84
CA GLY B 651 -11.95 -33.81 -14.42
C GLY B 651 -12.78 -34.97 -14.94
N MET B 652 -14.11 -34.80 -14.92
CA MET B 652 -14.98 -35.83 -15.47
C MET B 652 -14.73 -36.04 -16.96
N ILE B 653 -14.58 -34.94 -17.70
CA ILE B 653 -14.35 -35.05 -19.13
C ILE B 653 -12.99 -35.67 -19.42
N GLY B 654 -11.99 -35.36 -18.58
CA GLY B 654 -10.67 -35.92 -18.80
C GLY B 654 -10.63 -37.42 -18.61
N VAL B 655 -11.31 -37.91 -17.55
CA VAL B 655 -11.38 -39.35 -17.34
C VAL B 655 -12.16 -40.03 -18.46
N ALA B 656 -13.28 -39.43 -18.88
CA ALA B 656 -14.10 -40.05 -19.92
C ALA B 656 -13.37 -40.11 -21.26
N GLY B 657 -12.67 -39.03 -21.62
CA GLY B 657 -11.93 -39.02 -22.85
C GLY B 657 -10.76 -39.98 -22.84
N GLY B 658 -10.05 -40.07 -21.72
CA GLY B 658 -8.95 -41.00 -21.62
C GLY B 658 -9.41 -42.45 -21.71
N LEU B 659 -10.50 -42.79 -21.02
CA LEU B 659 -10.94 -44.18 -21.05
C LEU B 659 -11.54 -44.56 -22.39
N ALA B 660 -12.22 -43.62 -23.07
CA ALA B 660 -12.70 -43.91 -24.42
C ALA B 660 -11.55 -44.09 -25.39
N ALA B 661 -10.48 -43.30 -25.23
CA ALA B 661 -9.33 -43.40 -26.11
C ALA B 661 -8.62 -44.73 -25.93
N THR B 662 -8.40 -45.15 -24.69
CA THR B 662 -7.74 -46.43 -24.46
C THR B 662 -8.66 -47.60 -24.79
N LEU B 663 -9.97 -47.37 -24.75
CA LEU B 663 -10.91 -48.40 -25.17
C LEU B 663 -10.85 -48.62 -26.66
N GLY B 664 -10.83 -47.54 -27.43
CA GLY B 664 -10.61 -47.65 -28.85
C GLY B 664 -9.18 -47.94 -29.24
N GLY B 665 -8.25 -47.88 -28.30
CA GLY B 665 -6.87 -48.19 -28.57
C GLY B 665 -6.53 -49.65 -28.72
N LEU B 666 -7.50 -50.55 -28.65
CA LEU B 666 -7.25 -51.95 -28.93
C LEU B 666 -8.00 -52.46 -30.15
N LYS B 667 -9.16 -51.90 -30.45
CA LYS B 667 -10.20 -52.45 -31.31
C LYS B 667 -10.46 -53.90 -30.91
N PRO B 668 -11.11 -54.15 -29.79
CA PRO B 668 -11.15 -55.52 -29.25
C PRO B 668 -12.19 -56.40 -29.90
N CYS B 669 -12.14 -57.67 -29.51
CA CYS B 669 -13.17 -58.65 -29.81
C CYS B 669 -14.51 -58.21 -29.22
N PRO B 670 -15.63 -58.51 -29.87
CA PRO B 670 -16.93 -58.08 -29.33
C PRO B 670 -17.26 -58.72 -28.00
N GLU B 671 -16.87 -59.98 -27.82
CA GLU B 671 -17.04 -60.57 -26.50
C GLU B 671 -16.06 -59.96 -25.51
N LEU B 672 -14.86 -59.63 -25.97
CA LEU B 672 -13.90 -58.94 -25.10
C LEU B 672 -14.40 -57.54 -24.74
N LEU B 673 -15.03 -56.88 -25.71
CA LEU B 673 -15.60 -55.56 -25.47
C LEU B 673 -16.74 -55.64 -24.46
N ALA B 674 -17.56 -56.70 -24.56
CA ALA B 674 -18.61 -56.90 -23.58
C ALA B 674 -18.05 -57.20 -22.21
N GLN B 675 -16.91 -57.91 -22.15
CA GLN B 675 -16.25 -58.18 -20.88
C GLN B 675 -15.80 -56.90 -20.20
N MET B 676 -15.09 -56.04 -20.94
CA MET B 676 -14.58 -54.81 -20.36
C MET B 676 -15.72 -53.88 -19.97
N SER B 677 -16.78 -53.87 -20.76
CA SER B 677 -17.94 -53.03 -20.43
C SER B 677 -18.62 -53.51 -19.17
N GLY B 678 -18.80 -54.83 -19.02
CA GLY B 678 -19.44 -55.34 -17.81
C GLY B 678 -18.60 -55.11 -16.57
N ALA B 679 -17.29 -55.24 -16.68
CA ALA B 679 -16.41 -55.02 -15.54
C ALA B 679 -16.43 -53.57 -15.09
N MET B 680 -16.25 -52.63 -16.03
CA MET B 680 -16.29 -51.23 -15.65
C MET B 680 -17.67 -50.80 -15.17
N ALA B 681 -18.73 -51.39 -15.73
CA ALA B 681 -20.07 -51.01 -15.35
C ALA B 681 -20.39 -51.44 -13.92
N LEU B 682 -20.02 -52.67 -13.59
CA LEU B 682 -20.27 -53.16 -12.23
C LEU B 682 -19.41 -52.40 -11.22
N GLY B 683 -18.18 -52.07 -11.59
CA GLY B 683 -17.34 -51.28 -10.70
C GLY B 683 -17.86 -49.87 -10.46
N GLY B 684 -18.35 -49.23 -11.52
CA GLY B 684 -18.92 -47.90 -11.38
C GLY B 684 -20.20 -47.91 -10.58
N THR B 685 -21.02 -48.97 -10.74
CA THR B 685 -22.26 -49.07 -9.98
C THR B 685 -21.99 -49.22 -8.50
N ILE B 686 -20.99 -50.04 -8.14
CA ILE B 686 -20.65 -50.19 -6.74
C ILE B 686 -20.06 -48.89 -6.18
N GLY B 687 -19.23 -48.22 -6.97
CA GLY B 687 -18.63 -46.98 -6.51
C GLY B 687 -19.65 -45.87 -6.32
N LEU B 688 -20.71 -45.88 -7.12
CA LEU B 688 -21.80 -44.97 -6.88
C LEU B 688 -22.54 -45.34 -5.61
N THR B 689 -22.96 -46.60 -5.50
CA THR B 689 -23.88 -46.96 -4.42
C THR B 689 -23.23 -46.99 -3.06
N ILE B 690 -21.90 -46.95 -2.98
CA ILE B 690 -21.31 -46.73 -1.67
C ILE B 690 -21.31 -45.26 -1.31
N ALA B 691 -20.97 -44.40 -2.28
CA ALA B 691 -20.73 -43.00 -2.02
C ALA B 691 -21.99 -42.19 -1.89
N LYS B 692 -23.15 -42.78 -2.14
CA LYS B 692 -24.41 -42.06 -2.13
C LYS B 692 -25.17 -42.20 -0.82
N ARG B 693 -25.21 -43.40 -0.24
CA ARG B 693 -25.98 -43.66 0.96
C ARG B 693 -25.29 -43.24 2.25
N ILE B 694 -24.20 -42.51 2.17
CA ILE B 694 -23.43 -42.18 3.36
C ILE B 694 -23.73 -40.76 3.80
N GLN B 695 -23.21 -40.38 4.97
CA GLN B 695 -23.48 -39.09 5.59
C GLN B 695 -22.74 -37.98 4.86
N ILE B 696 -22.73 -36.80 5.48
CA ILE B 696 -21.81 -35.79 5.00
C ILE B 696 -20.55 -35.79 5.85
N SER B 697 -20.69 -36.04 7.15
CA SER B 697 -19.59 -36.01 8.10
C SER B 697 -18.57 -37.14 7.89
N ASP B 698 -18.83 -38.08 6.99
CA ASP B 698 -17.84 -39.06 6.62
C ASP B 698 -17.26 -38.88 5.23
N LEU B 699 -17.36 -37.68 4.65
CA LEU B 699 -16.77 -37.49 3.32
C LEU B 699 -15.24 -37.45 3.30
N PRO B 700 -14.53 -36.68 4.14
CA PRO B 700 -13.06 -36.79 4.10
C PRO B 700 -12.57 -38.07 4.72
N GLN B 701 -13.39 -38.67 5.56
CA GLN B 701 -13.26 -40.04 6.00
C GLN B 701 -13.23 -41.02 4.85
N LEU B 702 -14.00 -40.78 3.79
CA LEU B 702 -14.24 -41.76 2.75
C LEU B 702 -13.11 -41.84 1.74
N VAL B 703 -12.34 -40.76 1.58
CA VAL B 703 -11.38 -40.64 0.48
C VAL B 703 -10.29 -41.70 0.59
N ALA B 704 -9.74 -41.87 1.80
CA ALA B 704 -8.79 -42.96 2.02
C ALA B 704 -9.44 -44.31 1.84
N ALA B 705 -10.72 -44.41 2.18
CA ALA B 705 -11.50 -45.61 1.92
C ALA B 705 -11.58 -45.93 0.43
N PHE B 706 -11.54 -44.91 -0.42
CA PHE B 706 -11.43 -45.18 -1.84
C PHE B 706 -10.03 -44.96 -2.36
N HIS B 707 -9.09 -44.66 -1.49
CA HIS B 707 -7.73 -44.56 -1.97
C HIS B 707 -6.98 -45.88 -1.80
N SER B 708 -7.43 -46.71 -0.85
CA SER B 708 -6.74 -47.93 -0.49
C SER B 708 -6.72 -48.91 -1.64
N LEU B 709 -7.74 -48.87 -2.49
CA LEU B 709 -7.80 -49.76 -3.63
C LEU B 709 -6.74 -49.38 -4.65
N VAL B 710 -6.44 -48.06 -4.73
CA VAL B 710 -5.84 -47.45 -5.91
C VAL B 710 -4.46 -48.02 -6.19
N GLY B 711 -3.55 -47.85 -5.23
CA GLY B 711 -2.21 -48.40 -5.38
C GLY B 711 -2.23 -49.91 -5.47
N LEU B 712 -3.21 -50.54 -4.83
CA LEU B 712 -3.41 -51.98 -4.93
C LEU B 712 -3.60 -52.38 -6.38
N ALA B 713 -4.39 -51.60 -7.13
CA ALA B 713 -4.59 -51.88 -8.54
C ALA B 713 -3.28 -51.80 -9.29
N ALA B 714 -2.45 -50.82 -8.95
CA ALA B 714 -1.16 -50.65 -9.60
C ALA B 714 -0.29 -51.86 -9.35
N VAL B 715 -0.35 -52.41 -8.13
CA VAL B 715 0.43 -53.59 -7.77
C VAL B 715 0.07 -54.74 -8.67
N LEU B 716 -1.25 -54.94 -8.85
CA LEU B 716 -1.75 -56.02 -9.66
C LEU B 716 -1.28 -55.83 -11.10
N THR B 717 -1.33 -54.57 -11.56
CA THR B 717 -0.92 -54.26 -12.92
C THR B 717 0.55 -54.54 -13.10
N CYS B 718 1.36 -54.18 -12.09
CA CYS B 718 2.79 -54.45 -12.15
C CYS B 718 3.04 -55.96 -12.21
N ILE B 719 2.33 -56.71 -11.37
CA ILE B 719 2.49 -58.16 -11.35
C ILE B 719 2.04 -58.74 -12.68
N ALA B 720 0.98 -58.13 -13.25
CA ALA B 720 0.44 -58.59 -14.52
C ALA B 720 1.47 -58.44 -15.62
N GLU B 721 2.23 -57.34 -15.57
CA GLU B 721 3.24 -57.09 -16.58
C GLU B 721 4.33 -58.15 -16.52
N TYR B 722 4.72 -58.53 -15.30
CA TYR B 722 5.79 -59.50 -15.17
C TYR B 722 5.33 -60.87 -15.61
N ILE B 723 4.02 -61.11 -15.55
CA ILE B 723 3.54 -62.40 -16.01
C ILE B 723 3.39 -62.38 -17.53
N ILE B 724 3.11 -61.21 -18.11
CA ILE B 724 2.90 -61.20 -19.54
C ILE B 724 4.19 -60.98 -20.31
N GLU B 725 5.26 -60.56 -19.65
CA GLU B 725 6.46 -60.18 -20.38
C GLU B 725 7.61 -61.12 -20.06
N TYR B 726 7.33 -62.16 -19.29
CA TYR B 726 8.40 -63.12 -19.00
C TYR B 726 8.84 -64.01 -20.16
N PRO B 727 7.98 -64.51 -21.06
CA PRO B 727 8.52 -65.21 -22.24
C PRO B 727 9.20 -64.31 -23.25
N HIS B 728 9.08 -63.01 -23.13
CA HIS B 728 9.72 -62.16 -24.12
C HIS B 728 11.13 -61.73 -23.73
N PHE B 729 11.62 -62.15 -22.56
CA PHE B 729 12.81 -61.59 -21.96
C PHE B 729 14.12 -62.09 -22.54
N ALA B 730 14.16 -63.33 -23.03
CA ALA B 730 15.44 -63.94 -23.38
C ALA B 730 16.06 -63.31 -24.62
N THR B 731 15.23 -62.77 -25.52
CA THR B 731 15.72 -62.11 -26.72
C THR B 731 15.28 -60.66 -26.73
N ASP B 732 15.45 -59.98 -25.60
CA ASP B 732 14.90 -58.65 -25.40
C ASP B 732 16.02 -57.62 -25.32
N ALA B 733 15.72 -56.43 -25.84
CA ALA B 733 16.56 -55.27 -25.61
C ALA B 733 16.16 -54.60 -24.29
N ALA B 734 14.92 -54.11 -24.21
CA ALA B 734 14.46 -53.39 -23.04
C ALA B 734 13.94 -54.42 -22.04
N ALA B 735 14.87 -55.07 -21.38
CA ALA B 735 14.53 -56.17 -20.49
C ALA B 735 14.70 -55.84 -19.02
N ASN B 736 15.71 -55.04 -18.66
CA ASN B 736 15.90 -54.73 -17.25
C ASN B 736 14.84 -53.77 -16.75
N LEU B 737 14.50 -52.76 -17.55
CA LEU B 737 13.65 -51.66 -17.09
C LEU B 737 12.25 -52.13 -16.79
N THR B 738 11.74 -53.04 -17.61
CA THR B 738 10.43 -53.65 -17.39
C THR B 738 10.43 -54.69 -16.28
N LYS B 739 11.49 -54.78 -15.49
CA LYS B 739 11.48 -55.45 -14.20
C LYS B 739 11.80 -54.52 -13.05
N ILE B 740 12.75 -53.59 -13.25
CA ILE B 740 13.15 -52.67 -12.18
C ILE B 740 12.02 -51.69 -11.87
N VAL B 741 11.45 -51.10 -12.92
CA VAL B 741 10.39 -50.13 -12.69
C VAL B 741 9.13 -50.82 -12.21
N ALA B 742 8.92 -52.07 -12.64
CA ALA B 742 7.80 -52.86 -12.12
C ALA B 742 7.99 -53.18 -10.64
N TYR B 743 9.22 -53.44 -10.22
CA TYR B 743 9.53 -53.63 -8.81
C TYR B 743 9.21 -52.38 -8.00
N LEU B 744 9.63 -51.21 -8.49
CA LEU B 744 9.32 -49.97 -7.78
C LEU B 744 7.83 -49.68 -7.76
N GLY B 745 7.13 -50.02 -8.85
CA GLY B 745 5.70 -49.84 -8.89
C GLY B 745 4.99 -50.70 -7.85
N THR B 746 5.49 -51.92 -7.67
CA THR B 746 4.93 -52.80 -6.64
C THR B 746 5.15 -52.23 -5.25
N TYR B 747 6.34 -51.70 -4.99
CA TYR B 747 6.62 -51.07 -3.70
C TYR B 747 5.68 -49.92 -3.41
N ILE B 748 5.54 -49.00 -4.37
CA ILE B 748 4.76 -47.79 -4.16
C ILE B 748 3.28 -48.11 -3.95
N GLY B 749 2.74 -49.02 -4.77
CA GLY B 749 1.35 -49.37 -4.64
C GLY B 749 1.02 -50.11 -3.35
N GLY B 750 1.94 -50.97 -2.90
CA GLY B 750 1.69 -51.68 -1.66
C GLY B 750 1.70 -50.77 -0.45
N VAL B 751 2.67 -49.84 -0.41
CA VAL B 751 2.71 -48.83 0.65
C VAL B 751 1.43 -48.00 0.62
N THR B 752 0.96 -47.65 -0.59
CA THR B 752 -0.27 -46.87 -0.73
C THR B 752 -1.47 -47.59 -0.16
N PHE B 753 -1.60 -48.87 -0.48
CA PHE B 753 -2.66 -49.73 0.03
C PHE B 753 -2.69 -49.75 1.55
N SER B 754 -1.59 -50.18 2.17
CA SER B 754 -1.62 -50.40 3.60
C SER B 754 -1.68 -49.09 4.38
N GLY B 755 -0.99 -48.06 3.89
CA GLY B 755 -1.04 -46.77 4.54
C GLY B 755 -2.41 -46.13 4.49
N SER B 756 -3.12 -46.25 3.38
CA SER B 756 -4.46 -45.66 3.31
C SER B 756 -5.44 -46.45 4.17
N LEU B 757 -5.21 -47.76 4.30
CA LEU B 757 -6.03 -48.54 5.23
C LEU B 757 -5.85 -48.10 6.67
N VAL B 758 -4.60 -47.88 7.08
CA VAL B 758 -4.34 -47.44 8.45
C VAL B 758 -4.88 -46.03 8.65
N ALA B 759 -4.83 -45.21 7.61
CA ALA B 759 -5.41 -43.87 7.65
C ALA B 759 -6.91 -43.89 7.91
N TYR B 760 -7.62 -44.72 7.13
CA TYR B 760 -9.07 -44.85 7.33
C TYR B 760 -9.40 -45.45 8.69
N GLY B 761 -8.60 -46.41 9.15
CA GLY B 761 -8.87 -47.04 10.43
C GLY B 761 -8.63 -46.11 11.58
N LYS B 762 -7.65 -45.22 11.44
CA LYS B 762 -7.43 -44.25 12.51
C LYS B 762 -8.46 -43.14 12.45
N LEU B 763 -9.02 -42.86 11.28
CA LEU B 763 -10.07 -41.86 11.21
C LEU B 763 -11.47 -42.44 11.46
N GLN B 764 -11.62 -43.75 11.56
CA GLN B 764 -12.96 -44.32 11.70
C GLN B 764 -13.16 -44.86 13.12
N GLY B 765 -12.34 -44.41 14.06
CA GLY B 765 -12.51 -44.82 15.44
C GLY B 765 -12.18 -46.26 15.72
N ILE B 766 -11.55 -46.95 14.78
CA ILE B 766 -11.09 -48.32 15.03
C ILE B 766 -9.84 -48.29 15.89
N LEU B 767 -8.92 -47.41 15.57
CA LEU B 767 -7.78 -47.17 16.43
C LEU B 767 -7.96 -45.82 17.11
N LYS B 768 -6.99 -45.43 17.92
CA LYS B 768 -7.11 -44.23 18.73
C LYS B 768 -6.71 -42.99 17.95
N SER B 769 -6.50 -41.88 18.65
CA SER B 769 -5.86 -40.73 18.06
C SER B 769 -4.39 -40.65 18.40
N ALA B 770 -3.94 -41.45 19.35
CA ALA B 770 -2.56 -41.40 19.78
C ALA B 770 -1.67 -42.12 18.80
N PRO B 771 -0.54 -41.56 18.44
CA PRO B 771 0.49 -42.34 17.75
C PRO B 771 1.00 -43.49 18.60
N LEU B 772 0.80 -44.71 18.14
CA LEU B 772 1.26 -45.88 18.88
C LEU B 772 2.75 -46.05 18.66
N LEU B 773 3.54 -45.66 19.65
CA LEU B 773 4.99 -45.80 19.58
C LEU B 773 5.38 -47.27 19.66
N LEU B 774 6.63 -47.54 19.31
CA LEU B 774 7.21 -48.87 19.29
C LEU B 774 8.57 -48.84 19.96
N PRO B 775 9.08 -49.99 20.40
CA PRO B 775 10.50 -50.07 20.77
C PRO B 775 11.42 -49.79 19.59
N GLY B 776 11.34 -50.60 18.55
CA GLY B 776 12.03 -50.30 17.32
C GLY B 776 11.22 -49.31 16.52
N ARG B 777 11.60 -48.04 16.57
CA ARG B 777 10.82 -47.02 15.90
C ARG B 777 11.50 -46.44 14.67
N HIS B 778 12.82 -46.58 14.55
CA HIS B 778 13.50 -46.30 13.30
C HIS B 778 14.52 -47.34 12.91
N LEU B 779 15.02 -48.15 13.84
CA LEU B 779 15.70 -49.39 13.47
C LEU B 779 14.78 -50.28 12.66
N LEU B 780 13.50 -50.33 13.03
CA LEU B 780 12.55 -51.20 12.35
C LEU B 780 12.30 -50.74 10.93
N ASN B 781 12.07 -49.43 10.74
CA ASN B 781 11.88 -48.90 9.39
C ASN B 781 13.16 -48.99 8.57
N ALA B 782 14.31 -48.86 9.23
CA ALA B 782 15.57 -49.01 8.52
C ALA B 782 15.76 -50.44 8.04
N GLY B 783 15.39 -51.42 8.86
CA GLY B 783 15.50 -52.81 8.45
C GLY B 783 14.55 -53.16 7.34
N LEU B 784 13.32 -52.63 7.40
CA LEU B 784 12.35 -52.84 6.34
C LEU B 784 12.82 -52.24 5.03
N LEU B 785 13.39 -51.04 5.09
CA LEU B 785 13.89 -50.40 3.87
C LEU B 785 15.13 -51.10 3.34
N ALA B 786 15.97 -51.64 4.24
CA ALA B 786 17.18 -52.32 3.81
C ALA B 786 16.85 -53.63 3.11
N ALA B 787 15.91 -54.40 3.67
CA ALA B 787 15.44 -55.60 2.99
C ALA B 787 14.70 -55.26 1.70
N SER B 788 14.01 -54.12 1.67
CA SER B 788 13.28 -53.73 0.47
C SER B 788 14.22 -53.35 -0.67
N VAL B 789 15.29 -52.61 -0.36
CA VAL B 789 16.27 -52.25 -1.38
C VAL B 789 17.05 -53.48 -1.81
N GLY B 790 17.47 -54.31 -0.86
CA GLY B 790 18.14 -55.54 -1.19
C GLY B 790 17.24 -56.62 -1.76
N GLY B 791 15.95 -56.33 -1.92
CA GLY B 791 15.10 -57.20 -2.70
C GLY B 791 15.28 -57.05 -4.21
N ILE B 792 16.11 -56.11 -4.66
CA ILE B 792 16.28 -55.92 -6.10
C ILE B 792 17.49 -56.68 -6.64
N ILE B 793 18.45 -57.02 -5.78
CA ILE B 793 19.57 -57.86 -6.19
C ILE B 793 19.25 -59.35 -6.39
N PRO B 794 18.25 -60.01 -5.74
CA PRO B 794 18.04 -61.43 -6.10
C PRO B 794 17.51 -61.69 -7.49
N PHE B 795 17.11 -60.67 -8.25
CA PHE B 795 16.97 -60.87 -9.69
C PHE B 795 17.98 -60.06 -10.49
N MET B 796 19.25 -60.14 -10.11
CA MET B 796 20.29 -59.66 -11.01
C MET B 796 20.34 -60.55 -12.24
N MET B 797 19.54 -60.19 -13.25
CA MET B 797 19.50 -60.82 -14.57
C MET B 797 19.26 -62.33 -14.48
N ASP B 798 18.42 -62.74 -13.50
CA ASP B 798 18.31 -64.19 -13.37
C ASP B 798 17.26 -64.75 -14.31
N PRO B 799 17.49 -65.95 -14.83
CA PRO B 799 16.51 -66.60 -15.72
C PRO B 799 15.37 -67.32 -14.99
N SER B 800 15.33 -67.29 -13.67
CA SER B 800 14.29 -68.00 -12.94
C SER B 800 13.01 -67.19 -12.88
N PHE B 801 11.91 -67.85 -13.23
CA PHE B 801 10.59 -67.28 -12.99
C PHE B 801 10.31 -67.22 -11.50
N THR B 802 10.81 -68.22 -10.77
CA THR B 802 10.44 -68.42 -9.37
C THR B 802 11.02 -67.33 -8.47
N THR B 803 12.31 -67.01 -8.64
CA THR B 803 12.91 -66.01 -7.77
C THR B 803 12.36 -64.62 -8.08
N GLY B 804 11.93 -64.40 -9.32
CA GLY B 804 11.31 -63.13 -9.64
C GLY B 804 9.96 -62.98 -8.97
N ILE B 805 9.12 -64.02 -9.06
CA ILE B 805 7.80 -63.93 -8.47
C ILE B 805 7.88 -63.86 -6.96
N THR B 806 8.82 -64.57 -6.34
CA THR B 806 8.91 -64.42 -4.90
C THR B 806 9.55 -63.09 -4.50
N CYS B 807 10.33 -62.46 -5.38
CA CYS B 807 10.77 -61.09 -5.09
C CYS B 807 9.60 -60.12 -5.14
N LEU B 808 8.69 -60.31 -6.08
CA LEU B 808 7.50 -59.48 -6.15
C LEU B 808 6.64 -59.66 -4.91
N GLY B 809 6.48 -60.91 -4.46
CA GLY B 809 5.73 -61.17 -3.24
C GLY B 809 6.41 -60.59 -2.01
N SER B 810 7.74 -60.65 -1.98
CA SER B 810 8.50 -60.14 -0.84
C SER B 810 8.37 -58.64 -0.73
N VAL B 811 8.53 -57.93 -1.84
CA VAL B 811 8.47 -56.48 -1.78
C VAL B 811 7.04 -56.01 -1.56
N SER B 812 6.05 -56.79 -2.00
CA SER B 812 4.67 -56.42 -1.73
C SER B 812 4.33 -56.53 -0.25
N ALA B 813 4.70 -57.65 0.37
CA ALA B 813 4.41 -57.84 1.79
C ALA B 813 5.21 -56.87 2.65
N LEU B 814 6.46 -56.63 2.31
CA LEU B 814 7.27 -55.71 3.09
C LEU B 814 6.81 -54.27 2.90
N SER B 815 6.27 -53.93 1.73
CA SER B 815 5.72 -52.61 1.53
C SER B 815 4.46 -52.42 2.36
N ALA B 816 3.66 -53.47 2.50
CA ALA B 816 2.48 -53.40 3.37
C ALA B 816 2.88 -53.18 4.83
N VAL B 817 3.88 -53.93 5.30
CA VAL B 817 4.40 -53.76 6.65
C VAL B 817 4.96 -52.36 6.86
N MET B 818 5.64 -51.83 5.84
CA MET B 818 6.22 -50.50 5.93
C MET B 818 5.15 -49.42 6.00
N GLY B 819 4.09 -49.57 5.22
CA GLY B 819 3.01 -48.61 5.26
C GLY B 819 2.30 -48.62 6.60
N VAL B 820 2.10 -49.82 7.17
CA VAL B 820 1.51 -49.93 8.50
C VAL B 820 2.40 -49.27 9.55
N THR B 821 3.72 -49.49 9.47
CA THR B 821 4.63 -48.97 10.47
C THR B 821 4.71 -47.46 10.40
N LEU B 822 4.71 -46.90 9.18
CA LEU B 822 4.79 -45.46 9.03
C LEU B 822 3.48 -44.78 9.43
N THR B 823 2.37 -45.22 8.87
CA THR B 823 1.11 -44.52 9.08
C THR B 823 0.51 -44.82 10.44
N ALA B 824 1.00 -45.84 11.15
CA ALA B 824 0.51 -46.17 12.48
C ALA B 824 0.80 -45.06 13.49
N ALA B 825 2.07 -44.84 13.81
CA ALA B 825 2.39 -43.86 14.84
C ALA B 825 2.37 -42.45 14.27
N ILE B 826 1.18 -41.93 13.96
CA ILE B 826 1.07 -40.59 13.41
C ILE B 826 0.23 -39.69 14.30
N GLY B 827 -1.04 -40.04 14.47
CA GLY B 827 -1.95 -39.14 15.15
C GLY B 827 -3.00 -38.58 14.22
N GLY B 828 -4.25 -38.56 14.65
CA GLY B 828 -5.34 -38.10 13.81
C GLY B 828 -5.55 -36.61 13.80
N ALA B 829 -4.48 -35.85 13.61
CA ALA B 829 -4.54 -34.40 13.44
C ALA B 829 -3.63 -34.01 12.30
N ASP B 830 -2.82 -34.97 11.85
CA ASP B 830 -2.00 -34.84 10.66
C ASP B 830 -2.41 -35.85 9.60
N MET B 831 -3.46 -36.61 9.88
CA MET B 831 -3.93 -37.57 8.89
C MET B 831 -4.46 -36.95 7.61
N PRO B 832 -5.12 -35.77 7.61
CA PRO B 832 -5.34 -35.11 6.30
C PRO B 832 -4.08 -34.63 5.59
N VAL B 833 -2.95 -34.52 6.28
CA VAL B 833 -1.71 -34.38 5.52
C VAL B 833 -1.31 -35.72 4.91
N VAL B 834 -1.49 -36.81 5.67
CA VAL B 834 -1.07 -38.13 5.22
C VAL B 834 -1.88 -38.61 4.03
N ILE B 835 -3.14 -38.16 3.91
CA ILE B 835 -3.94 -38.51 2.74
C ILE B 835 -3.35 -37.90 1.49
N THR B 836 -2.94 -36.63 1.59
CA THR B 836 -2.25 -35.98 0.48
C THR B 836 -0.92 -36.63 0.18
N VAL B 837 -0.24 -37.15 1.20
CA VAL B 837 1.05 -37.80 0.99
C VAL B 837 0.89 -39.11 0.23
N LEU B 838 -0.09 -39.92 0.60
CA LEU B 838 -0.27 -41.19 -0.11
C LEU B 838 -0.86 -40.95 -1.49
N ASN B 839 -1.69 -39.92 -1.63
CA ASN B 839 -2.21 -39.54 -2.92
C ASN B 839 -1.10 -38.98 -3.81
N SER B 840 -0.07 -38.42 -3.18
CA SER B 840 1.12 -38.03 -3.92
C SER B 840 1.98 -39.22 -4.29
N TYR B 841 2.02 -40.25 -3.44
CA TYR B 841 2.83 -41.41 -3.77
C TYR B 841 2.25 -42.17 -4.96
N SER B 842 0.92 -42.29 -5.02
CA SER B 842 0.30 -43.12 -6.04
C SER B 842 0.52 -42.59 -7.46
N GLY B 843 0.77 -41.29 -7.60
CA GLY B 843 1.07 -40.75 -8.91
C GLY B 843 2.37 -41.28 -9.48
N TRP B 844 3.33 -41.56 -8.60
CA TRP B 844 4.58 -42.11 -9.06
C TRP B 844 4.42 -43.58 -9.45
N ALA B 845 3.47 -44.27 -8.81
CA ALA B 845 3.09 -45.59 -9.27
C ALA B 845 2.46 -45.52 -10.65
N LEU B 846 1.66 -44.48 -10.88
CA LEU B 846 1.09 -44.27 -12.21
C LEU B 846 2.15 -44.00 -13.26
N CYS B 847 3.18 -43.23 -12.91
CA CYS B 847 4.27 -42.98 -13.84
C CYS B 847 5.06 -44.24 -14.13
N ALA B 848 5.23 -45.10 -13.11
CA ALA B 848 5.86 -46.39 -13.33
C ALA B 848 5.03 -47.25 -14.28
N GLU B 849 3.71 -47.21 -14.10
CA GLU B 849 2.81 -47.96 -14.97
C GLU B 849 2.87 -47.42 -16.39
N GLY B 850 3.07 -46.12 -16.52
CA GLY B 850 3.25 -45.53 -17.84
C GLY B 850 4.53 -45.98 -18.50
N PHE B 851 5.63 -46.01 -17.75
CA PHE B 851 6.91 -46.48 -18.29
C PHE B 851 6.83 -47.95 -18.69
N LEU B 852 6.11 -48.76 -17.93
CA LEU B 852 5.93 -50.15 -18.32
C LEU B 852 5.09 -50.27 -19.57
N LEU B 853 4.03 -49.49 -19.69
CA LEU B 853 3.05 -49.70 -20.74
C LEU B 853 3.28 -48.83 -21.97
N ASN B 854 4.22 -47.89 -21.92
CA ASN B 854 4.46 -46.88 -22.95
C ASN B 854 3.17 -46.13 -23.25
N ASN B 855 2.66 -45.41 -22.26
CA ASN B 855 1.39 -44.72 -22.42
C ASN B 855 1.55 -43.30 -21.91
N ASN B 856 1.25 -42.32 -22.76
CA ASN B 856 1.53 -40.93 -22.40
C ASN B 856 0.58 -40.41 -21.34
N LEU B 857 -0.67 -40.87 -21.36
CA LEU B 857 -1.68 -40.35 -20.46
C LEU B 857 -1.34 -40.67 -19.02
N LEU B 858 -0.88 -41.89 -18.78
CA LEU B 858 -0.56 -42.30 -17.43
C LEU B 858 0.67 -41.58 -16.93
N THR B 859 1.63 -41.30 -17.83
CA THR B 859 2.82 -40.57 -17.44
C THR B 859 2.49 -39.14 -17.03
N ILE B 860 1.72 -38.44 -17.86
CA ILE B 860 1.35 -37.05 -17.61
C ILE B 860 0.50 -36.94 -16.36
N VAL B 861 -0.54 -37.77 -16.27
CA VAL B 861 -1.48 -37.73 -15.14
C VAL B 861 -0.80 -38.13 -13.85
N GLY B 862 0.10 -39.11 -13.90
CA GLY B 862 0.79 -39.53 -12.69
C GLY B 862 1.75 -38.48 -12.17
N ALA B 863 2.50 -37.84 -13.07
CA ALA B 863 3.39 -36.79 -12.62
C ALA B 863 2.64 -35.59 -12.07
N LEU B 864 1.52 -35.23 -12.71
CA LEU B 864 0.67 -34.15 -12.25
C LEU B 864 0.15 -34.42 -10.84
N ILE B 865 -0.41 -35.61 -10.63
CA ILE B 865 -0.94 -35.98 -9.32
C ILE B 865 0.14 -36.03 -8.27
N GLY B 866 1.31 -36.58 -8.59
CA GLY B 866 2.39 -36.68 -7.62
C GLY B 866 2.91 -35.35 -7.12
N SER B 867 3.27 -34.46 -8.05
CA SER B 867 3.81 -33.17 -7.63
C SER B 867 2.74 -32.31 -6.99
N SER B 868 1.49 -32.40 -7.45
CA SER B 868 0.42 -31.60 -6.85
C SER B 868 0.09 -32.08 -5.45
N GLY B 869 0.08 -33.38 -5.22
CA GLY B 869 -0.19 -33.90 -3.89
C GLY B 869 0.93 -33.57 -2.90
N ALA B 870 2.18 -33.67 -3.34
CA ALA B 870 3.28 -33.35 -2.45
C ALA B 870 3.33 -31.86 -2.13
N ILE B 871 3.01 -31.01 -3.12
CA ILE B 871 3.05 -29.57 -2.87
C ILE B 871 1.86 -29.15 -2.02
N LEU B 872 0.77 -29.92 -2.06
CA LEU B 872 -0.35 -29.57 -1.20
C LEU B 872 -0.07 -30.03 0.21
N SER B 873 0.67 -31.12 0.37
CA SER B 873 1.09 -31.53 1.70
C SER B 873 2.02 -30.49 2.32
N TYR B 874 2.92 -29.93 1.51
CA TYR B 874 3.76 -28.84 2.01
C TYR B 874 2.95 -27.60 2.35
N ILE B 875 1.93 -27.26 1.57
CA ILE B 875 1.11 -26.09 1.89
C ILE B 875 0.28 -26.32 3.15
N MET B 876 -0.19 -27.56 3.37
CA MET B 876 -0.91 -27.87 4.60
C MET B 876 0.01 -27.78 5.82
N CYS B 877 1.27 -28.16 5.66
CA CYS B 877 2.24 -27.91 6.73
C CYS B 877 2.50 -26.42 6.90
N VAL B 878 2.41 -25.65 5.81
CA VAL B 878 2.58 -24.19 5.87
C VAL B 878 1.42 -23.50 6.57
N ALA B 879 0.21 -24.08 6.51
CA ALA B 879 -0.96 -23.46 7.13
C ALA B 879 -0.81 -23.39 8.64
N MET B 880 -0.33 -24.46 9.26
CA MET B 880 0.08 -24.40 10.65
C MET B 880 1.56 -24.05 10.69
N ASN B 881 2.16 -24.08 11.88
CA ASN B 881 3.55 -23.66 12.00
C ASN B 881 4.48 -24.85 12.16
N ARG B 882 4.23 -25.94 11.46
CA ARG B 882 5.06 -27.13 11.56
C ARG B 882 5.77 -27.39 10.25
N SER B 883 6.81 -28.23 10.34
CA SER B 883 7.54 -28.74 9.19
C SER B 883 6.86 -30.00 8.70
N LEU B 884 7.54 -30.77 7.86
CA LEU B 884 7.02 -32.08 7.53
C LEU B 884 7.83 -33.20 8.17
N ALA B 885 9.13 -32.96 8.40
CA ALA B 885 9.98 -33.97 9.03
C ALA B 885 9.59 -34.18 10.49
N ASN B 886 9.32 -33.09 11.22
CA ASN B 886 8.85 -33.21 12.59
C ASN B 886 7.44 -33.75 12.69
N VAL B 887 6.68 -33.71 11.60
CA VAL B 887 5.36 -34.31 11.60
C VAL B 887 5.45 -35.82 11.40
N ILE B 888 6.17 -36.28 10.38
CA ILE B 888 6.07 -37.68 10.01
C ILE B 888 6.90 -38.58 10.90
N LEU B 889 8.20 -38.32 10.99
CA LEU B 889 9.11 -39.29 11.58
C LEU B 889 9.14 -39.25 13.11
N GLY B 890 8.21 -38.55 13.76
CA GLY B 890 8.15 -38.51 15.20
C GLY B 890 9.28 -37.71 15.84
N GLY B 891 9.27 -36.40 15.64
CA GLY B 891 10.32 -35.55 16.17
C GLY B 891 10.30 -35.40 17.67
PA NAP C . 3.83 11.74 -20.77
O1A NAP C . 2.44 11.73 -20.30
O2A NAP C . 3.98 11.42 -22.25
O5B NAP C . 4.56 13.18 -20.55
C5B NAP C . 5.99 13.33 -20.45
C4B NAP C . 6.27 14.68 -19.85
O4B NAP C . 7.69 14.87 -19.68
C3B NAP C . 5.78 15.88 -20.66
O3B NAP C . 4.81 16.61 -19.93
C2B NAP C . 7.01 16.76 -20.85
O2B NAP C . 6.71 18.14 -20.58
C1B NAP C . 7.99 16.24 -19.82
N9A NAP C . 9.37 16.36 -20.23
C8A NAP C . 9.92 15.92 -21.40
N7A NAP C . 11.20 16.17 -21.53
C5A NAP C . 11.51 16.84 -20.36
C6A NAP C . 12.72 17.38 -19.87
N6A NAP C . 13.86 17.35 -20.53
N1A NAP C . 12.68 17.99 -18.66
C2A NAP C . 11.53 18.04 -18.00
N3A NAP C . 10.34 17.55 -18.36
C4A NAP C . 10.39 16.98 -19.55
O3 NAP C . 4.67 10.63 -19.98
PN NAP C . 4.13 9.40 -19.11
O1N NAP C . 3.16 9.90 -18.12
O2N NAP C . 5.27 8.57 -18.67
O5D NAP C . 3.28 8.60 -20.20
C5D NAP C . 3.86 7.41 -20.80
C4D NAP C . 3.03 7.04 -22.00
O4D NAP C . 3.74 6.05 -22.78
C3D NAP C . 1.69 6.38 -21.70
O3D NAP C . 0.67 7.36 -21.54
C2D NAP C . 1.43 5.54 -22.95
O2D NAP C . 0.49 6.20 -23.80
C1D NAP C . 2.81 5.45 -23.63
N1N NAP C . 3.24 4.00 -23.83
C2N NAP C . 4.27 3.55 -23.11
C3N NAP C . 4.70 2.24 -23.25
C7N NAP C . 5.85 1.73 -22.44
O7N NAP C . 6.23 0.58 -22.58
N7N NAP C . 6.43 2.57 -21.59
C4N NAP C . 4.05 1.43 -24.16
C5N NAP C . 2.99 1.92 -24.90
C6N NAP C . 2.59 3.22 -24.73
P2B NAP C . 6.70 19.17 -21.79
O1X NAP C . 8.02 19.82 -21.91
O2X NAP C . 6.35 18.29 -22.98
O3X NAP C . 5.55 20.12 -21.55
PA NAD D . -24.18 32.35 8.12
O1A NAD D . -23.13 32.59 9.12
O2A NAD D . -25.27 33.40 8.02
O5B NAD D . -24.94 30.97 8.41
C5B NAD D . -25.95 30.94 9.44
C4B NAD D . -26.11 29.52 9.92
O4B NAD D . -27.19 29.45 10.87
C3B NAD D . -26.44 28.53 8.82
O3B NAD D . -25.88 27.26 9.11
C2B NAD D . -27.96 28.45 8.90
O2B NAD D . -28.43 27.22 8.40
C1B NAD D . -28.14 28.52 10.41
N9A NAD D . -29.47 28.92 10.84
C8A NAD D . -30.28 29.84 10.24
N7A NAD D . -31.44 30.00 10.85
C5A NAD D . -31.38 29.12 11.91
C6A NAD D . -32.29 28.81 12.94
N6A NAD D . -33.49 29.37 13.06
N1A NAD D . -31.92 27.88 13.85
C2A NAD D . -30.72 27.30 13.73
N3A NAD D . -29.78 27.52 12.81
C4A NAD D . -30.17 28.44 11.92
O3 NAD D . -23.58 32.14 6.67
PN NAD D . -22.19 31.50 6.19
O1N NAD D . -21.42 31.09 7.38
O2N NAD D . -21.58 32.40 5.20
O5D NAD D . -22.72 30.20 5.43
C5D NAD D . -21.98 29.70 4.30
C4D NAD D . -22.70 30.11 3.04
O4D NAD D . -21.76 30.19 1.95
C3D NAD D . -23.78 29.14 2.56
O3D NAD D . -25.01 29.36 3.23
C2D NAD D . -23.83 29.43 1.06
O2D NAD D . -24.72 30.48 0.69
C1D NAD D . -22.38 29.81 0.75
N1N NAD D . -21.65 28.59 0.19
C2N NAD D . -22.10 28.14 -0.98
C3N NAD D . -21.51 27.04 -1.58
C7N NAD D . -22.02 26.56 -2.90
O7N NAD D . -22.97 27.15 -3.44
N7N NAD D . -21.44 25.49 -3.43
C4N NAD D . -20.45 26.42 -0.92
C5N NAD D . -20.01 26.92 0.30
C6N NAD D . -20.62 28.02 0.85
PA NAD E . 11.38 17.55 36.25
O1A NAD E . 10.44 18.61 36.64
O2A NAD E . 12.74 17.54 36.95
O5B NAD E . 11.69 17.62 34.67
C5B NAD E . 12.74 18.46 34.16
C4B NAD E . 13.04 18.01 32.76
O4B NAD E . 14.14 18.78 32.23
C3B NAD E . 13.44 16.54 32.62
O3B NAD E . 13.02 16.04 31.36
C2B NAD E . 14.96 16.63 32.62
O2B NAD E . 15.53 15.52 31.94
C1B NAD E . 15.14 17.88 31.79
N9A NAD E . 16.45 18.51 31.93
C8A NAD E . 17.18 18.63 33.08
N7A NAD E . 18.33 19.24 32.90
C5A NAD E . 18.34 19.54 31.55
C6A NAD E . 19.28 20.20 30.74
N6A NAD E . 20.44 20.68 31.18
N1A NAD E . 18.98 20.33 29.43
C2A NAD E . 17.82 19.84 28.97
N3A NAD E . 16.87 19.21 29.65
C4A NAD E . 17.19 19.09 30.94
O3 NAD E . 10.74 16.11 36.46
PN NAD E . 9.44 15.47 35.80
O1N NAD E . 8.86 16.47 34.87
O2N NAD E . 8.59 14.87 36.85
O5D NAD E . 10.10 14.28 34.97
C5D NAD E . 9.73 12.92 35.28
C4D NAD E . 10.79 12.36 36.20
O4D NAD E . 10.17 11.46 37.14
C3D NAD E . 11.89 11.55 35.51
O3D NAD E . 13.13 11.71 36.17
C2D NAD E . 11.36 10.12 35.60
O2D NAD E . 12.41 9.16 35.71
C1D NAD E . 10.56 10.14 36.90
N1N NAD E . 9.29 9.29 36.74
C2N NAD E . 9.02 8.36 37.67
C3N NAD E . 7.90 7.58 37.57
C7N NAD E . 7.58 6.54 38.59
O7N NAD E . 8.34 6.37 39.54
N7N NAD E . 6.47 5.81 38.42
C4N NAD E . 7.05 7.77 36.47
C5N NAD E . 7.36 8.73 35.52
C6N NAD E . 8.49 9.49 35.67
#